data_3E56
# 
_entry.id   3E56 
# 
_audit_conform.dict_name       mmcif_pdbx.dic 
_audit_conform.dict_version    5.387 
_audit_conform.dict_location   http://mmcif.pdb.org/dictionaries/ascii/mmcif_pdbx.dic 
# 
loop_
_database_2.database_id 
_database_2.database_code 
_database_2.pdbx_database_accession 
_database_2.pdbx_DOI 
PDB   3E56         pdb_00003e56 10.2210/pdb3e56/pdb 
RCSB  RCSB048888   ?            ?                   
WWPDB D_1000048888 ?            ?                   
# 
loop_
_pdbx_audit_revision_history.ordinal 
_pdbx_audit_revision_history.data_content_type 
_pdbx_audit_revision_history.major_revision 
_pdbx_audit_revision_history.minor_revision 
_pdbx_audit_revision_history.revision_date 
1 'Structure model' 1 0 2009-01-20 
2 'Structure model' 1 1 2011-07-13 
3 'Structure model' 1 2 2024-02-21 
# 
_pdbx_audit_revision_details.ordinal             1 
_pdbx_audit_revision_details.revision_ordinal    1 
_pdbx_audit_revision_details.data_content_type   'Structure model' 
_pdbx_audit_revision_details.provider            repository 
_pdbx_audit_revision_details.type                'Initial release' 
_pdbx_audit_revision_details.description         ? 
_pdbx_audit_revision_details.details             ? 
# 
loop_
_pdbx_audit_revision_group.ordinal 
_pdbx_audit_revision_group.revision_ordinal 
_pdbx_audit_revision_group.data_content_type 
_pdbx_audit_revision_group.group 
1 2 'Structure model' 'Source and taxonomy'       
2 2 'Structure model' 'Version format compliance' 
3 3 'Structure model' 'Data collection'           
4 3 'Structure model' 'Database references'       
5 3 'Structure model' 'Refinement description'    
# 
loop_
_pdbx_audit_revision_category.ordinal 
_pdbx_audit_revision_category.revision_ordinal 
_pdbx_audit_revision_category.data_content_type 
_pdbx_audit_revision_category.category 
1 3 'Structure model' chem_comp_atom     
2 3 'Structure model' chem_comp_bond     
3 3 'Structure model' database_2         
4 3 'Structure model' software           
5 3 'Structure model' struct_ref_seq_dif 
# 
loop_
_pdbx_audit_revision_item.ordinal 
_pdbx_audit_revision_item.revision_ordinal 
_pdbx_audit_revision_item.data_content_type 
_pdbx_audit_revision_item.item 
1 3 'Structure model' '_database_2.pdbx_DOI'                
2 3 'Structure model' '_database_2.pdbx_database_accession' 
3 3 'Structure model' '_software.name'                      
4 3 'Structure model' '_struct_ref_seq_dif.details'         
# 
_pdbx_database_status.status_code                     REL 
_pdbx_database_status.entry_id                        3E56 
_pdbx_database_status.recvd_initial_deposition_date   2008-08-13 
_pdbx_database_status.deposit_site                    RCSB 
_pdbx_database_status.process_site                    RCSB 
_pdbx_database_status.status_code_sf                  REL 
_pdbx_database_status.status_code_mr                  ? 
_pdbx_database_status.SG_entry                        ? 
_pdbx_database_status.pdb_format_compatible           Y 
_pdbx_database_status.status_code_cs                  ? 
_pdbx_database_status.status_code_nmr_data            ? 
_pdbx_database_status.methods_development_category    ? 
# 
loop_
_audit_author.name 
_audit_author.pdbx_ordinal 
'Kennedy, M.A.' 1 
'Ni, S.'        2 
'Smola, M.J.'   3 
# 
_citation.id                        primary 
_citation.title                     
'Crystal structure of Npun_R1517, a putative negative regulator of heterocyst differentiation from Nostoc punctiforme PCC 73102.' 
_citation.journal_abbrev            Proteins 
_citation.journal_volume            74 
_citation.page_first                794 
_citation.page_last                 798 
_citation.year                      2008 
_citation.journal_id_ASTM           PSFGEY 
_citation.country                   US 
_citation.journal_id_ISSN           0887-3585 
_citation.journal_id_CSD            0867 
_citation.book_publisher            ? 
_citation.pdbx_database_id_PubMed   19089958 
_citation.pdbx_database_id_DOI      10.1002/prot.22308 
# 
loop_
_citation_author.citation_id 
_citation_author.name 
_citation_author.ordinal 
_citation_author.identifier_ORCID 
primary 'Ni, S.'         1 ? 
primary 'Benning, M.M.'  2 ? 
primary 'Smola, M.J.'    3 ? 
primary 'Feldmann, E.A.' 4 ? 
primary 'Kennedy, M.A.'  5 ? 
# 
loop_
_entity.id 
_entity.type 
_entity.src_method 
_entity.pdbx_description 
_entity.formula_weight 
_entity.pdbx_number_of_molecules 
_entity.pdbx_ec 
_entity.pdbx_mutation 
_entity.pdbx_fragment 
_entity.details 
1 polymer man 'Putative uncharacterized protein' 12916.604 1  ? ? 'UNP residues 1-88' ? 
2 water   nat water                              18.015    59 ? ? ?                   ? 
# 
_entity_poly.entity_id                      1 
_entity_poly.type                           'polypeptide(L)' 
_entity_poly.nstd_linkage                   no 
_entity_poly.nstd_monomer                   no 
_entity_poly.pdbx_seq_one_letter_code       
;MGSSHHHHHHSSGLVPRGSHMNSKALPRQINNLEVGVYECEIHLKFRLIEEKSLLSDREQLLQVLLDALTEGSDDFLETL
QASVKAQEVSEFKASPQMRRQLMRLRNAVDTNQ
;
_entity_poly.pdbx_seq_one_letter_code_can   
;MGSSHHHHHHSSGLVPRGSHMNSKALPRQINNLEVGVYECEIHLKFRLIEEKSLLSDREQLLQVLLDALTEGSDDFLETL
QASVKAQEVSEFKASPQMRRQLMRLRNAVDTNQ
;
_entity_poly.pdbx_strand_id                 A 
_entity_poly.pdbx_target_identifier         ? 
# 
_pdbx_entity_nonpoly.entity_id   2 
_pdbx_entity_nonpoly.name        water 
_pdbx_entity_nonpoly.comp_id     HOH 
# 
loop_
_entity_poly_seq.entity_id 
_entity_poly_seq.num 
_entity_poly_seq.mon_id 
_entity_poly_seq.hetero 
1 1   MET n 
1 2   GLY n 
1 3   SER n 
1 4   SER n 
1 5   HIS n 
1 6   HIS n 
1 7   HIS n 
1 8   HIS n 
1 9   HIS n 
1 10  HIS n 
1 11  SER n 
1 12  SER n 
1 13  GLY n 
1 14  LEU n 
1 15  VAL n 
1 16  PRO n 
1 17  ARG n 
1 18  GLY n 
1 19  SER n 
1 20  HIS n 
1 21  MET n 
1 22  ASN n 
1 23  SER n 
1 24  LYS n 
1 25  ALA n 
1 26  LEU n 
1 27  PRO n 
1 28  ARG n 
1 29  GLN n 
1 30  ILE n 
1 31  ASN n 
1 32  ASN n 
1 33  LEU n 
1 34  GLU n 
1 35  VAL n 
1 36  GLY n 
1 37  VAL n 
1 38  TYR n 
1 39  GLU n 
1 40  CYS n 
1 41  GLU n 
1 42  ILE n 
1 43  HIS n 
1 44  LEU n 
1 45  LYS n 
1 46  PHE n 
1 47  ARG n 
1 48  LEU n 
1 49  ILE n 
1 50  GLU n 
1 51  GLU n 
1 52  LYS n 
1 53  SER n 
1 54  LEU n 
1 55  LEU n 
1 56  SER n 
1 57  ASP n 
1 58  ARG n 
1 59  GLU n 
1 60  GLN n 
1 61  LEU n 
1 62  LEU n 
1 63  GLN n 
1 64  VAL n 
1 65  LEU n 
1 66  LEU n 
1 67  ASP n 
1 68  ALA n 
1 69  LEU n 
1 70  THR n 
1 71  GLU n 
1 72  GLY n 
1 73  SER n 
1 74  ASP n 
1 75  ASP n 
1 76  PHE n 
1 77  LEU n 
1 78  GLU n 
1 79  THR n 
1 80  LEU n 
1 81  GLN n 
1 82  ALA n 
1 83  SER n 
1 84  VAL n 
1 85  LYS n 
1 86  ALA n 
1 87  GLN n 
1 88  GLU n 
1 89  VAL n 
1 90  SER n 
1 91  GLU n 
1 92  PHE n 
1 93  LYS n 
1 94  ALA n 
1 95  SER n 
1 96  PRO n 
1 97  GLN n 
1 98  MET n 
1 99  ARG n 
1 100 ARG n 
1 101 GLN n 
1 102 LEU n 
1 103 MET n 
1 104 ARG n 
1 105 LEU n 
1 106 ARG n 
1 107 ASN n 
1 108 ALA n 
1 109 VAL n 
1 110 ASP n 
1 111 THR n 
1 112 ASN n 
1 113 GLN n 
# 
_entity_src_gen.entity_id                          1 
_entity_src_gen.pdbx_src_id                        1 
_entity_src_gen.pdbx_alt_source_flag               sample 
_entity_src_gen.pdbx_seq_type                      ? 
_entity_src_gen.pdbx_beg_seq_num                   ? 
_entity_src_gen.pdbx_end_seq_num                   ? 
_entity_src_gen.gene_src_common_name               ? 
_entity_src_gen.gene_src_genus                     ? 
_entity_src_gen.pdbx_gene_src_gene                 Npun_R1517 
_entity_src_gen.gene_src_species                   ? 
_entity_src_gen.gene_src_strain                    'PCC 73102' 
_entity_src_gen.gene_src_tissue                    ? 
_entity_src_gen.gene_src_tissue_fraction           ? 
_entity_src_gen.gene_src_details                   cytosolic 
_entity_src_gen.pdbx_gene_src_fragment             ? 
_entity_src_gen.pdbx_gene_src_scientific_name      'Nostoc punctiforme' 
_entity_src_gen.pdbx_gene_src_ncbi_taxonomy_id     63737 
_entity_src_gen.pdbx_gene_src_variant              ? 
_entity_src_gen.pdbx_gene_src_cell_line            ? 
_entity_src_gen.pdbx_gene_src_atcc                 ? 
_entity_src_gen.pdbx_gene_src_organ                ? 
_entity_src_gen.pdbx_gene_src_organelle            ? 
_entity_src_gen.pdbx_gene_src_cell                 ? 
_entity_src_gen.pdbx_gene_src_cellular_location    ? 
_entity_src_gen.host_org_common_name               ? 
_entity_src_gen.pdbx_host_org_scientific_name      'Escherichia coli' 
_entity_src_gen.pdbx_host_org_ncbi_taxonomy_id     562 
_entity_src_gen.host_org_genus                     ? 
_entity_src_gen.pdbx_host_org_gene                 ? 
_entity_src_gen.pdbx_host_org_organ                ? 
_entity_src_gen.host_org_species                   ? 
_entity_src_gen.pdbx_host_org_tissue               ? 
_entity_src_gen.pdbx_host_org_tissue_fraction      ? 
_entity_src_gen.pdbx_host_org_strain               'Bl21(DE3)' 
_entity_src_gen.pdbx_host_org_variant              ? 
_entity_src_gen.pdbx_host_org_cell_line            ? 
_entity_src_gen.pdbx_host_org_atcc                 ? 
_entity_src_gen.pdbx_host_org_culture_collection   ? 
_entity_src_gen.pdbx_host_org_cell                 ? 
_entity_src_gen.pdbx_host_org_organelle            ? 
_entity_src_gen.pdbx_host_org_cellular_location    ? 
_entity_src_gen.pdbx_host_org_vector_type          Plasmid 
_entity_src_gen.pdbx_host_org_vector               ? 
_entity_src_gen.host_org_details                   ? 
_entity_src_gen.expression_system_id               ? 
_entity_src_gen.plasmid_name                       pET28b 
_entity_src_gen.plasmid_details                    ? 
_entity_src_gen.pdbx_description                   ? 
# 
loop_
_chem_comp.id 
_chem_comp.type 
_chem_comp.mon_nstd_flag 
_chem_comp.name 
_chem_comp.pdbx_synonyms 
_chem_comp.formula 
_chem_comp.formula_weight 
ALA 'L-peptide linking' y ALANINE         ? 'C3 H7 N O2'     89.093  
ARG 'L-peptide linking' y ARGININE        ? 'C6 H15 N4 O2 1' 175.209 
ASN 'L-peptide linking' y ASPARAGINE      ? 'C4 H8 N2 O3'    132.118 
ASP 'L-peptide linking' y 'ASPARTIC ACID' ? 'C4 H7 N O4'     133.103 
CYS 'L-peptide linking' y CYSTEINE        ? 'C3 H7 N O2 S'   121.158 
GLN 'L-peptide linking' y GLUTAMINE       ? 'C5 H10 N2 O3'   146.144 
GLU 'L-peptide linking' y 'GLUTAMIC ACID' ? 'C5 H9 N O4'     147.129 
GLY 'peptide linking'   y GLYCINE         ? 'C2 H5 N O2'     75.067  
HIS 'L-peptide linking' y HISTIDINE       ? 'C6 H10 N3 O2 1' 156.162 
HOH non-polymer         . WATER           ? 'H2 O'           18.015  
ILE 'L-peptide linking' y ISOLEUCINE      ? 'C6 H13 N O2'    131.173 
LEU 'L-peptide linking' y LEUCINE         ? 'C6 H13 N O2'    131.173 
LYS 'L-peptide linking' y LYSINE          ? 'C6 H15 N2 O2 1' 147.195 
MET 'L-peptide linking' y METHIONINE      ? 'C5 H11 N O2 S'  149.211 
PHE 'L-peptide linking' y PHENYLALANINE   ? 'C9 H11 N O2'    165.189 
PRO 'L-peptide linking' y PROLINE         ? 'C5 H9 N O2'     115.130 
SER 'L-peptide linking' y SERINE          ? 'C3 H7 N O3'     105.093 
THR 'L-peptide linking' y THREONINE       ? 'C4 H9 N O3'     119.119 
TYR 'L-peptide linking' y TYROSINE        ? 'C9 H11 N O3'    181.189 
VAL 'L-peptide linking' y VALINE          ? 'C5 H11 N O2'    117.146 
# 
loop_
_pdbx_poly_seq_scheme.asym_id 
_pdbx_poly_seq_scheme.entity_id 
_pdbx_poly_seq_scheme.seq_id 
_pdbx_poly_seq_scheme.mon_id 
_pdbx_poly_seq_scheme.ndb_seq_num 
_pdbx_poly_seq_scheme.pdb_seq_num 
_pdbx_poly_seq_scheme.auth_seq_num 
_pdbx_poly_seq_scheme.pdb_mon_id 
_pdbx_poly_seq_scheme.auth_mon_id 
_pdbx_poly_seq_scheme.pdb_strand_id 
_pdbx_poly_seq_scheme.pdb_ins_code 
_pdbx_poly_seq_scheme.hetero 
A 1 1   MET 1   -19 ?  ?   ?   A . n 
A 1 2   GLY 2   -18 ?  ?   ?   A . n 
A 1 3   SER 3   -17 ?  ?   ?   A . n 
A 1 4   SER 4   -16 ?  ?   ?   A . n 
A 1 5   HIS 5   -15 ?  ?   ?   A . n 
A 1 6   HIS 6   -14 ?  ?   ?   A . n 
A 1 7   HIS 7   -13 ?  ?   ?   A . n 
A 1 8   HIS 8   -12 ?  ?   ?   A . n 
A 1 9   HIS 9   -11 ?  ?   ?   A . n 
A 1 10  HIS 10  -10 ?  ?   ?   A . n 
A 1 11  SER 11  -9  ?  ?   ?   A . n 
A 1 12  SER 12  -8  ?  ?   ?   A . n 
A 1 13  GLY 13  -7  ?  ?   ?   A . n 
A 1 14  LEU 14  -6  ?  ?   ?   A . n 
A 1 15  VAL 15  -5  ?  ?   ?   A . n 
A 1 16  PRO 16  -4  ?  ?   ?   A . n 
A 1 17  ARG 17  -3  ?  ?   ?   A . n 
A 1 18  GLY 18  -2  ?  ?   ?   A . n 
A 1 19  SER 19  -1  ?  ?   ?   A . n 
A 1 20  HIS 20  0   ?  ?   ?   A . n 
A 1 21  MET 21  1   ?  ?   ?   A . n 
A 1 22  ASN 22  2   ?  ?   ?   A . n 
A 1 23  SER 23  3   ?  ?   ?   A . n 
A 1 24  LYS 24  4   ?  ?   ?   A . n 
A 1 25  ALA 25  5   ?  ?   ?   A . n 
A 1 26  LEU 26  6   ?  ?   ?   A . n 
A 1 27  PRO 27  7   ?  ?   ?   A . n 
A 1 28  ARG 28  8   ?  ?   ?   A . n 
A 1 29  GLN 29  9   ?  ?   ?   A . n 
A 1 30  ILE 30  10  ?  ?   ?   A . n 
A 1 31  ASN 31  11  ?  ?   ?   A . n 
A 1 32  ASN 32  12  ?  ?   ?   A . n 
A 1 33  LEU 33  13  13 LEU LEU A . n 
A 1 34  GLU 34  14  14 GLU GLU A . n 
A 1 35  VAL 35  15  15 VAL VAL A . n 
A 1 36  GLY 36  16  16 GLY GLY A . n 
A 1 37  VAL 37  17  17 VAL VAL A . n 
A 1 38  TYR 38  18  18 TYR TYR A . n 
A 1 39  GLU 39  19  19 GLU GLU A . n 
A 1 40  CYS 40  20  20 CYS CYS A . n 
A 1 41  GLU 41  21  21 GLU GLU A . n 
A 1 42  ILE 42  22  22 ILE ILE A . n 
A 1 43  HIS 43  23  23 HIS HIS A . n 
A 1 44  LEU 44  24  24 LEU LEU A . n 
A 1 45  LYS 45  25  25 LYS LYS A . n 
A 1 46  PHE 46  26  26 PHE PHE A . n 
A 1 47  ARG 47  27  27 ARG ARG A . n 
A 1 48  LEU 48  28  28 LEU LEU A . n 
A 1 49  ILE 49  29  29 ILE ILE A . n 
A 1 50  GLU 50  30  30 GLU GLU A . n 
A 1 51  GLU 51  31  31 GLU GLU A . n 
A 1 52  LYS 52  32  32 LYS LYS A . n 
A 1 53  SER 53  33  33 SER SER A . n 
A 1 54  LEU 54  34  34 LEU LEU A . n 
A 1 55  LEU 55  35  35 LEU LEU A . n 
A 1 56  SER 56  36  36 SER SER A . n 
A 1 57  ASP 57  37  37 ASP ASP A . n 
A 1 58  ARG 58  38  38 ARG ARG A . n 
A 1 59  GLU 59  39  39 GLU GLU A . n 
A 1 60  GLN 60  40  40 GLN GLN A . n 
A 1 61  LEU 61  41  41 LEU LEU A . n 
A 1 62  LEU 62  42  42 LEU LEU A . n 
A 1 63  GLN 63  43  43 GLN GLN A . n 
A 1 64  VAL 64  44  44 VAL VAL A . n 
A 1 65  LEU 65  45  45 LEU LEU A . n 
A 1 66  LEU 66  46  46 LEU LEU A . n 
A 1 67  ASP 67  47  47 ASP ASP A . n 
A 1 68  ALA 68  48  48 ALA ALA A . n 
A 1 69  LEU 69  49  49 LEU LEU A . n 
A 1 70  THR 70  50  50 THR THR A . n 
A 1 71  GLU 71  51  51 GLU GLU A . n 
A 1 72  GLY 72  52  52 GLY GLY A . n 
A 1 73  SER 73  53  53 SER SER A . n 
A 1 74  ASP 74  54  54 ASP ASP A . n 
A 1 75  ASP 75  55  55 ASP ASP A . n 
A 1 76  PHE 76  56  56 PHE PHE A . n 
A 1 77  LEU 77  57  57 LEU LEU A . n 
A 1 78  GLU 78  58  58 GLU GLU A . n 
A 1 79  THR 79  59  59 THR THR A . n 
A 1 80  LEU 80  60  60 LEU LEU A . n 
A 1 81  GLN 81  61  61 GLN GLN A . n 
A 1 82  ALA 82  62  62 ALA ALA A . n 
A 1 83  SER 83  63  63 SER SER A . n 
A 1 84  VAL 84  64  64 VAL VAL A . n 
A 1 85  LYS 85  65  65 LYS LYS A . n 
A 1 86  ALA 86  66  66 ALA ALA A . n 
A 1 87  GLN 87  67  67 GLN GLN A . n 
A 1 88  GLU 88  68  68 GLU GLU A . n 
A 1 89  VAL 89  69  69 VAL VAL A . n 
A 1 90  SER 90  70  70 SER SER A . n 
A 1 91  GLU 91  71  71 GLU GLU A . n 
A 1 92  PHE 92  72  72 PHE PHE A . n 
A 1 93  LYS 93  73  73 LYS LYS A . n 
A 1 94  ALA 94  74  74 ALA ALA A . n 
A 1 95  SER 95  75  75 SER SER A . n 
A 1 96  PRO 96  76  76 PRO PRO A . n 
A 1 97  GLN 97  77  77 GLN GLN A . n 
A 1 98  MET 98  78  78 MET MET A . n 
A 1 99  ARG 99  79  79 ARG ARG A . n 
A 1 100 ARG 100 80  80 ARG ARG A . n 
A 1 101 GLN 101 81  81 GLN GLN A . n 
A 1 102 LEU 102 82  82 LEU LEU A . n 
A 1 103 MET 103 83  83 MET MET A . n 
A 1 104 ARG 104 84  84 ARG ARG A . n 
A 1 105 LEU 105 85  85 LEU LEU A . n 
A 1 106 ARG 106 86  86 ARG ARG A . n 
A 1 107 ASN 107 87  87 ASN ASN A . n 
A 1 108 ALA 108 88  ?  ?   ?   A . n 
A 1 109 VAL 109 89  ?  ?   ?   A . n 
A 1 110 ASP 110 90  ?  ?   ?   A . n 
A 1 111 THR 111 91  ?  ?   ?   A . n 
A 1 112 ASN 112 92  ?  ?   ?   A . n 
A 1 113 GLN 113 93  ?  ?   ?   A . n 
# 
loop_
_pdbx_nonpoly_scheme.asym_id 
_pdbx_nonpoly_scheme.entity_id 
_pdbx_nonpoly_scheme.mon_id 
_pdbx_nonpoly_scheme.ndb_seq_num 
_pdbx_nonpoly_scheme.pdb_seq_num 
_pdbx_nonpoly_scheme.auth_seq_num 
_pdbx_nonpoly_scheme.pdb_mon_id 
_pdbx_nonpoly_scheme.auth_mon_id 
_pdbx_nonpoly_scheme.pdb_strand_id 
_pdbx_nonpoly_scheme.pdb_ins_code 
B 2 HOH 1  94  1  HOH HOH A . 
B 2 HOH 2  95  2  HOH HOH A . 
B 2 HOH 3  96  3  HOH HOH A . 
B 2 HOH 4  97  4  HOH HOH A . 
B 2 HOH 5  98  5  HOH HOH A . 
B 2 HOH 6  99  6  HOH HOH A . 
B 2 HOH 7  100 7  HOH HOH A . 
B 2 HOH 8  101 8  HOH HOH A . 
B 2 HOH 9  102 9  HOH HOH A . 
B 2 HOH 10 103 10 HOH HOH A . 
B 2 HOH 11 104 11 HOH HOH A . 
B 2 HOH 12 105 12 HOH HOH A . 
B 2 HOH 13 106 13 HOH HOH A . 
B 2 HOH 14 107 14 HOH HOH A . 
B 2 HOH 15 108 15 HOH HOH A . 
B 2 HOH 16 109 16 HOH HOH A . 
B 2 HOH 17 110 17 HOH HOH A . 
B 2 HOH 18 111 18 HOH HOH A . 
B 2 HOH 19 112 19 HOH HOH A . 
B 2 HOH 20 113 20 HOH HOH A . 
B 2 HOH 21 114 21 HOH HOH A . 
B 2 HOH 22 115 22 HOH HOH A . 
B 2 HOH 23 116 23 HOH HOH A . 
B 2 HOH 24 117 24 HOH HOH A . 
B 2 HOH 25 118 25 HOH HOH A . 
B 2 HOH 26 119 26 HOH HOH A . 
B 2 HOH 27 120 27 HOH HOH A . 
B 2 HOH 28 121 28 HOH HOH A . 
B 2 HOH 29 122 29 HOH HOH A . 
B 2 HOH 30 123 30 HOH HOH A . 
B 2 HOH 31 124 31 HOH HOH A . 
B 2 HOH 32 125 32 HOH HOH A . 
B 2 HOH 33 126 33 HOH HOH A . 
B 2 HOH 34 127 34 HOH HOH A . 
B 2 HOH 35 128 35 HOH HOH A . 
B 2 HOH 36 129 36 HOH HOH A . 
B 2 HOH 37 130 37 HOH HOH A . 
B 2 HOH 38 131 38 HOH HOH A . 
B 2 HOH 39 132 39 HOH HOH A . 
B 2 HOH 40 133 40 HOH HOH A . 
B 2 HOH 41 134 41 HOH HOH A . 
B 2 HOH 42 135 42 HOH HOH A . 
B 2 HOH 43 136 43 HOH HOH A . 
B 2 HOH 44 137 44 HOH HOH A . 
B 2 HOH 45 138 45 HOH HOH A . 
B 2 HOH 46 139 46 HOH HOH A . 
B 2 HOH 47 140 47 HOH HOH A . 
B 2 HOH 48 141 48 HOH HOH A . 
B 2 HOH 49 142 49 HOH HOH A . 
B 2 HOH 50 143 50 HOH HOH A . 
B 2 HOH 51 144 51 HOH HOH A . 
B 2 HOH 52 145 52 HOH HOH A . 
B 2 HOH 53 146 53 HOH HOH A . 
B 2 HOH 54 147 54 HOH HOH A . 
B 2 HOH 55 148 55 HOH HOH A . 
B 2 HOH 56 149 56 HOH HOH A . 
B 2 HOH 57 150 57 HOH HOH A . 
B 2 HOH 58 151 58 HOH HOH A . 
B 2 HOH 59 152 59 HOH HOH A . 
# 
loop_
_software.name 
_software.classification 
_software.version 
_software.citation_id 
_software.pdbx_ordinal 
REFMAC   refinement        5.2.0019    ? 1 
PROTEUM2 'data collection' 'version 2' ? 2 
SAINT    'data reduction'  .           ? 3 
SADABS   'data scaling'    .           ? 4 
SHELXS   phasing           .           ? 5 
# 
_cell.entry_id           3E56 
_cell.length_a           56.336 
_cell.length_b           56.336 
_cell.length_c           56.491 
_cell.angle_alpha        90.00 
_cell.angle_beta         90.00 
_cell.angle_gamma        90.00 
_cell.Z_PDB              8 
_cell.pdbx_unique_axis   ? 
_cell.length_a_esd       ? 
_cell.length_b_esd       ? 
_cell.length_c_esd       ? 
_cell.angle_alpha_esd    ? 
_cell.angle_beta_esd     ? 
_cell.angle_gamma_esd    ? 
# 
_symmetry.entry_id                         3E56 
_symmetry.space_group_name_H-M             'P 43 21 2' 
_symmetry.pdbx_full_space_group_name_H-M   ? 
_symmetry.cell_setting                     ? 
_symmetry.Int_Tables_number                96 
_symmetry.space_group_name_Hall            ? 
# 
_exptl.entry_id          3E56 
_exptl.method            'X-RAY DIFFRACTION' 
_exptl.crystals_number   1 
# 
_exptl_crystal.id                    1 
_exptl_crystal.density_meas          ? 
_exptl_crystal.density_Matthews      1.74 
_exptl_crystal.density_percent_sol   29.11 
_exptl_crystal.description           ? 
_exptl_crystal.F_000                 ? 
_exptl_crystal.preparation           ? 
# 
_exptl_crystal_grow.crystal_id      1 
_exptl_crystal_grow.method          'VAPOR DIFFUSION, HANGING DROP' 
_exptl_crystal_grow.temp            295 
_exptl_crystal_grow.temp_details    ? 
_exptl_crystal_grow.pH              7.5 
_exptl_crystal_grow.pdbx_details    '.02M HEPES, 20% glycerol, pH 7.5, VAPOR DIFFUSION, HANGING DROP, temperature 295K' 
_exptl_crystal_grow.pdbx_pH_range   ? 
# 
_diffrn.id                     1 
_diffrn.ambient_temp           100 
_diffrn.ambient_temp_details   ? 
_diffrn.crystal_id             1 
# 
_diffrn_detector.diffrn_id              1 
_diffrn_detector.detector               CCD 
_diffrn_detector.type                   'BRUKER SMART 6000' 
_diffrn_detector.pdbx_collection_date   2008-05-15 
_diffrn_detector.details                mirrors 
# 
_diffrn_radiation.diffrn_id                        1 
_diffrn_radiation.wavelength_id                    1 
_diffrn_radiation.pdbx_monochromatic_or_laue_m_l   M 
_diffrn_radiation.monochromator                    'Layered Montel mirrors' 
_diffrn_radiation.pdbx_diffrn_protocol             'SINGLE WAVELENGTH' 
_diffrn_radiation.pdbx_scattering_type             x-ray 
# 
_diffrn_radiation_wavelength.id           1 
_diffrn_radiation_wavelength.wavelength   1.5418 
_diffrn_radiation_wavelength.wt           1.0 
# 
_diffrn_source.diffrn_id                   1 
_diffrn_source.source                      'ROTATING ANODE' 
_diffrn_source.type                        'BRUKER AXS MICROSTAR' 
_diffrn_source.pdbx_synchrotron_site       ? 
_diffrn_source.pdbx_synchrotron_beamline   ? 
_diffrn_source.pdbx_wavelength             ? 
_diffrn_source.pdbx_wavelength_list        1.5418 
# 
_reflns.entry_id                     3E56 
_reflns.observed_criterion_sigma_F   ? 
_reflns.observed_criterion_sigma_I   3 
_reflns.d_resolution_high            2.01 
_reflns.d_resolution_low             39.90 
_reflns.number_all                   6345 
_reflns.number_obs                   6345 
_reflns.percent_possible_obs         95.9 
_reflns.pdbx_Rmerge_I_obs            ? 
_reflns.pdbx_Rsym_value              .06 
_reflns.pdbx_netI_over_sigmaI        76.22 
_reflns.B_iso_Wilson_estimate        24.37 
_reflns.pdbx_redundancy              105.86 
_reflns.R_free_details               ? 
_reflns.limit_h_max                  ? 
_reflns.limit_h_min                  ? 
_reflns.limit_k_max                  ? 
_reflns.limit_k_min                  ? 
_reflns.limit_l_max                  ? 
_reflns.limit_l_min                  ? 
_reflns.observed_criterion_F_max     ? 
_reflns.observed_criterion_F_min     ? 
_reflns.pdbx_chi_squared             ? 
_reflns.pdbx_scaling_rejects         ? 
_reflns.pdbx_ordinal                 1 
_reflns.pdbx_diffrn_id               1 
# 
_reflns_shell.d_res_high             2.01 
_reflns_shell.d_res_low              2.05 
_reflns_shell.percent_possible_all   95.9 
_reflns_shell.Rmerge_I_obs           ? 
_reflns_shell.pdbx_Rsym_value        .28 
_reflns_shell.meanI_over_sigI_obs    9.15 
_reflns_shell.pdbx_redundancy        19.53 
_reflns_shell.percent_possible_obs   ? 
_reflns_shell.number_unique_all      1604 
_reflns_shell.number_measured_all    ? 
_reflns_shell.number_measured_obs    ? 
_reflns_shell.number_unique_obs      ? 
_reflns_shell.pdbx_chi_squared       ? 
_reflns_shell.pdbx_ordinal           1 
_reflns_shell.pdbx_diffrn_id         1 
# 
_refine.entry_id                                 3E56 
_refine.ls_number_reflns_obs                     6053 
_refine.ls_number_reflns_all                     ? 
_refine.pdbx_ls_sigma_I                          3 
_refine.pdbx_ls_sigma_F                          ? 
_refine.pdbx_data_cutoff_high_absF               ? 
_refine.pdbx_data_cutoff_low_absF                ? 
_refine.pdbx_data_cutoff_high_rms_absF           ? 
_refine.ls_d_res_low                             39.90 
_refine.ls_d_res_high                            2.01 
_refine.ls_percent_reflns_obs                    98.59 
_refine.ls_R_factor_obs                          0.19007 
_refine.ls_R_factor_all                          ? 
_refine.ls_R_factor_R_work                       0.18795 
_refine.ls_R_factor_R_free                       0.23683 
_refine.ls_R_factor_R_free_error                 ? 
_refine.ls_R_factor_R_free_error_details         ? 
_refine.ls_percent_reflns_R_free                 4.6 
_refine.ls_number_reflns_R_free                  291 
_refine.ls_number_parameters                     ? 
_refine.ls_number_restraints                     ? 
_refine.occupancy_min                            ? 
_refine.occupancy_max                            ? 
_refine.correlation_coeff_Fo_to_Fc               0.953 
_refine.correlation_coeff_Fo_to_Fc_free          0.934 
_refine.B_iso_mean                               24.854 
_refine.aniso_B[1][1]                            0.31 
_refine.aniso_B[2][2]                            0.31 
_refine.aniso_B[3][3]                            -0.61 
_refine.aniso_B[1][2]                            0.00 
_refine.aniso_B[1][3]                            0.00 
_refine.aniso_B[2][3]                            0.00 
_refine.solvent_model_details                    MASK 
_refine.solvent_model_param_ksol                 ? 
_refine.solvent_model_param_bsol                 ? 
_refine.pdbx_solvent_vdw_probe_radii             1.40 
_refine.pdbx_solvent_ion_probe_radii             0.80 
_refine.pdbx_solvent_shrinkage_radii             0.80 
_refine.pdbx_ls_cross_valid_method               THROUGHOUT 
_refine.details                                  ? 
_refine.pdbx_starting_model                      ? 
_refine.pdbx_method_to_determine_struct          'sulfur anomalous scattering' 
_refine.pdbx_isotropic_thermal_model             ? 
_refine.pdbx_stereochemistry_target_values       'MAXIMUM LIKELIHOOD' 
_refine.pdbx_stereochem_target_val_spec_case     ? 
_refine.pdbx_R_Free_selection_details            RANDOM 
_refine.pdbx_overall_ESU_R                       2.082 
_refine.pdbx_overall_ESU_R_Free                  0.162 
_refine.overall_SU_ML                            0.104 
_refine.overall_SU_B                             8.475 
_refine.ls_redundancy_reflns_obs                 ? 
_refine.B_iso_min                                ? 
_refine.B_iso_max                                ? 
_refine.overall_SU_R_Cruickshank_DPI             ? 
_refine.overall_SU_R_free                        ? 
_refine.ls_wR_factor_R_free                      ? 
_refine.ls_wR_factor_R_work                      ? 
_refine.overall_FOM_free_R_set                   ? 
_refine.overall_FOM_work_R_set                   ? 
_refine.pdbx_overall_phase_error                 ? 
_refine.pdbx_refine_id                           'X-RAY DIFFRACTION' 
_refine.pdbx_diffrn_id                           1 
_refine.pdbx_TLS_residual_ADP_flag               ? 
_refine.pdbx_overall_SU_R_free_Cruickshank_DPI   ? 
_refine.pdbx_overall_SU_R_Blow_DPI               ? 
_refine.pdbx_overall_SU_R_free_Blow_DPI          ? 
# 
_refine_hist.pdbx_refine_id                   'X-RAY DIFFRACTION' 
_refine_hist.cycle_id                         LAST 
_refine_hist.pdbx_number_atoms_protein        611 
_refine_hist.pdbx_number_atoms_nucleic_acid   0 
_refine_hist.pdbx_number_atoms_ligand         0 
_refine_hist.number_atoms_solvent             59 
_refine_hist.number_atoms_total               670 
_refine_hist.d_res_high                       2.01 
_refine_hist.d_res_low                        39.90 
# 
loop_
_refine_ls_restr.type 
_refine_ls_restr.dev_ideal 
_refine_ls_restr.dev_ideal_target 
_refine_ls_restr.weight 
_refine_ls_restr.number 
_refine_ls_restr.pdbx_refine_id 
_refine_ls_restr.pdbx_restraint_function 
r_bond_refined_d         0.016  0.022  ? 616 'X-RAY DIFFRACTION' ? 
r_angle_refined_deg      1.596  2.001  ? 825 'X-RAY DIFFRACTION' ? 
r_dihedral_angle_1_deg   6.272  5.000  ? 74  'X-RAY DIFFRACTION' ? 
r_dihedral_angle_2_deg   41.200 24.688 ? 32  'X-RAY DIFFRACTION' ? 
r_dihedral_angle_3_deg   16.702 15.000 ? 128 'X-RAY DIFFRACTION' ? 
r_dihedral_angle_4_deg   19.471 15.000 ? 6   'X-RAY DIFFRACTION' ? 
r_chiral_restr           0.095  0.200  ? 96  'X-RAY DIFFRACTION' ? 
r_gen_planes_refined     0.005  0.020  ? 449 'X-RAY DIFFRACTION' ? 
r_nbd_refined            0.224  0.200  ? 199 'X-RAY DIFFRACTION' ? 
r_nbtor_refined          0.300  0.200  ? 412 'X-RAY DIFFRACTION' ? 
r_xyhbond_nbd_refined    0.183  0.200  ? 33  'X-RAY DIFFRACTION' ? 
r_symmetry_vdw_refined   0.230  0.200  ? 47  'X-RAY DIFFRACTION' ? 
r_symmetry_hbond_refined 0.125  0.200  ? 10  'X-RAY DIFFRACTION' ? 
r_mcbond_it              1.351  1.500  ? 387 'X-RAY DIFFRACTION' ? 
r_mcangle_it             2.165  2.000  ? 599 'X-RAY DIFFRACTION' ? 
r_scbond_it              4.644  3.000  ? 250 'X-RAY DIFFRACTION' ? 
r_scangle_it             5.541  4.500  ? 226 'X-RAY DIFFRACTION' ? 
r_rigid_bond_restr       4.537  3.000  ? 637 'X-RAY DIFFRACTION' ? 
r_sphericity_free        6.058  3.000  ? 59  'X-RAY DIFFRACTION' ? 
r_sphericity_bonded      3.061  3.000  ? 611 'X-RAY DIFFRACTION' ? 
# 
_refine_ls_shell.pdbx_total_number_of_bins_used   20 
_refine_ls_shell.d_res_high                       2.01 
_refine_ls_shell.d_res_low                        2.063 
_refine_ls_shell.number_reflns_R_work             389 
_refine_ls_shell.R_factor_R_work                  0.191 
_refine_ls_shell.percent_reflns_obs               91.31 
_refine_ls_shell.R_factor_R_free                  0.352 
_refine_ls_shell.R_factor_R_free_error            ? 
_refine_ls_shell.percent_reflns_R_free            ? 
_refine_ls_shell.number_reflns_R_free             21 
_refine_ls_shell.number_reflns_all                ? 
_refine_ls_shell.R_factor_all                     ? 
_refine_ls_shell.number_reflns_obs                389 
_refine_ls_shell.redundancy_reflns_obs            ? 
_refine_ls_shell.pdbx_refine_id                   'X-RAY DIFFRACTION' 
# 
_struct.entry_id                  3E56 
_struct.title                     
'The 2.0 Angstrom Resolution Crystal Structure of NpR1517, a Putative Heterocyst Differentiation Inhibitor from Nostoc punctiforme' 
_struct.pdbx_model_details        ? 
_struct.pdbx_CASP_flag            N 
_struct.pdbx_model_type_details   ? 
# 
_struct_keywords.entry_id        3E56 
_struct_keywords.pdbx_keywords   'UNKNOWN FUNCTION' 
_struct_keywords.text            'alpha-beta sandwich, interlocked homodimer, ASR1734, UNKNOWN FUNCTION' 
# 
loop_
_struct_asym.id 
_struct_asym.pdbx_blank_PDB_chainid_flag 
_struct_asym.pdbx_modified 
_struct_asym.entity_id 
_struct_asym.details 
A N N 1 ? 
B N N 2 ? 
# 
_struct_ref.id                         1 
_struct_ref.db_name                    UNP 
_struct_ref.db_code                    B2IZS7_NOSP7 
_struct_ref.pdbx_db_accession          B2IZS7 
_struct_ref.entity_id                  1 
_struct_ref.pdbx_seq_one_letter_code   
;MNSKALPRQINNLEVGVYECEIHLKFRLIEEKSLLSDREQLLQVLLDALTEGSDDFLETLQASVKAQEVSEFKASPQMRR
QLMRLRNA
;
_struct_ref.pdbx_align_begin           1 
_struct_ref.pdbx_db_isoform            ? 
# 
_struct_ref_seq.align_id                      1 
_struct_ref_seq.ref_id                        1 
_struct_ref_seq.pdbx_PDB_id_code              3E56 
_struct_ref_seq.pdbx_strand_id                A 
_struct_ref_seq.seq_align_beg                 21 
_struct_ref_seq.pdbx_seq_align_beg_ins_code   ? 
_struct_ref_seq.seq_align_end                 108 
_struct_ref_seq.pdbx_seq_align_end_ins_code   ? 
_struct_ref_seq.pdbx_db_accession             B2IZS7 
_struct_ref_seq.db_align_beg                  1 
_struct_ref_seq.pdbx_db_align_beg_ins_code    ? 
_struct_ref_seq.db_align_end                  88 
_struct_ref_seq.pdbx_db_align_end_ins_code    ? 
_struct_ref_seq.pdbx_auth_seq_align_beg       1 
_struct_ref_seq.pdbx_auth_seq_align_end       88 
# 
loop_
_struct_ref_seq_dif.align_id 
_struct_ref_seq_dif.pdbx_pdb_id_code 
_struct_ref_seq_dif.mon_id 
_struct_ref_seq_dif.pdbx_pdb_strand_id 
_struct_ref_seq_dif.seq_num 
_struct_ref_seq_dif.pdbx_pdb_ins_code 
_struct_ref_seq_dif.pdbx_seq_db_name 
_struct_ref_seq_dif.pdbx_seq_db_accession_code 
_struct_ref_seq_dif.db_mon_id 
_struct_ref_seq_dif.pdbx_seq_db_seq_num 
_struct_ref_seq_dif.details 
_struct_ref_seq_dif.pdbx_auth_seq_num 
_struct_ref_seq_dif.pdbx_ordinal 
1 3E56 MET A 1   ? UNP B2IZS7 ? ? 'expression tag' -19 1  
1 3E56 GLY A 2   ? UNP B2IZS7 ? ? 'expression tag' -18 2  
1 3E56 SER A 3   ? UNP B2IZS7 ? ? 'expression tag' -17 3  
1 3E56 SER A 4   ? UNP B2IZS7 ? ? 'expression tag' -16 4  
1 3E56 HIS A 5   ? UNP B2IZS7 ? ? 'expression tag' -15 5  
1 3E56 HIS A 6   ? UNP B2IZS7 ? ? 'expression tag' -14 6  
1 3E56 HIS A 7   ? UNP B2IZS7 ? ? 'expression tag' -13 7  
1 3E56 HIS A 8   ? UNP B2IZS7 ? ? 'expression tag' -12 8  
1 3E56 HIS A 9   ? UNP B2IZS7 ? ? 'expression tag' -11 9  
1 3E56 HIS A 10  ? UNP B2IZS7 ? ? 'expression tag' -10 10 
1 3E56 SER A 11  ? UNP B2IZS7 ? ? 'expression tag' -9  11 
1 3E56 SER A 12  ? UNP B2IZS7 ? ? 'expression tag' -8  12 
1 3E56 GLY A 13  ? UNP B2IZS7 ? ? 'expression tag' -7  13 
1 3E56 LEU A 14  ? UNP B2IZS7 ? ? 'expression tag' -6  14 
1 3E56 VAL A 15  ? UNP B2IZS7 ? ? 'expression tag' -5  15 
1 3E56 PRO A 16  ? UNP B2IZS7 ? ? 'expression tag' -4  16 
1 3E56 ARG A 17  ? UNP B2IZS7 ? ? 'expression tag' -3  17 
1 3E56 GLY A 18  ? UNP B2IZS7 ? ? 'expression tag' -2  18 
1 3E56 SER A 19  ? UNP B2IZS7 ? ? 'expression tag' -1  19 
1 3E56 HIS A 20  ? UNP B2IZS7 ? ? 'expression tag' 0   20 
1 3E56 VAL A 109 ? UNP B2IZS7 ? ? 'expression tag' 89  21 
1 3E56 ASP A 110 ? UNP B2IZS7 ? ? 'expression tag' 90  22 
1 3E56 THR A 111 ? UNP B2IZS7 ? ? 'expression tag' 91  23 
1 3E56 ASN A 112 ? UNP B2IZS7 ? ? 'expression tag' 92  24 
1 3E56 GLN A 113 ? UNP B2IZS7 ? ? 'expression tag' 93  25 
# 
_pdbx_struct_assembly.id                   1 
_pdbx_struct_assembly.details              author_and_software_defined_assembly 
_pdbx_struct_assembly.method_details       PISA 
_pdbx_struct_assembly.oligomeric_details   dimeric 
_pdbx_struct_assembly.oligomeric_count     2 
# 
loop_
_pdbx_struct_assembly_prop.biol_id 
_pdbx_struct_assembly_prop.type 
_pdbx_struct_assembly_prop.value 
_pdbx_struct_assembly_prop.details 
1 'ABSA (A^2)' 4520 ? 
1 MORE         -33  ? 
1 'SSA (A^2)'  9320 ? 
# 
_pdbx_struct_assembly_gen.assembly_id       1 
_pdbx_struct_assembly_gen.oper_expression   1,2 
_pdbx_struct_assembly_gen.asym_id_list      A,B 
# 
loop_
_pdbx_struct_oper_list.id 
_pdbx_struct_oper_list.type 
_pdbx_struct_oper_list.name 
_pdbx_struct_oper_list.symmetry_operation 
_pdbx_struct_oper_list.matrix[1][1] 
_pdbx_struct_oper_list.matrix[1][2] 
_pdbx_struct_oper_list.matrix[1][3] 
_pdbx_struct_oper_list.vector[1] 
_pdbx_struct_oper_list.matrix[2][1] 
_pdbx_struct_oper_list.matrix[2][2] 
_pdbx_struct_oper_list.matrix[2][3] 
_pdbx_struct_oper_list.vector[2] 
_pdbx_struct_oper_list.matrix[3][1] 
_pdbx_struct_oper_list.matrix[3][2] 
_pdbx_struct_oper_list.matrix[3][3] 
_pdbx_struct_oper_list.vector[3] 
1 'identity operation'         1_555 x,y,z      1.0000000000  0.0000000000  0.0000000000 0.0000000000  0.0000000000  1.0000000000  0.0000000000  0.0000000000  0.0000000000 0.0000000000  1.0000000000 0.0000000000  
2 'crystal symmetry operation' 7_465 y-1,x+1,-z -0.9920013773 -0.0722504435 0.1035043037 -2.9242353620 -0.0722504435 -0.3473718193 -0.9349399406 -5.8901578322 0.1035043037 -0.9349399406 0.3393731966 -3.8856032674 
# 
_struct_biol.id        1 
_struct_biol.details   ? 
# 
loop_
_struct_conf.conf_type_id 
_struct_conf.id 
_struct_conf.pdbx_PDB_helix_id 
_struct_conf.beg_label_comp_id 
_struct_conf.beg_label_asym_id 
_struct_conf.beg_label_seq_id 
_struct_conf.pdbx_beg_PDB_ins_code 
_struct_conf.end_label_comp_id 
_struct_conf.end_label_asym_id 
_struct_conf.end_label_seq_id 
_struct_conf.pdbx_end_PDB_ins_code 
_struct_conf.beg_auth_comp_id 
_struct_conf.beg_auth_asym_id 
_struct_conf.beg_auth_seq_id 
_struct_conf.end_auth_comp_id 
_struct_conf.end_auth_asym_id 
_struct_conf.end_auth_seq_id 
_struct_conf.pdbx_PDB_helix_class 
_struct_conf.details 
_struct_conf.pdbx_PDB_helix_length 
HELX_P HELX_P1 1 GLU A 51 ? LEU A 55  ? GLU A 31 LEU A 35 5 ? 5  
HELX_P HELX_P2 2 ASP A 57 ? GLY A 72  ? ASP A 37 GLY A 52 1 ? 16 
HELX_P HELX_P3 3 SER A 90 ? ALA A 94  ? SER A 70 ALA A 74 5 ? 5  
HELX_P HELX_P4 4 SER A 95 ? ASN A 107 ? SER A 75 ASN A 87 1 ? 13 
# 
_struct_conf_type.id          HELX_P 
_struct_conf_type.criteria    ? 
_struct_conf_type.reference   ? 
# 
_struct_sheet.id               A 
_struct_sheet.type             ? 
_struct_sheet.number_strands   2 
_struct_sheet.details          ? 
# 
_struct_sheet_order.sheet_id     A 
_struct_sheet_order.range_id_1   1 
_struct_sheet_order.range_id_2   2 
_struct_sheet_order.offset       ? 
_struct_sheet_order.sense        anti-parallel 
# 
loop_
_struct_sheet_range.sheet_id 
_struct_sheet_range.id 
_struct_sheet_range.beg_label_comp_id 
_struct_sheet_range.beg_label_asym_id 
_struct_sheet_range.beg_label_seq_id 
_struct_sheet_range.pdbx_beg_PDB_ins_code 
_struct_sheet_range.end_label_comp_id 
_struct_sheet_range.end_label_asym_id 
_struct_sheet_range.end_label_seq_id 
_struct_sheet_range.pdbx_end_PDB_ins_code 
_struct_sheet_range.beg_auth_comp_id 
_struct_sheet_range.beg_auth_asym_id 
_struct_sheet_range.beg_auth_seq_id 
_struct_sheet_range.end_auth_comp_id 
_struct_sheet_range.end_auth_asym_id 
_struct_sheet_range.end_auth_seq_id 
A 1 VAL A 37 ? LEU A 48 ? VAL A 17 LEU A 28 
A 2 LEU A 77 ? VAL A 89 ? LEU A 57 VAL A 69 
# 
_pdbx_struct_sheet_hbond.sheet_id                A 
_pdbx_struct_sheet_hbond.range_id_1              1 
_pdbx_struct_sheet_hbond.range_id_2              2 
_pdbx_struct_sheet_hbond.range_1_label_atom_id   N 
_pdbx_struct_sheet_hbond.range_1_label_comp_id   LYS 
_pdbx_struct_sheet_hbond.range_1_label_asym_id   A 
_pdbx_struct_sheet_hbond.range_1_label_seq_id    45 
_pdbx_struct_sheet_hbond.range_1_PDB_ins_code    ? 
_pdbx_struct_sheet_hbond.range_1_auth_atom_id    N 
_pdbx_struct_sheet_hbond.range_1_auth_comp_id    LYS 
_pdbx_struct_sheet_hbond.range_1_auth_asym_id    A 
_pdbx_struct_sheet_hbond.range_1_auth_seq_id     25 
_pdbx_struct_sheet_hbond.range_2_label_atom_id   O 
_pdbx_struct_sheet_hbond.range_2_label_comp_id   GLN 
_pdbx_struct_sheet_hbond.range_2_label_asym_id   A 
_pdbx_struct_sheet_hbond.range_2_label_seq_id    81 
_pdbx_struct_sheet_hbond.range_2_PDB_ins_code    ? 
_pdbx_struct_sheet_hbond.range_2_auth_atom_id    O 
_pdbx_struct_sheet_hbond.range_2_auth_comp_id    GLN 
_pdbx_struct_sheet_hbond.range_2_auth_asym_id    A 
_pdbx_struct_sheet_hbond.range_2_auth_seq_id     61 
# 
_pdbx_validate_close_contact.id               1 
_pdbx_validate_close_contact.PDB_model_num    1 
_pdbx_validate_close_contact.auth_atom_id_1   C 
_pdbx_validate_close_contact.auth_asym_id_1   A 
_pdbx_validate_close_contact.auth_comp_id_1   ASN 
_pdbx_validate_close_contact.auth_seq_id_1    87 
_pdbx_validate_close_contact.PDB_ins_code_1   ? 
_pdbx_validate_close_contact.label_alt_id_1   ? 
_pdbx_validate_close_contact.auth_atom_id_2   O 
_pdbx_validate_close_contact.auth_asym_id_2   A 
_pdbx_validate_close_contact.auth_comp_id_2   HOH 
_pdbx_validate_close_contact.auth_seq_id_2    151 
_pdbx_validate_close_contact.PDB_ins_code_2   ? 
_pdbx_validate_close_contact.label_alt_id_2   ? 
_pdbx_validate_close_contact.dist             2.15 
# 
loop_
_pdbx_struct_special_symmetry.id 
_pdbx_struct_special_symmetry.PDB_model_num 
_pdbx_struct_special_symmetry.auth_asym_id 
_pdbx_struct_special_symmetry.auth_comp_id 
_pdbx_struct_special_symmetry.auth_seq_id 
_pdbx_struct_special_symmetry.PDB_ins_code 
_pdbx_struct_special_symmetry.label_asym_id 
_pdbx_struct_special_symmetry.label_comp_id 
_pdbx_struct_special_symmetry.label_seq_id 
1 1 A HOH 123 ? B HOH . 
2 1 A HOH 149 ? B HOH . 
# 
loop_
_pdbx_unobs_or_zero_occ_residues.id 
_pdbx_unobs_or_zero_occ_residues.PDB_model_num 
_pdbx_unobs_or_zero_occ_residues.polymer_flag 
_pdbx_unobs_or_zero_occ_residues.occupancy_flag 
_pdbx_unobs_or_zero_occ_residues.auth_asym_id 
_pdbx_unobs_or_zero_occ_residues.auth_comp_id 
_pdbx_unobs_or_zero_occ_residues.auth_seq_id 
_pdbx_unobs_or_zero_occ_residues.PDB_ins_code 
_pdbx_unobs_or_zero_occ_residues.label_asym_id 
_pdbx_unobs_or_zero_occ_residues.label_comp_id 
_pdbx_unobs_or_zero_occ_residues.label_seq_id 
1  1 Y 1 A MET -19 ? A MET 1   
2  1 Y 1 A GLY -18 ? A GLY 2   
3  1 Y 1 A SER -17 ? A SER 3   
4  1 Y 1 A SER -16 ? A SER 4   
5  1 Y 1 A HIS -15 ? A HIS 5   
6  1 Y 1 A HIS -14 ? A HIS 6   
7  1 Y 1 A HIS -13 ? A HIS 7   
8  1 Y 1 A HIS -12 ? A HIS 8   
9  1 Y 1 A HIS -11 ? A HIS 9   
10 1 Y 1 A HIS -10 ? A HIS 10  
11 1 Y 1 A SER -9  ? A SER 11  
12 1 Y 1 A SER -8  ? A SER 12  
13 1 Y 1 A GLY -7  ? A GLY 13  
14 1 Y 1 A LEU -6  ? A LEU 14  
15 1 Y 1 A VAL -5  ? A VAL 15  
16 1 Y 1 A PRO -4  ? A PRO 16  
17 1 Y 1 A ARG -3  ? A ARG 17  
18 1 Y 1 A GLY -2  ? A GLY 18  
19 1 Y 1 A SER -1  ? A SER 19  
20 1 Y 1 A HIS 0   ? A HIS 20  
21 1 Y 1 A MET 1   ? A MET 21  
22 1 Y 1 A ASN 2   ? A ASN 22  
23 1 Y 1 A SER 3   ? A SER 23  
24 1 Y 1 A LYS 4   ? A LYS 24  
25 1 Y 1 A ALA 5   ? A ALA 25  
26 1 Y 1 A LEU 6   ? A LEU 26  
27 1 Y 1 A PRO 7   ? A PRO 27  
28 1 Y 1 A ARG 8   ? A ARG 28  
29 1 Y 1 A GLN 9   ? A GLN 29  
30 1 Y 1 A ILE 10  ? A ILE 30  
31 1 Y 1 A ASN 11  ? A ASN 31  
32 1 Y 1 A ASN 12  ? A ASN 32  
33 1 Y 1 A ALA 88  ? A ALA 108 
34 1 Y 1 A VAL 89  ? A VAL 109 
35 1 Y 1 A ASP 90  ? A ASP 110 
36 1 Y 1 A THR 91  ? A THR 111 
37 1 Y 1 A ASN 92  ? A ASN 112 
38 1 Y 1 A GLN 93  ? A GLN 113 
# 
loop_
_chem_comp_atom.comp_id 
_chem_comp_atom.atom_id 
_chem_comp_atom.type_symbol 
_chem_comp_atom.pdbx_aromatic_flag 
_chem_comp_atom.pdbx_stereo_config 
_chem_comp_atom.pdbx_ordinal 
ALA N    N N N 1   
ALA CA   C N S 2   
ALA C    C N N 3   
ALA O    O N N 4   
ALA CB   C N N 5   
ALA OXT  O N N 6   
ALA H    H N N 7   
ALA H2   H N N 8   
ALA HA   H N N 9   
ALA HB1  H N N 10  
ALA HB2  H N N 11  
ALA HB3  H N N 12  
ALA HXT  H N N 13  
ARG N    N N N 14  
ARG CA   C N S 15  
ARG C    C N N 16  
ARG O    O N N 17  
ARG CB   C N N 18  
ARG CG   C N N 19  
ARG CD   C N N 20  
ARG NE   N N N 21  
ARG CZ   C N N 22  
ARG NH1  N N N 23  
ARG NH2  N N N 24  
ARG OXT  O N N 25  
ARG H    H N N 26  
ARG H2   H N N 27  
ARG HA   H N N 28  
ARG HB2  H N N 29  
ARG HB3  H N N 30  
ARG HG2  H N N 31  
ARG HG3  H N N 32  
ARG HD2  H N N 33  
ARG HD3  H N N 34  
ARG HE   H N N 35  
ARG HH11 H N N 36  
ARG HH12 H N N 37  
ARG HH21 H N N 38  
ARG HH22 H N N 39  
ARG HXT  H N N 40  
ASN N    N N N 41  
ASN CA   C N S 42  
ASN C    C N N 43  
ASN O    O N N 44  
ASN CB   C N N 45  
ASN CG   C N N 46  
ASN OD1  O N N 47  
ASN ND2  N N N 48  
ASN OXT  O N N 49  
ASN H    H N N 50  
ASN H2   H N N 51  
ASN HA   H N N 52  
ASN HB2  H N N 53  
ASN HB3  H N N 54  
ASN HD21 H N N 55  
ASN HD22 H N N 56  
ASN HXT  H N N 57  
ASP N    N N N 58  
ASP CA   C N S 59  
ASP C    C N N 60  
ASP O    O N N 61  
ASP CB   C N N 62  
ASP CG   C N N 63  
ASP OD1  O N N 64  
ASP OD2  O N N 65  
ASP OXT  O N N 66  
ASP H    H N N 67  
ASP H2   H N N 68  
ASP HA   H N N 69  
ASP HB2  H N N 70  
ASP HB3  H N N 71  
ASP HD2  H N N 72  
ASP HXT  H N N 73  
CYS N    N N N 74  
CYS CA   C N R 75  
CYS C    C N N 76  
CYS O    O N N 77  
CYS CB   C N N 78  
CYS SG   S N N 79  
CYS OXT  O N N 80  
CYS H    H N N 81  
CYS H2   H N N 82  
CYS HA   H N N 83  
CYS HB2  H N N 84  
CYS HB3  H N N 85  
CYS HG   H N N 86  
CYS HXT  H N N 87  
GLN N    N N N 88  
GLN CA   C N S 89  
GLN C    C N N 90  
GLN O    O N N 91  
GLN CB   C N N 92  
GLN CG   C N N 93  
GLN CD   C N N 94  
GLN OE1  O N N 95  
GLN NE2  N N N 96  
GLN OXT  O N N 97  
GLN H    H N N 98  
GLN H2   H N N 99  
GLN HA   H N N 100 
GLN HB2  H N N 101 
GLN HB3  H N N 102 
GLN HG2  H N N 103 
GLN HG3  H N N 104 
GLN HE21 H N N 105 
GLN HE22 H N N 106 
GLN HXT  H N N 107 
GLU N    N N N 108 
GLU CA   C N S 109 
GLU C    C N N 110 
GLU O    O N N 111 
GLU CB   C N N 112 
GLU CG   C N N 113 
GLU CD   C N N 114 
GLU OE1  O N N 115 
GLU OE2  O N N 116 
GLU OXT  O N N 117 
GLU H    H N N 118 
GLU H2   H N N 119 
GLU HA   H N N 120 
GLU HB2  H N N 121 
GLU HB3  H N N 122 
GLU HG2  H N N 123 
GLU HG3  H N N 124 
GLU HE2  H N N 125 
GLU HXT  H N N 126 
GLY N    N N N 127 
GLY CA   C N N 128 
GLY C    C N N 129 
GLY O    O N N 130 
GLY OXT  O N N 131 
GLY H    H N N 132 
GLY H2   H N N 133 
GLY HA2  H N N 134 
GLY HA3  H N N 135 
GLY HXT  H N N 136 
HIS N    N N N 137 
HIS CA   C N S 138 
HIS C    C N N 139 
HIS O    O N N 140 
HIS CB   C N N 141 
HIS CG   C Y N 142 
HIS ND1  N Y N 143 
HIS CD2  C Y N 144 
HIS CE1  C Y N 145 
HIS NE2  N Y N 146 
HIS OXT  O N N 147 
HIS H    H N N 148 
HIS H2   H N N 149 
HIS HA   H N N 150 
HIS HB2  H N N 151 
HIS HB3  H N N 152 
HIS HD1  H N N 153 
HIS HD2  H N N 154 
HIS HE1  H N N 155 
HIS HE2  H N N 156 
HIS HXT  H N N 157 
HOH O    O N N 158 
HOH H1   H N N 159 
HOH H2   H N N 160 
ILE N    N N N 161 
ILE CA   C N S 162 
ILE C    C N N 163 
ILE O    O N N 164 
ILE CB   C N S 165 
ILE CG1  C N N 166 
ILE CG2  C N N 167 
ILE CD1  C N N 168 
ILE OXT  O N N 169 
ILE H    H N N 170 
ILE H2   H N N 171 
ILE HA   H N N 172 
ILE HB   H N N 173 
ILE HG12 H N N 174 
ILE HG13 H N N 175 
ILE HG21 H N N 176 
ILE HG22 H N N 177 
ILE HG23 H N N 178 
ILE HD11 H N N 179 
ILE HD12 H N N 180 
ILE HD13 H N N 181 
ILE HXT  H N N 182 
LEU N    N N N 183 
LEU CA   C N S 184 
LEU C    C N N 185 
LEU O    O N N 186 
LEU CB   C N N 187 
LEU CG   C N N 188 
LEU CD1  C N N 189 
LEU CD2  C N N 190 
LEU OXT  O N N 191 
LEU H    H N N 192 
LEU H2   H N N 193 
LEU HA   H N N 194 
LEU HB2  H N N 195 
LEU HB3  H N N 196 
LEU HG   H N N 197 
LEU HD11 H N N 198 
LEU HD12 H N N 199 
LEU HD13 H N N 200 
LEU HD21 H N N 201 
LEU HD22 H N N 202 
LEU HD23 H N N 203 
LEU HXT  H N N 204 
LYS N    N N N 205 
LYS CA   C N S 206 
LYS C    C N N 207 
LYS O    O N N 208 
LYS CB   C N N 209 
LYS CG   C N N 210 
LYS CD   C N N 211 
LYS CE   C N N 212 
LYS NZ   N N N 213 
LYS OXT  O N N 214 
LYS H    H N N 215 
LYS H2   H N N 216 
LYS HA   H N N 217 
LYS HB2  H N N 218 
LYS HB3  H N N 219 
LYS HG2  H N N 220 
LYS HG3  H N N 221 
LYS HD2  H N N 222 
LYS HD3  H N N 223 
LYS HE2  H N N 224 
LYS HE3  H N N 225 
LYS HZ1  H N N 226 
LYS HZ2  H N N 227 
LYS HZ3  H N N 228 
LYS HXT  H N N 229 
MET N    N N N 230 
MET CA   C N S 231 
MET C    C N N 232 
MET O    O N N 233 
MET CB   C N N 234 
MET CG   C N N 235 
MET SD   S N N 236 
MET CE   C N N 237 
MET OXT  O N N 238 
MET H    H N N 239 
MET H2   H N N 240 
MET HA   H N N 241 
MET HB2  H N N 242 
MET HB3  H N N 243 
MET HG2  H N N 244 
MET HG3  H N N 245 
MET HE1  H N N 246 
MET HE2  H N N 247 
MET HE3  H N N 248 
MET HXT  H N N 249 
PHE N    N N N 250 
PHE CA   C N S 251 
PHE C    C N N 252 
PHE O    O N N 253 
PHE CB   C N N 254 
PHE CG   C Y N 255 
PHE CD1  C Y N 256 
PHE CD2  C Y N 257 
PHE CE1  C Y N 258 
PHE CE2  C Y N 259 
PHE CZ   C Y N 260 
PHE OXT  O N N 261 
PHE H    H N N 262 
PHE H2   H N N 263 
PHE HA   H N N 264 
PHE HB2  H N N 265 
PHE HB3  H N N 266 
PHE HD1  H N N 267 
PHE HD2  H N N 268 
PHE HE1  H N N 269 
PHE HE2  H N N 270 
PHE HZ   H N N 271 
PHE HXT  H N N 272 
PRO N    N N N 273 
PRO CA   C N S 274 
PRO C    C N N 275 
PRO O    O N N 276 
PRO CB   C N N 277 
PRO CG   C N N 278 
PRO CD   C N N 279 
PRO OXT  O N N 280 
PRO H    H N N 281 
PRO HA   H N N 282 
PRO HB2  H N N 283 
PRO HB3  H N N 284 
PRO HG2  H N N 285 
PRO HG3  H N N 286 
PRO HD2  H N N 287 
PRO HD3  H N N 288 
PRO HXT  H N N 289 
SER N    N N N 290 
SER CA   C N S 291 
SER C    C N N 292 
SER O    O N N 293 
SER CB   C N N 294 
SER OG   O N N 295 
SER OXT  O N N 296 
SER H    H N N 297 
SER H2   H N N 298 
SER HA   H N N 299 
SER HB2  H N N 300 
SER HB3  H N N 301 
SER HG   H N N 302 
SER HXT  H N N 303 
THR N    N N N 304 
THR CA   C N S 305 
THR C    C N N 306 
THR O    O N N 307 
THR CB   C N R 308 
THR OG1  O N N 309 
THR CG2  C N N 310 
THR OXT  O N N 311 
THR H    H N N 312 
THR H2   H N N 313 
THR HA   H N N 314 
THR HB   H N N 315 
THR HG1  H N N 316 
THR HG21 H N N 317 
THR HG22 H N N 318 
THR HG23 H N N 319 
THR HXT  H N N 320 
TYR N    N N N 321 
TYR CA   C N S 322 
TYR C    C N N 323 
TYR O    O N N 324 
TYR CB   C N N 325 
TYR CG   C Y N 326 
TYR CD1  C Y N 327 
TYR CD2  C Y N 328 
TYR CE1  C Y N 329 
TYR CE2  C Y N 330 
TYR CZ   C Y N 331 
TYR OH   O N N 332 
TYR OXT  O N N 333 
TYR H    H N N 334 
TYR H2   H N N 335 
TYR HA   H N N 336 
TYR HB2  H N N 337 
TYR HB3  H N N 338 
TYR HD1  H N N 339 
TYR HD2  H N N 340 
TYR HE1  H N N 341 
TYR HE2  H N N 342 
TYR HH   H N N 343 
TYR HXT  H N N 344 
VAL N    N N N 345 
VAL CA   C N S 346 
VAL C    C N N 347 
VAL O    O N N 348 
VAL CB   C N N 349 
VAL CG1  C N N 350 
VAL CG2  C N N 351 
VAL OXT  O N N 352 
VAL H    H N N 353 
VAL H2   H N N 354 
VAL HA   H N N 355 
VAL HB   H N N 356 
VAL HG11 H N N 357 
VAL HG12 H N N 358 
VAL HG13 H N N 359 
VAL HG21 H N N 360 
VAL HG22 H N N 361 
VAL HG23 H N N 362 
VAL HXT  H N N 363 
# 
loop_
_chem_comp_bond.comp_id 
_chem_comp_bond.atom_id_1 
_chem_comp_bond.atom_id_2 
_chem_comp_bond.value_order 
_chem_comp_bond.pdbx_aromatic_flag 
_chem_comp_bond.pdbx_stereo_config 
_chem_comp_bond.pdbx_ordinal 
ALA N   CA   sing N N 1   
ALA N   H    sing N N 2   
ALA N   H2   sing N N 3   
ALA CA  C    sing N N 4   
ALA CA  CB   sing N N 5   
ALA CA  HA   sing N N 6   
ALA C   O    doub N N 7   
ALA C   OXT  sing N N 8   
ALA CB  HB1  sing N N 9   
ALA CB  HB2  sing N N 10  
ALA CB  HB3  sing N N 11  
ALA OXT HXT  sing N N 12  
ARG N   CA   sing N N 13  
ARG N   H    sing N N 14  
ARG N   H2   sing N N 15  
ARG CA  C    sing N N 16  
ARG CA  CB   sing N N 17  
ARG CA  HA   sing N N 18  
ARG C   O    doub N N 19  
ARG C   OXT  sing N N 20  
ARG CB  CG   sing N N 21  
ARG CB  HB2  sing N N 22  
ARG CB  HB3  sing N N 23  
ARG CG  CD   sing N N 24  
ARG CG  HG2  sing N N 25  
ARG CG  HG3  sing N N 26  
ARG CD  NE   sing N N 27  
ARG CD  HD2  sing N N 28  
ARG CD  HD3  sing N N 29  
ARG NE  CZ   sing N N 30  
ARG NE  HE   sing N N 31  
ARG CZ  NH1  sing N N 32  
ARG CZ  NH2  doub N N 33  
ARG NH1 HH11 sing N N 34  
ARG NH1 HH12 sing N N 35  
ARG NH2 HH21 sing N N 36  
ARG NH2 HH22 sing N N 37  
ARG OXT HXT  sing N N 38  
ASN N   CA   sing N N 39  
ASN N   H    sing N N 40  
ASN N   H2   sing N N 41  
ASN CA  C    sing N N 42  
ASN CA  CB   sing N N 43  
ASN CA  HA   sing N N 44  
ASN C   O    doub N N 45  
ASN C   OXT  sing N N 46  
ASN CB  CG   sing N N 47  
ASN CB  HB2  sing N N 48  
ASN CB  HB3  sing N N 49  
ASN CG  OD1  doub N N 50  
ASN CG  ND2  sing N N 51  
ASN ND2 HD21 sing N N 52  
ASN ND2 HD22 sing N N 53  
ASN OXT HXT  sing N N 54  
ASP N   CA   sing N N 55  
ASP N   H    sing N N 56  
ASP N   H2   sing N N 57  
ASP CA  C    sing N N 58  
ASP CA  CB   sing N N 59  
ASP CA  HA   sing N N 60  
ASP C   O    doub N N 61  
ASP C   OXT  sing N N 62  
ASP CB  CG   sing N N 63  
ASP CB  HB2  sing N N 64  
ASP CB  HB3  sing N N 65  
ASP CG  OD1  doub N N 66  
ASP CG  OD2  sing N N 67  
ASP OD2 HD2  sing N N 68  
ASP OXT HXT  sing N N 69  
CYS N   CA   sing N N 70  
CYS N   H    sing N N 71  
CYS N   H2   sing N N 72  
CYS CA  C    sing N N 73  
CYS CA  CB   sing N N 74  
CYS CA  HA   sing N N 75  
CYS C   O    doub N N 76  
CYS C   OXT  sing N N 77  
CYS CB  SG   sing N N 78  
CYS CB  HB2  sing N N 79  
CYS CB  HB3  sing N N 80  
CYS SG  HG   sing N N 81  
CYS OXT HXT  sing N N 82  
GLN N   CA   sing N N 83  
GLN N   H    sing N N 84  
GLN N   H2   sing N N 85  
GLN CA  C    sing N N 86  
GLN CA  CB   sing N N 87  
GLN CA  HA   sing N N 88  
GLN C   O    doub N N 89  
GLN C   OXT  sing N N 90  
GLN CB  CG   sing N N 91  
GLN CB  HB2  sing N N 92  
GLN CB  HB3  sing N N 93  
GLN CG  CD   sing N N 94  
GLN CG  HG2  sing N N 95  
GLN CG  HG3  sing N N 96  
GLN CD  OE1  doub N N 97  
GLN CD  NE2  sing N N 98  
GLN NE2 HE21 sing N N 99  
GLN NE2 HE22 sing N N 100 
GLN OXT HXT  sing N N 101 
GLU N   CA   sing N N 102 
GLU N   H    sing N N 103 
GLU N   H2   sing N N 104 
GLU CA  C    sing N N 105 
GLU CA  CB   sing N N 106 
GLU CA  HA   sing N N 107 
GLU C   O    doub N N 108 
GLU C   OXT  sing N N 109 
GLU CB  CG   sing N N 110 
GLU CB  HB2  sing N N 111 
GLU CB  HB3  sing N N 112 
GLU CG  CD   sing N N 113 
GLU CG  HG2  sing N N 114 
GLU CG  HG3  sing N N 115 
GLU CD  OE1  doub N N 116 
GLU CD  OE2  sing N N 117 
GLU OE2 HE2  sing N N 118 
GLU OXT HXT  sing N N 119 
GLY N   CA   sing N N 120 
GLY N   H    sing N N 121 
GLY N   H2   sing N N 122 
GLY CA  C    sing N N 123 
GLY CA  HA2  sing N N 124 
GLY CA  HA3  sing N N 125 
GLY C   O    doub N N 126 
GLY C   OXT  sing N N 127 
GLY OXT HXT  sing N N 128 
HIS N   CA   sing N N 129 
HIS N   H    sing N N 130 
HIS N   H2   sing N N 131 
HIS CA  C    sing N N 132 
HIS CA  CB   sing N N 133 
HIS CA  HA   sing N N 134 
HIS C   O    doub N N 135 
HIS C   OXT  sing N N 136 
HIS CB  CG   sing N N 137 
HIS CB  HB2  sing N N 138 
HIS CB  HB3  sing N N 139 
HIS CG  ND1  sing Y N 140 
HIS CG  CD2  doub Y N 141 
HIS ND1 CE1  doub Y N 142 
HIS ND1 HD1  sing N N 143 
HIS CD2 NE2  sing Y N 144 
HIS CD2 HD2  sing N N 145 
HIS CE1 NE2  sing Y N 146 
HIS CE1 HE1  sing N N 147 
HIS NE2 HE2  sing N N 148 
HIS OXT HXT  sing N N 149 
HOH O   H1   sing N N 150 
HOH O   H2   sing N N 151 
ILE N   CA   sing N N 152 
ILE N   H    sing N N 153 
ILE N   H2   sing N N 154 
ILE CA  C    sing N N 155 
ILE CA  CB   sing N N 156 
ILE CA  HA   sing N N 157 
ILE C   O    doub N N 158 
ILE C   OXT  sing N N 159 
ILE CB  CG1  sing N N 160 
ILE CB  CG2  sing N N 161 
ILE CB  HB   sing N N 162 
ILE CG1 CD1  sing N N 163 
ILE CG1 HG12 sing N N 164 
ILE CG1 HG13 sing N N 165 
ILE CG2 HG21 sing N N 166 
ILE CG2 HG22 sing N N 167 
ILE CG2 HG23 sing N N 168 
ILE CD1 HD11 sing N N 169 
ILE CD1 HD12 sing N N 170 
ILE CD1 HD13 sing N N 171 
ILE OXT HXT  sing N N 172 
LEU N   CA   sing N N 173 
LEU N   H    sing N N 174 
LEU N   H2   sing N N 175 
LEU CA  C    sing N N 176 
LEU CA  CB   sing N N 177 
LEU CA  HA   sing N N 178 
LEU C   O    doub N N 179 
LEU C   OXT  sing N N 180 
LEU CB  CG   sing N N 181 
LEU CB  HB2  sing N N 182 
LEU CB  HB3  sing N N 183 
LEU CG  CD1  sing N N 184 
LEU CG  CD2  sing N N 185 
LEU CG  HG   sing N N 186 
LEU CD1 HD11 sing N N 187 
LEU CD1 HD12 sing N N 188 
LEU CD1 HD13 sing N N 189 
LEU CD2 HD21 sing N N 190 
LEU CD2 HD22 sing N N 191 
LEU CD2 HD23 sing N N 192 
LEU OXT HXT  sing N N 193 
LYS N   CA   sing N N 194 
LYS N   H    sing N N 195 
LYS N   H2   sing N N 196 
LYS CA  C    sing N N 197 
LYS CA  CB   sing N N 198 
LYS CA  HA   sing N N 199 
LYS C   O    doub N N 200 
LYS C   OXT  sing N N 201 
LYS CB  CG   sing N N 202 
LYS CB  HB2  sing N N 203 
LYS CB  HB3  sing N N 204 
LYS CG  CD   sing N N 205 
LYS CG  HG2  sing N N 206 
LYS CG  HG3  sing N N 207 
LYS CD  CE   sing N N 208 
LYS CD  HD2  sing N N 209 
LYS CD  HD3  sing N N 210 
LYS CE  NZ   sing N N 211 
LYS CE  HE2  sing N N 212 
LYS CE  HE3  sing N N 213 
LYS NZ  HZ1  sing N N 214 
LYS NZ  HZ2  sing N N 215 
LYS NZ  HZ3  sing N N 216 
LYS OXT HXT  sing N N 217 
MET N   CA   sing N N 218 
MET N   H    sing N N 219 
MET N   H2   sing N N 220 
MET CA  C    sing N N 221 
MET CA  CB   sing N N 222 
MET CA  HA   sing N N 223 
MET C   O    doub N N 224 
MET C   OXT  sing N N 225 
MET CB  CG   sing N N 226 
MET CB  HB2  sing N N 227 
MET CB  HB3  sing N N 228 
MET CG  SD   sing N N 229 
MET CG  HG2  sing N N 230 
MET CG  HG3  sing N N 231 
MET SD  CE   sing N N 232 
MET CE  HE1  sing N N 233 
MET CE  HE2  sing N N 234 
MET CE  HE3  sing N N 235 
MET OXT HXT  sing N N 236 
PHE N   CA   sing N N 237 
PHE N   H    sing N N 238 
PHE N   H2   sing N N 239 
PHE CA  C    sing N N 240 
PHE CA  CB   sing N N 241 
PHE CA  HA   sing N N 242 
PHE C   O    doub N N 243 
PHE C   OXT  sing N N 244 
PHE CB  CG   sing N N 245 
PHE CB  HB2  sing N N 246 
PHE CB  HB3  sing N N 247 
PHE CG  CD1  doub Y N 248 
PHE CG  CD2  sing Y N 249 
PHE CD1 CE1  sing Y N 250 
PHE CD1 HD1  sing N N 251 
PHE CD2 CE2  doub Y N 252 
PHE CD2 HD2  sing N N 253 
PHE CE1 CZ   doub Y N 254 
PHE CE1 HE1  sing N N 255 
PHE CE2 CZ   sing Y N 256 
PHE CE2 HE2  sing N N 257 
PHE CZ  HZ   sing N N 258 
PHE OXT HXT  sing N N 259 
PRO N   CA   sing N N 260 
PRO N   CD   sing N N 261 
PRO N   H    sing N N 262 
PRO CA  C    sing N N 263 
PRO CA  CB   sing N N 264 
PRO CA  HA   sing N N 265 
PRO C   O    doub N N 266 
PRO C   OXT  sing N N 267 
PRO CB  CG   sing N N 268 
PRO CB  HB2  sing N N 269 
PRO CB  HB3  sing N N 270 
PRO CG  CD   sing N N 271 
PRO CG  HG2  sing N N 272 
PRO CG  HG3  sing N N 273 
PRO CD  HD2  sing N N 274 
PRO CD  HD3  sing N N 275 
PRO OXT HXT  sing N N 276 
SER N   CA   sing N N 277 
SER N   H    sing N N 278 
SER N   H2   sing N N 279 
SER CA  C    sing N N 280 
SER CA  CB   sing N N 281 
SER CA  HA   sing N N 282 
SER C   O    doub N N 283 
SER C   OXT  sing N N 284 
SER CB  OG   sing N N 285 
SER CB  HB2  sing N N 286 
SER CB  HB3  sing N N 287 
SER OG  HG   sing N N 288 
SER OXT HXT  sing N N 289 
THR N   CA   sing N N 290 
THR N   H    sing N N 291 
THR N   H2   sing N N 292 
THR CA  C    sing N N 293 
THR CA  CB   sing N N 294 
THR CA  HA   sing N N 295 
THR C   O    doub N N 296 
THR C   OXT  sing N N 297 
THR CB  OG1  sing N N 298 
THR CB  CG2  sing N N 299 
THR CB  HB   sing N N 300 
THR OG1 HG1  sing N N 301 
THR CG2 HG21 sing N N 302 
THR CG2 HG22 sing N N 303 
THR CG2 HG23 sing N N 304 
THR OXT HXT  sing N N 305 
TYR N   CA   sing N N 306 
TYR N   H    sing N N 307 
TYR N   H2   sing N N 308 
TYR CA  C    sing N N 309 
TYR CA  CB   sing N N 310 
TYR CA  HA   sing N N 311 
TYR C   O    doub N N 312 
TYR C   OXT  sing N N 313 
TYR CB  CG   sing N N 314 
TYR CB  HB2  sing N N 315 
TYR CB  HB3  sing N N 316 
TYR CG  CD1  doub Y N 317 
TYR CG  CD2  sing Y N 318 
TYR CD1 CE1  sing Y N 319 
TYR CD1 HD1  sing N N 320 
TYR CD2 CE2  doub Y N 321 
TYR CD2 HD2  sing N N 322 
TYR CE1 CZ   doub Y N 323 
TYR CE1 HE1  sing N N 324 
TYR CE2 CZ   sing Y N 325 
TYR CE2 HE2  sing N N 326 
TYR CZ  OH   sing N N 327 
TYR OH  HH   sing N N 328 
TYR OXT HXT  sing N N 329 
VAL N   CA   sing N N 330 
VAL N   H    sing N N 331 
VAL N   H2   sing N N 332 
VAL CA  C    sing N N 333 
VAL CA  CB   sing N N 334 
VAL CA  HA   sing N N 335 
VAL C   O    doub N N 336 
VAL C   OXT  sing N N 337 
VAL CB  CG1  sing N N 338 
VAL CB  CG2  sing N N 339 
VAL CB  HB   sing N N 340 
VAL CG1 HG11 sing N N 341 
VAL CG1 HG12 sing N N 342 
VAL CG1 HG13 sing N N 343 
VAL CG2 HG21 sing N N 344 
VAL CG2 HG22 sing N N 345 
VAL CG2 HG23 sing N N 346 
VAL OXT HXT  sing N N 347 
# 
_atom_sites.entry_id                    3E56 
_atom_sites.fract_transf_matrix[1][1]   0.00429625 
_atom_sites.fract_transf_matrix[1][2]   0.01675908 
_atom_sites.fract_transf_matrix[1][3]   -0.00397156 
_atom_sites.fract_transf_matrix[2][1]   -0.00588381 
_atom_sites.fract_transf_matrix[2][2]   -0.00241887 
_atom_sites.fract_transf_matrix[2][3]   -0.01657190 
_atom_sites.fract_transf_matrix[3][1]   -0.01614238 
_atom_sites.fract_transf_matrix[3][2]   0.00531260 
_atom_sites.fract_transf_matrix[3][3]   0.00495588 
_atom_sites.fract_transf_vector[1]      0.090322 
_atom_sites.fract_transf_vector[2]      0.994497 
_atom_sites.fract_transf_vector[3]      0.001672 
# 
loop_
_atom_type.symbol 
C 
N 
O 
S 
# 
loop_
_atom_site.group_PDB 
_atom_site.id 
_atom_site.type_symbol 
_atom_site.label_atom_id 
_atom_site.label_alt_id 
_atom_site.label_comp_id 
_atom_site.label_asym_id 
_atom_site.label_entity_id 
_atom_site.label_seq_id 
_atom_site.pdbx_PDB_ins_code 
_atom_site.Cartn_x 
_atom_site.Cartn_y 
_atom_site.Cartn_z 
_atom_site.occupancy 
_atom_site.B_iso_or_equiv 
_atom_site.pdbx_formal_charge 
_atom_site.auth_seq_id 
_atom_site.auth_comp_id 
_atom_site.auth_asym_id 
_atom_site.auth_atom_id 
_atom_site.pdbx_PDB_model_num 
ATOM   1   N N   . LEU A 1 33  ? -6.006  21.511  3.559   1.00 42.11 ? 13  LEU A N   1 
ATOM   2   C CA  . LEU A 1 33  ? -4.897  20.584  3.084   1.00 41.57 ? 13  LEU A CA  1 
ATOM   3   C C   . LEU A 1 33  ? -4.050  19.990  4.239   1.00 39.93 ? 13  LEU A C   1 
ATOM   4   O O   . LEU A 1 33  ? -2.896  19.590  4.047   1.00 40.84 ? 13  LEU A O   1 
ATOM   5   C CB  . LEU A 1 33  ? -4.035  21.250  1.981   1.00 42.15 ? 13  LEU A CB  1 
ATOM   6   C CG  . LEU A 1 33  ? -4.722  21.501  0.610   1.00 43.47 ? 13  LEU A CG  1 
ATOM   7   C CD1 . LEU A 1 33  ? -4.407  20.418  -0.409  1.00 45.57 ? 13  LEU A CD1 1 
ATOM   8   C CD2 . LEU A 1 33  ? -6.262  21.706  0.686   1.00 45.85 ? 13  LEU A CD2 1 
ATOM   9   N N   . GLU A 1 34  ? -4.673  19.970  5.418   1.00 37.44 ? 14  GLU A N   1 
ATOM   10  C CA  . GLU A 1 34  ? -4.287  19.241  6.617   1.00 36.65 ? 14  GLU A CA  1 
ATOM   11  C C   . GLU A 1 34  ? -3.791  17.815  6.300   1.00 32.32 ? 14  GLU A C   1 
ATOM   12  O O   . GLU A 1 34  ? -4.525  16.999  5.735   1.00 30.46 ? 14  GLU A O   1 
ATOM   13  C CB  . GLU A 1 34  ? -5.538  19.144  7.488   1.00 35.89 ? 14  GLU A CB  1 
ATOM   14  C CG  . GLU A 1 34  ? -5.388  19.318  9.010   1.00 40.87 ? 14  GLU A CG  1 
ATOM   15  C CD  . GLU A 1 34  ? -6.747  19.155  9.758   1.00 37.28 ? 14  GLU A CD  1 
ATOM   16  O OE1 . GLU A 1 34  ? -6.794  19.456  10.966  1.00 47.32 ? 14  GLU A OE1 1 
ATOM   17  O OE2 . GLU A 1 34  ? -7.778  18.717  9.159   1.00 45.88 ? 14  GLU A OE2 1 
ATOM   18  N N   . VAL A 1 35  ? -2.543  17.543  6.688   1.00 29.29 ? 15  VAL A N   1 
ATOM   19  C CA  . VAL A 1 35  ? -1.912  16.228  6.560   1.00 26.24 ? 15  VAL A CA  1 
ATOM   20  C C   . VAL A 1 35  ? -1.656  15.652  7.947   1.00 25.94 ? 15  VAL A C   1 
ATOM   21  O O   . VAL A 1 35  ? -1.573  16.403  8.940   1.00 25.77 ? 15  VAL A O   1 
ATOM   22  C CB  . VAL A 1 35  ? -0.596  16.280  5.734   1.00 25.55 ? 15  VAL A CB  1 
ATOM   23  C CG1 . VAL A 1 35  ? -0.875  16.650  4.302   1.00 23.72 ? 15  VAL A CG1 1 
ATOM   24  C CG2 . VAL A 1 35  ? 0.374   17.257  6.301   1.00 25.36 ? 15  VAL A CG2 1 
ATOM   25  N N   . GLY A 1 36  ? -1.575  14.329  8.038   1.00 24.38 ? 16  GLY A N   1 
ATOM   26  C CA  . GLY A 1 36  ? -1.091  13.689  9.249   1.00 23.10 ? 16  GLY A CA  1 
ATOM   27  C C   . GLY A 1 36  ? -0.105  12.606  8.922   1.00 22.15 ? 16  GLY A C   1 
ATOM   28  O O   . GLY A 1 36  ? 0.084   12.274  7.746   1.00 21.51 ? 16  GLY A O   1 
ATOM   29  N N   . VAL A 1 37  ? 0.514   12.047  9.958   1.00 21.42 ? 17  VAL A N   1 
ATOM   30  C CA  . VAL A 1 37  ? 1.375   10.907  9.822   1.00 20.50 ? 17  VAL A CA  1 
ATOM   31  C C   . VAL A 1 37  ? 0.558   9.747   10.323  1.00 21.04 ? 17  VAL A C   1 
ATOM   32  O O   . VAL A 1 37  ? 0.040   9.785   11.453  1.00 20.71 ? 17  VAL A O   1 
ATOM   33  C CB  . VAL A 1 37  ? 2.630   11.001  10.698  1.00 20.98 ? 17  VAL A CB  1 
ATOM   34  C CG1 . VAL A 1 37  ? 3.521   9.794   10.419  1.00 22.20 ? 17  VAL A CG1 1 
ATOM   35  C CG2 . VAL A 1 37  ? 3.401   12.248  10.399  1.00 20.96 ? 17  VAL A CG2 1 
ATOM   36  N N   . TYR A 1 38  ? 0.408   8.723   9.479   1.00 19.97 ? 18  TYR A N   1 
ATOM   37  C CA  . TYR A 1 38  ? -0.416  7.579   9.810   1.00 20.06 ? 18  TYR A CA  1 
ATOM   38  C C   . TYR A 1 38  ? 0.418   6.326   9.826   1.00 19.64 ? 18  TYR A C   1 
ATOM   39  O O   . TYR A 1 38  ? 1.206   6.096   8.920   1.00 19.39 ? 18  TYR A O   1 
ATOM   40  C CB  . TYR A 1 38  ? -1.515  7.400   8.760   1.00 20.98 ? 18  TYR A CB  1 
ATOM   41  C CG  . TYR A 1 38  ? -2.512  8.506   8.816   1.00 21.51 ? 18  TYR A CG  1 
ATOM   42  C CD1 . TYR A 1 38  ? -3.701  8.354   9.523   1.00 20.65 ? 18  TYR A CD1 1 
ATOM   43  C CD2 . TYR A 1 38  ? -2.236  9.724   8.218   1.00 21.68 ? 18  TYR A CD2 1 
ATOM   44  C CE1 . TYR A 1 38  ? -4.623  9.406   9.600   1.00 24.16 ? 18  TYR A CE1 1 
ATOM   45  C CE2 . TYR A 1 38  ? -3.148  10.791  8.297   1.00 23.65 ? 18  TYR A CE2 1 
ATOM   46  C CZ  . TYR A 1 38  ? -4.322  10.626  8.991   1.00 23.41 ? 18  TYR A CZ  1 
ATOM   47  O OH  . TYR A 1 38  ? -5.214  11.688  9.030   1.00 25.85 ? 18  TYR A OH  1 
ATOM   48  N N   . GLU A 1 39  ? 0.235   5.532   10.866  1.00 19.54 ? 19  GLU A N   1 
ATOM   49  C CA  . GLU A 1 39  ? 0.778   4.183   10.918  1.00 20.08 ? 19  GLU A CA  1 
ATOM   50  C C   . GLU A 1 39  ? -0.308  3.236   10.438  1.00 18.87 ? 19  GLU A C   1 
ATOM   51  O O   . GLU A 1 39  ? -1.438  3.272   10.924  1.00 17.76 ? 19  GLU A O   1 
ATOM   52  C CB  . GLU A 1 39  ? 1.182   3.843   12.326  1.00 22.20 ? 19  GLU A CB  1 
ATOM   53  C CG  . GLU A 1 39  ? 2.465   3.064   12.406  1.00 29.87 ? 19  GLU A CG  1 
ATOM   54  C CD  . GLU A 1 39  ? 3.135   3.266   13.753  1.00 31.10 ? 19  GLU A CD  1 
ATOM   55  O OE1 . GLU A 1 39  ? 3.802   4.305   13.981  1.00 39.45 ? 19  GLU A OE1 1 
ATOM   56  O OE2 . GLU A 1 39  ? 2.973   2.369   14.597  1.00 43.58 ? 19  GLU A OE2 1 
ATOM   57  N N   . CYS A 1 40  ? 0.061   2.405   9.477   1.00 17.74 ? 20  CYS A N   1 
ATOM   58  C CA  . CYS A 1 40  ? -0.884  1.727   8.600   1.00 17.21 ? 20  CYS A CA  1 
ATOM   59  C C   . CYS A 1 40  ? -0.470  0.287   8.505   1.00 17.58 ? 20  CYS A C   1 
ATOM   60  O O   . CYS A 1 40  ? 0.734   -0.056  8.588   1.00 16.47 ? 20  CYS A O   1 
ATOM   61  C CB  . CYS A 1 40  ? -0.860  2.326   7.199   1.00 17.05 ? 20  CYS A CB  1 
ATOM   62  S SG  . CYS A 1 40  ? -1.322  4.076   7.021   1.00 18.78 ? 20  CYS A SG  1 
ATOM   63  N N   . GLU A 1 41  ? -1.465  -0.571  8.350   1.00 17.56 ? 21  GLU A N   1 
ATOM   64  C CA  . GLU A 1 41  ? -1.238  -1.979  8.272   1.00 19.14 ? 21  GLU A CA  1 
ATOM   65  C C   . GLU A 1 41  ? -2.216  -2.556  7.271   1.00 18.58 ? 21  GLU A C   1 
ATOM   66  O O   . GLU A 1 41  ? -3.412  -2.291  7.370   1.00 18.78 ? 21  GLU A O   1 
ATOM   67  C CB  . GLU A 1 41  ? -1.477  -2.584  9.649   1.00 19.67 ? 21  GLU A CB  1 
ATOM   68  C CG  . GLU A 1 41  ? -0.738  -3.830  9.868   1.00 26.73 ? 21  GLU A CG  1 
ATOM   69  C CD  . GLU A 1 41  ? -0.838  -4.310  11.295  1.00 33.59 ? 21  GLU A CD  1 
ATOM   70  O OE1 . GLU A 1 41  ? -0.729  -3.473  12.231  1.00 38.25 ? 21  GLU A OE1 1 
ATOM   71  O OE2 . GLU A 1 41  ? -1.011  -5.533  11.487  1.00 38.32 ? 21  GLU A OE2 1 
ATOM   72  N N   . ILE A 1 42  ? -1.718  -3.299  6.284   1.00 17.69 ? 22  ILE A N   1 
ATOM   73  C CA  . ILE A 1 42  ? -2.584  -3.967  5.322   1.00 17.76 ? 22  ILE A CA  1 
ATOM   74  C C   . ILE A 1 42  ? -2.258  -5.455  5.354   1.00 18.20 ? 22  ILE A C   1 
ATOM   75  O O   . ILE A 1 42  ? -1.106  -5.832  5.267   1.00 17.92 ? 22  ILE A O   1 
ATOM   76  C CB  . ILE A 1 42  ? -2.385  -3.414  3.892   1.00 17.95 ? 22  ILE A CB  1 
ATOM   77  C CG1 . ILE A 1 42  ? -2.825  -1.940  3.799   1.00 18.39 ? 22  ILE A CG1 1 
ATOM   78  C CG2 . ILE A 1 42  ? -3.137  -4.250  2.897   1.00 17.83 ? 22  ILE A CG2 1 
ATOM   79  C CD1 . ILE A 1 42  ? -2.407  -1.276  2.479   1.00 18.56 ? 22  ILE A CD1 1 
ATOM   80  N N   . HIS A 1 43  ? -3.277  -6.291  5.509   1.00 18.37 ? 23  HIS A N   1 
ATOM   81  C CA  . HIS A 1 43  ? -3.110  -7.725  5.475   1.00 19.01 ? 23  HIS A CA  1 
ATOM   82  C C   . HIS A 1 43  ? -4.162  -8.223  4.531   1.00 17.51 ? 23  HIS A C   1 
ATOM   83  O O   . HIS A 1 43  ? -5.358  -8.106  4.832   1.00 16.77 ? 23  HIS A O   1 
ATOM   84  C CB  . HIS A 1 43  ? -3.335  -8.339  6.847   1.00 20.24 ? 23  HIS A CB  1 
ATOM   85  C CG  . HIS A 1 43  ? -2.679  -9.684  7.023   1.00 30.60 ? 23  HIS A CG  1 
ATOM   86  N ND1 . HIS A 1 43  ? -2.112  -10.393 5.970   1.00 35.28 ? 23  HIS A ND1 1 
ATOM   87  C CD2 . HIS A 1 43  ? -2.510  -10.462 8.128   1.00 35.42 ? 23  HIS A CD2 1 
ATOM   88  C CE1 . HIS A 1 43  ? -1.595  -11.523 6.423   1.00 36.40 ? 23  HIS A CE1 1 
ATOM   89  N NE2 . HIS A 1 43  ? -1.827  -11.594 7.726   1.00 40.07 ? 23  HIS A NE2 1 
ATOM   90  N N   . LEU A 1 44  ? -3.735  -8.750  3.389   1.00 15.58 ? 24  LEU A N   1 
ATOM   91  C CA  . LEU A 1 44  ? -4.683  -9.215  2.350   1.00 16.16 ? 24  LEU A CA  1 
ATOM   92  C C   . LEU A 1 44  ? -4.339  -10.625 1.902   1.00 16.70 ? 24  LEU A C   1 
ATOM   93  O O   . LEU A 1 44  ? -3.165  -10.923 1.619   1.00 16.62 ? 24  LEU A O   1 
ATOM   94  C CB  . LEU A 1 44  ? -4.587  -8.326  1.138   1.00 15.75 ? 24  LEU A CB  1 
ATOM   95  C CG  . LEU A 1 44  ? -5.020  -6.880  1.367   1.00 18.40 ? 24  LEU A CG  1 
ATOM   96  C CD1 . LEU A 1 44  ? -4.552  -6.002  0.220   1.00 18.99 ? 24  LEU A CD1 1 
ATOM   97  C CD2 . LEU A 1 44  ? -6.554  -6.825  1.535   1.00 19.20 ? 24  LEU A CD2 1 
ATOM   98  N N   . LYS A 1 45  ? -5.341  -11.488 1.811   1.00 16.67 ? 25  LYS A N   1 
ATOM   99  C CA  . LYS A 1 45  ? -5.141  -12.777 1.141   1.00 17.79 ? 25  LYS A CA  1 
ATOM   100 C C   . LYS A 1 45  ? -6.110  -12.858 0.008   1.00 17.16 ? 25  LYS A C   1 
ATOM   101 O O   . LYS A 1 45  ? -7.265  -12.471 0.157   1.00 16.25 ? 25  LYS A O   1 
ATOM   102 C CB  . LYS A 1 45  ? -5.362  -13.954 2.094   1.00 18.80 ? 25  LYS A CB  1 
ATOM   103 C CG  . LYS A 1 45  ? -4.498  -13.888 3.348   1.00 23.88 ? 25  LYS A CG  1 
ATOM   104 C CD  . LYS A 1 45  ? -4.701  -15.178 4.168   1.00 29.59 ? 25  LYS A CD  1 
ATOM   105 C CE  . LYS A 1 45  ? -3.738  -15.279 5.351   1.00 34.48 ? 25  LYS A CE  1 
ATOM   106 N NZ  . LYS A 1 45  ? -3.772  -16.673 5.963   1.00 39.08 ? 25  LYS A NZ  1 
ATOM   107 N N   . PHE A 1 46  ? -5.657  -13.325 -1.144  1.00 17.35 ? 26  PHE A N   1 
ATOM   108 C CA  . PHE A 1 46  ? -6.478  -13.228 -2.349  1.00 17.71 ? 26  PHE A CA  1 
ATOM   109 C C   . PHE A 1 46  ? -5.989  -14.220 -3.393  1.00 17.68 ? 26  PHE A C   1 
ATOM   110 O O   . PHE A 1 46  ? -4.833  -14.652 -3.335  1.00 17.62 ? 26  PHE A O   1 
ATOM   111 C CB  . PHE A 1 46  ? -6.526  -11.767 -2.909  1.00 17.61 ? 26  PHE A CB  1 
ATOM   112 C CG  . PHE A 1 46  ? -5.174  -11.170 -3.242  1.00 18.16 ? 26  PHE A CG  1 
ATOM   113 C CD1 . PHE A 1 46  ? -4.389  -10.577 -2.234  1.00 18.35 ? 26  PHE A CD1 1 
ATOM   114 C CD2 . PHE A 1 46  ? -4.691  -11.173 -4.556  1.00 16.89 ? 26  PHE A CD2 1 
ATOM   115 C CE1 . PHE A 1 46  ? -3.128  -10.019 -2.521  1.00 16.30 ? 26  PHE A CE1 1 
ATOM   116 C CE2 . PHE A 1 46  ? -3.451  -10.589 -4.874  1.00 16.22 ? 26  PHE A CE2 1 
ATOM   117 C CZ  . PHE A 1 46  ? -2.654  -10.034 -3.841  1.00 15.44 ? 26  PHE A CZ  1 
ATOM   118 N N   . ARG A 1 47  ? -6.864  -14.603 -4.309  1.00 18.14 ? 27  ARG A N   1 
ATOM   119 C CA  . ARG A 1 47  ? -6.468  -15.432 -5.462  1.00 20.82 ? 27  ARG A CA  1 
ATOM   120 C C   . ARG A 1 47  ? -6.521  -14.555 -6.663  1.00 18.35 ? 27  ARG A C   1 
ATOM   121 O O   . ARG A 1 47  ? -7.395  -13.706 -6.739  1.00 18.01 ? 27  ARG A O   1 
ATOM   122 C CB  . ARG A 1 47  ? -7.391  -16.649 -5.689  1.00 18.78 ? 27  ARG A CB  1 
ATOM   123 C CG  . ARG A 1 47  ? -6.931  -17.806 -4.917  1.00 23.83 ? 27  ARG A CG  1 
ATOM   124 C CD  . ARG A 1 47  ? -7.698  -19.106 -5.165  1.00 21.71 ? 27  ARG A CD  1 
ATOM   125 N NE  . ARG A 1 47  ? -7.772  -19.811 -3.886  1.00 32.71 ? 27  ARG A NE  1 
ATOM   126 C CZ  . ARG A 1 47  ? -8.858  -19.828 -3.118  1.00 26.80 ? 27  ARG A CZ  1 
ATOM   127 N NH1 . ARG A 1 47  ? -9.973  -19.227 -3.503  1.00 32.13 ? 27  ARG A NH1 1 
ATOM   128 N NH2 . ARG A 1 47  ? -8.832  -20.466 -1.984  1.00 34.99 ? 27  ARG A NH2 1 
ATOM   129 N N   . LEU A 1 48  ? -5.599  -14.784 -7.601  1.00 18.82 ? 28  LEU A N   1 
ATOM   130 C CA  . LEU A 1 48  ? -5.418  -13.912 -8.752  1.00 19.41 ? 28  LEU A CA  1 
ATOM   131 C C   . LEU A 1 48  ? -5.090  -14.765 -9.947  1.00 18.50 ? 28  LEU A C   1 
ATOM   132 O O   . LEU A 1 48  ? -4.196  -15.590 -9.861  1.00 17.31 ? 28  LEU A O   1 
ATOM   133 C CB  . LEU A 1 48  ? -4.197  -12.997 -8.547  1.00 19.59 ? 28  LEU A CB  1 
ATOM   134 C CG  . LEU A 1 48  ? -4.123  -11.543 -8.991  1.00 23.38 ? 28  LEU A CG  1 
ATOM   135 C CD1 . LEU A 1 48  ? -2.670  -11.144 -9.171  1.00 20.87 ? 28  LEU A CD1 1 
ATOM   136 C CD2 . LEU A 1 48  ? -4.964  -11.166 -10.194 1.00 22.66 ? 28  LEU A CD2 1 
ATOM   137 N N   . ILE A 1 49  ? -5.744  -14.489 -11.069 1.00 17.68 ? 29  ILE A N   1 
ATOM   138 C CA  . ILE A 1 49  ? -5.261  -14.953 -12.376 1.00 18.02 ? 29  ILE A CA  1 
ATOM   139 C C   . ILE A 1 49  ? -4.249  -13.941 -12.897 1.00 18.32 ? 29  ILE A C   1 
ATOM   140 O O   . ILE A 1 49  ? -4.577  -12.766 -13.004 1.00 17.58 ? 29  ILE A O   1 
ATOM   141 C CB  . ILE A 1 49  ? -6.432  -15.088 -13.419 1.00 18.51 ? 29  ILE A CB  1 
ATOM   142 C CG1 . ILE A 1 49  ? -7.347  -16.262 -13.037 1.00 18.21 ? 29  ILE A CG1 1 
ATOM   143 C CG2 . ILE A 1 49  ? -5.885  -15.336 -14.825 1.00 18.03 ? 29  ILE A CG2 1 
ATOM   144 C CD1 . ILE A 1 49  ? -8.682  -16.268 -13.763 1.00 17.73 ? 29  ILE A CD1 1 
ATOM   145 N N   . GLU A 1 50  ? -3.022  -14.379 -13.218 1.00 18.49 ? 30  GLU A N   1 
ATOM   146 C CA  . GLU A 1 50  ? -2.046  -13.464 -13.803 1.00 19.21 ? 30  GLU A CA  1 
ATOM   147 C C   . GLU A 1 50  ? -1.158  -14.195 -14.804 1.00 19.61 ? 30  GLU A C   1 
ATOM   148 O O   . GLU A 1 50  ? -0.967  -15.428 -14.704 1.00 18.69 ? 30  GLU A O   1 
ATOM   149 C CB  . GLU A 1 50  ? -1.198  -12.797 -12.682 1.00 20.18 ? 30  GLU A CB  1 
ATOM   150 C CG  . GLU A 1 50  ? -0.285  -11.606 -13.103 1.00 20.17 ? 30  GLU A CG  1 
ATOM   151 C CD  . GLU A 1 50  ? -1.002  -10.555 -13.926 1.00 24.79 ? 30  GLU A CD  1 
ATOM   152 O OE1 . GLU A 1 50  ? -1.559  -9.598  -13.327 1.00 26.67 ? 30  GLU A OE1 1 
ATOM   153 O OE2 . GLU A 1 50  ? -1.018  -10.672 -15.188 1.00 25.18 ? 30  GLU A OE2 1 
ATOM   154 N N   . GLU A 1 51  ? -0.604  -13.440 -15.749 1.00 19.30 ? 31  GLU A N   1 
ATOM   155 C CA  . GLU A 1 51  ? 0.457   -13.957 -16.596 1.00 20.03 ? 31  GLU A CA  1 
ATOM   156 C C   . GLU A 1 51  ? 1.689   -14.368 -15.813 1.00 19.88 ? 31  GLU A C   1 
ATOM   157 O O   . GLU A 1 51  ? 2.254   -13.579 -15.037 1.00 18.26 ? 31  GLU A O   1 
ATOM   158 C CB  . GLU A 1 51  ? 0.873   -12.895 -17.610 1.00 20.56 ? 31  GLU A CB  1 
ATOM   159 C CG  . GLU A 1 51  ? -0.151  -12.614 -18.644 1.00 23.86 ? 31  GLU A CG  1 
ATOM   160 C CD  . GLU A 1 51  ? 0.206   -11.418 -19.454 1.00 24.59 ? 31  GLU A CD  1 
ATOM   161 O OE1 . GLU A 1 51  ? 1.209   -11.491 -20.168 1.00 26.66 ? 31  GLU A OE1 1 
ATOM   162 O OE2 . GLU A 1 51  ? -0.516  -10.410 -19.369 1.00 29.93 ? 31  GLU A OE2 1 
ATOM   163 N N   . LYS A 1 52  ? 2.160   -15.581 -16.063 1.00 19.97 ? 32  LYS A N   1 
ATOM   164 C CA  . LYS A 1 52  ? 3.356   -16.076 -15.374 1.00 21.57 ? 32  LYS A CA  1 
ATOM   165 C C   . LYS A 1 52  ? 4.584   -15.169 -15.500 1.00 21.12 ? 32  LYS A C   1 
ATOM   166 O O   . LYS A 1 52  ? 5.339   -14.993 -14.535 1.00 21.68 ? 32  LYS A O   1 
ATOM   167 C CB  . LYS A 1 52  ? 3.705   -17.495 -15.855 1.00 21.74 ? 32  LYS A CB  1 
ATOM   168 C CG  . LYS A 1 52  ? 2.595   -18.446 -15.616 1.00 24.29 ? 32  LYS A CG  1 
ATOM   169 C CD  . LYS A 1 52  ? 3.106   -19.809 -15.229 1.00 29.07 ? 32  LYS A CD  1 
ATOM   170 C CE  . LYS A 1 52  ? 1.971   -20.782 -15.401 1.00 35.21 ? 32  LYS A CE  1 
ATOM   171 N NZ  . LYS A 1 52  ? 2.380   -22.127 -14.865 1.00 39.21 ? 32  LYS A NZ  1 
ATOM   172 N N   . SER A 1 53  ? 4.786   -14.588 -16.681 1.00 21.11 ? 33  SER A N   1 
ATOM   173 C CA  . SER A 1 53  ? 5.985   -13.752 -16.920 1.00 21.11 ? 33  SER A CA  1 
ATOM   174 C C   . SER A 1 53  ? 6.044   -12.476 -16.062 1.00 20.95 ? 33  SER A C   1 
ATOM   175 O O   . SER A 1 53  ? 7.134   -11.868 -15.919 1.00 21.44 ? 33  SER A O   1 
ATOM   176 C CB  . SER A 1 53  ? 6.070   -13.406 -18.402 1.00 21.20 ? 33  SER A CB  1 
ATOM   177 O OG  . SER A 1 53  ? 4.898   -12.687 -18.772 1.00 24.80 ? 33  SER A OG  1 
ATOM   178 N N   . LEU A 1 54  ? 4.891   -12.086 -15.484 1.00 19.00 ? 34  LEU A N   1 
ATOM   179 C CA  . LEU A 1 54  ? 4.777   -10.891 -14.670 1.00 18.67 ? 34  LEU A CA  1 
ATOM   180 C C   . LEU A 1 54  ? 5.101   -11.129 -13.196 1.00 18.74 ? 34  LEU A C   1 
ATOM   181 O O   . LEU A 1 54  ? 5.219   -10.202 -12.409 1.00 18.22 ? 34  LEU A O   1 
ATOM   182 C CB  . LEU A 1 54  ? 3.371   -10.314 -14.812 1.00 18.42 ? 34  LEU A CB  1 
ATOM   183 C CG  . LEU A 1 54  ? 3.193   -9.275  -15.959 1.00 20.82 ? 34  LEU A CG  1 
ATOM   184 C CD1 . LEU A 1 54  ? 3.889   -9.539  -17.261 1.00 20.06 ? 34  LEU A CD1 1 
ATOM   185 C CD2 . LEU A 1 54  ? 1.748   -8.952  -16.232 1.00 18.17 ? 34  LEU A CD2 1 
ATOM   186 N N   . LEU A 1 55  ? 5.256   -12.386 -12.816 1.00 18.22 ? 35  LEU A N   1 
ATOM   187 C CA  . LEU A 1 55  ? 5.437   -12.718 -11.410 1.00 18.38 ? 35  LEU A CA  1 
ATOM   188 C C   . LEU A 1 55  ? 6.805   -13.268 -11.129 1.00 19.17 ? 35  LEU A C   1 
ATOM   189 O O   . LEU A 1 55  ? 7.075   -13.683 -10.002 1.00 19.26 ? 35  LEU A O   1 
ATOM   190 C CB  . LEU A 1 55  ? 4.413   -13.760 -11.006 1.00 18.30 ? 35  LEU A CB  1 
ATOM   191 C CG  . LEU A 1 55  ? 2.994   -13.199 -11.094 1.00 19.62 ? 35  LEU A CG  1 
ATOM   192 C CD1 . LEU A 1 55  ? 2.018   -14.310 -10.969 1.00 21.91 ? 35  LEU A CD1 1 
ATOM   193 C CD2 . LEU A 1 55  ? 2.703   -12.148 -10.060 1.00 19.40 ? 35  LEU A CD2 1 
ATOM   194 N N   . SER A 1 56  ? 7.676   -13.267 -12.126 1.00 18.32 ? 36  SER A N   1 
ATOM   195 C CA  . SER A 1 56  ? 8.975   -13.869 -11.935 1.00 19.98 ? 36  SER A CA  1 
ATOM   196 C C   . SER A 1 56  ? 10.135  -12.917 -11.496 1.00 19.44 ? 36  SER A C   1 
ATOM   197 O O   . SER A 1 56  ? 11.270  -13.348 -11.344 1.00 20.18 ? 36  SER A O   1 
ATOM   198 C CB  . SER A 1 56  ? 9.326   -14.639 -13.182 1.00 20.80 ? 36  SER A CB  1 
ATOM   199 O OG  . SER A 1 56  ? 9.479   -13.736 -14.229 1.00 23.74 ? 36  SER A OG  1 
ATOM   200 N N   . ASP A 1 57  ? 9.840   -11.639 -11.303 1.00 18.88 ? 37  ASP A N   1 
ATOM   201 C CA  . ASP A 1 57  ? 10.838  -10.615 -11.025 1.00 18.47 ? 37  ASP A CA  1 
ATOM   202 C C   . ASP A 1 57  ? 10.595  -10.161 -9.584  1.00 16.56 ? 37  ASP A C   1 
ATOM   203 O O   . ASP A 1 57  ? 9.578   -9.594  -9.292  1.00 16.83 ? 37  ASP A O   1 
ATOM   204 C CB  . ASP A 1 57  ? 10.649  -9.475  -12.057 1.00 18.89 ? 37  ASP A CB  1 
ATOM   205 C CG  . ASP A 1 57  ? 11.684  -8.343  -11.936 1.00 20.39 ? 37  ASP A CG  1 
ATOM   206 O OD1 . ASP A 1 57  ? 12.094  -7.946  -10.833 1.00 23.18 ? 37  ASP A OD1 1 
ATOM   207 O OD2 . ASP A 1 57  ? 12.040  -7.783  -12.974 1.00 24.56 ? 37  ASP A OD2 1 
ATOM   208 N N   . ARG A 1 58  ? 11.516  -10.439 -8.678  1.00 15.53 ? 38  ARG A N   1 
ATOM   209 C CA  . ARG A 1 58  ? 11.314  -10.157 -7.261  1.00 15.13 ? 38  ARG A CA  1 
ATOM   210 C C   . ARG A 1 58  ? 10.994  -8.678  -7.018  1.00 14.52 ? 38  ARG A C   1 
ATOM   211 O O   . ARG A 1 58  ? 10.139  -8.353  -6.203  1.00 14.15 ? 38  ARG A O   1 
ATOM   212 C CB  . ARG A 1 58  ? 12.555  -10.573 -6.427  1.00 15.47 ? 38  ARG A CB  1 
ATOM   213 C CG  . ARG A 1 58  ? 12.417  -10.429 -4.915  1.00 14.09 ? 38  ARG A CG  1 
ATOM   214 C CD  . ARG A 1 58  ? 13.753  -10.742 -4.194  1.00 15.64 ? 38  ARG A CD  1 
ATOM   215 N NE  . ARG A 1 58  ? 14.737  -9.677  -4.412  1.00 14.33 ? 38  ARG A NE  1 
ATOM   216 C CZ  . ARG A 1 58  ? 15.781  -9.434  -3.610  1.00 21.25 ? 38  ARG A CZ  1 
ATOM   217 N NH1 . ARG A 1 58  ? 15.995  -10.192 -2.514  1.00 15.32 ? 38  ARG A NH1 1 
ATOM   218 N NH2 . ARG A 1 58  ? 16.619  -8.417  -3.887  1.00 15.51 ? 38  ARG A NH2 1 
ATOM   219 N N   . GLU A 1 59  ? 11.671  -7.801  -7.746  1.00 14.96 ? 39  GLU A N   1 
ATOM   220 C CA  . GLU A 1 59  ? 11.565  -6.341  -7.564  1.00 15.86 ? 39  GLU A CA  1 
ATOM   221 C C   . GLU A 1 59  ? 10.258  -5.749  -8.066  1.00 15.84 ? 39  GLU A C   1 
ATOM   222 O O   . GLU A 1 59  ? 9.846   -4.693  -7.592  1.00 17.25 ? 39  GLU A O   1 
ATOM   223 C CB  . GLU A 1 59  ? 12.726  -5.644  -8.274  1.00 15.69 ? 39  GLU A CB  1 
ATOM   224 C CG  . GLU A 1 59  ? 14.045  -5.716  -7.490  1.00 18.78 ? 39  GLU A CG  1 
ATOM   225 C CD  . GLU A 1 59  ? 14.564  -7.124  -7.316  1.00 20.38 ? 39  GLU A CD  1 
ATOM   226 O OE1 . GLU A 1 59  ? 14.588  -7.888  -8.307  1.00 20.54 ? 39  GLU A OE1 1 
ATOM   227 O OE2 . GLU A 1 59  ? 14.977  -7.453  -6.176  1.00 24.58 ? 39  GLU A OE2 1 
ATOM   228 N N   . GLN A 1 60  ? 9.596   -6.423  -9.006  1.00 15.44 ? 40  GLN A N   1 
ATOM   229 C CA  . GLN A 1 60  ? 8.311   -5.971  -9.547  1.00 15.08 ? 40  GLN A CA  1 
ATOM   230 C C   . GLN A 1 60  ? 7.096   -6.744  -9.053  1.00 14.62 ? 40  GLN A C   1 
ATOM   231 O O   . GLN A 1 60  ? 5.982   -6.354  -9.374  1.00 14.02 ? 40  GLN A O   1 
ATOM   232 C CB  . GLN A 1 60  ? 8.344   -6.014  -11.080 1.00 15.33 ? 40  GLN A CB  1 
ATOM   233 C CG  . GLN A 1 60  ? 9.421   -5.106  -11.596 1.00 20.11 ? 40  GLN A CG  1 
ATOM   234 C CD  . GLN A 1 60  ? 9.272   -4.791  -13.030 1.00 21.00 ? 40  GLN A CD  1 
ATOM   235 O OE1 . GLN A 1 60  ? 8.368   -4.030  -13.436 1.00 28.16 ? 40  GLN A OE1 1 
ATOM   236 N NE2 . GLN A 1 60  ? 10.172  -5.341  -13.833 1.00 23.41 ? 40  GLN A NE2 1 
ATOM   237 N N   . LEU A 1 61  ? 7.309   -7.812  -8.264  1.00 14.43 ? 41  LEU A N   1 
ATOM   238 C CA  . LEU A 1 61  ? 6.218   -8.674  -7.833  1.00 14.78 ? 41  LEU A CA  1 
ATOM   239 C C   . LEU A 1 61  ? 5.149   -7.903  -7.071  1.00 14.58 ? 41  LEU A C   1 
ATOM   240 O O   . LEU A 1 61  ? 3.966   -8.021  -7.382  1.00 14.96 ? 41  LEU A O   1 
ATOM   241 C CB  . LEU A 1 61  ? 6.719   -9.830  -6.952  1.00 14.97 ? 41  LEU A CB  1 
ATOM   242 C CG  . LEU A 1 61  ? 5.640   -10.770 -6.361  1.00 15.57 ? 41  LEU A CG  1 
ATOM   243 C CD1 . LEU A 1 61  ? 4.903   -11.533 -7.458  1.00 16.14 ? 41  LEU A CD1 1 
ATOM   244 C CD2 . LEU A 1 61  ? 6.305   -11.730 -5.422  1.00 16.47 ? 41  LEU A CD2 1 
ATOM   245 N N   . LEU A 1 62  ? 5.546   -7.138  -6.058  1.00 13.51 ? 42  LEU A N   1 
ATOM   246 C CA  . LEU A 1 62  ? 4.547   -6.439  -5.277  1.00 13.25 ? 42  LEU A CA  1 
ATOM   247 C C   . LEU A 1 62  ? 3.786   -5.500  -6.146  1.00 13.89 ? 42  LEU A C   1 
ATOM   248 O O   . LEU A 1 62  ? 2.577   -5.423  -6.011  1.00 15.97 ? 42  LEU A O   1 
ATOM   249 C CB  . LEU A 1 62  ? 5.178   -5.678  -4.120  1.00 13.08 ? 42  LEU A CB  1 
ATOM   250 C CG  . LEU A 1 62  ? 4.264   -4.804  -3.254  1.00 12.97 ? 42  LEU A CG  1 
ATOM   251 C CD1 . LEU A 1 62  ? 3.057   -5.588  -2.707  1.00 11.65 ? 42  LEU A CD1 1 
ATOM   252 C CD2 . LEU A 1 62  ? 5.104   -4.166  -2.116  1.00 12.90 ? 42  LEU A CD2 1 
ATOM   253 N N   . GLN A 1 63  ? 4.462   -4.752  -7.016  1.00 13.38 ? 43  GLN A N   1 
ATOM   254 C CA  . GLN A 1 63  ? 3.747   -3.789  -7.826  1.00 14.36 ? 43  GLN A CA  1 
ATOM   255 C C   . GLN A 1 63  ? 2.731   -4.458  -8.727  1.00 14.62 ? 43  GLN A C   1 
ATOM   256 O O   . GLN A 1 63  ? 1.617   -3.942  -8.947  1.00 14.47 ? 43  GLN A O   1 
ATOM   257 C CB  . GLN A 1 63  ? 4.706   -2.960  -8.672  1.00 14.76 ? 43  GLN A CB  1 
ATOM   258 C CG  . GLN A 1 63  ? 4.013   -1.775  -9.306  1.00 17.24 ? 43  GLN A CG  1 
ATOM   259 C CD  . GLN A 1 63  ? 3.364   -0.891  -8.251  1.00 19.51 ? 43  GLN A CD  1 
ATOM   260 O OE1 . GLN A 1 63  ? 4.049   -0.396  -7.335  1.00 20.61 ? 43  GLN A OE1 1 
ATOM   261 N NE2 . GLN A 1 63  ? 2.041   -0.739  -8.329  1.00 18.09 ? 43  GLN A NE2 1 
ATOM   262 N N   . VAL A 1 64  ? 3.088   -5.623  -9.250  1.00 14.45 ? 44  VAL A N   1 
ATOM   263 C CA  . VAL A 1 64  ? 2.141   -6.383  -10.124 1.00 14.31 ? 44  VAL A CA  1 
ATOM   264 C C   . VAL A 1 64  ? 0.876   -6.756  -9.348  1.00 13.45 ? 44  VAL A C   1 
ATOM   265 O O   . VAL A 1 64  ? -0.219  -6.641  -9.856  1.00 13.30 ? 44  VAL A O   1 
ATOM   266 C CB  . VAL A 1 64  ? 2.840   -7.639  -10.744 1.00 13.77 ? 44  VAL A CB  1 
ATOM   267 C CG1 . VAL A 1 64  ? 1.835   -8.581  -11.362 1.00 14.44 ? 44  VAL A CG1 1 
ATOM   268 C CG2 . VAL A 1 64  ? 3.874   -7.211  -11.759 1.00 13.72 ? 44  VAL A CG2 1 
ATOM   269 N N   . LEU A 1 65  ? 1.058   -7.162  -8.099  1.00 12.99 ? 45  LEU A N   1 
ATOM   270 C CA  . LEU A 1 65  ? -0.048  -7.491  -7.204  1.00 13.08 ? 45  LEU A CA  1 
ATOM   271 C C   . LEU A 1 65  ? -0.866  -6.260  -6.822  1.00 13.30 ? 45  LEU A C   1 
ATOM   272 O O   . LEU A 1 65  ? -2.083  -6.332  -6.864  1.00 12.45 ? 45  LEU A O   1 
ATOM   273 C CB  . LEU A 1 65  ? 0.445   -8.260  -5.957  1.00 12.79 ? 45  LEU A CB  1 
ATOM   274 C CG  . LEU A 1 65  ? 1.189   -9.594  -6.164  1.00 14.34 ? 45  LEU A CG  1 
ATOM   275 C CD1 . LEU A 1 65  ? 1.486   -10.245 -4.829  1.00 14.86 ? 45  LEU A CD1 1 
ATOM   276 C CD2 . LEU A 1 65  ? 0.470   -10.543 -7.102  1.00 12.66 ? 45  LEU A CD2 1 
ATOM   277 N N   . LEU A 1 66  ? -0.203  -5.136  -6.486  1.00 13.82 ? 46  LEU A N   1 
ATOM   278 C CA  . LEU A 1 66  ? -0.910  -3.883  -6.181  1.00 14.85 ? 46  LEU A CA  1 
ATOM   279 C C   . LEU A 1 66  ? -1.740  -3.453  -7.395  1.00 15.38 ? 46  LEU A C   1 
ATOM   280 O O   . LEU A 1 66  ? -2.850  -2.989  -7.227  1.00 16.86 ? 46  LEU A O   1 
ATOM   281 C CB  . LEU A 1 66  ? 0.061   -2.763  -5.783  1.00 15.29 ? 46  LEU A CB  1 
ATOM   282 C CG  . LEU A 1 66  ? 0.883   -3.000  -4.499  1.00 16.21 ? 46  LEU A CG  1 
ATOM   283 C CD1 . LEU A 1 66  ? 1.803   -1.849  -4.217  1.00 17.95 ? 46  LEU A CD1 1 
ATOM   284 C CD2 . LEU A 1 66  ? -0.001  -3.225  -3.330  1.00 17.78 ? 46  LEU A CD2 1 
ATOM   285 N N   . ASP A 1 67  ? -1.233  -3.643  -8.609  1.00 15.45 ? 47  ASP A N   1 
ATOM   286 C CA  . ASP A 1 67  ? -1.938  -3.216  -9.823  1.00 16.19 ? 47  ASP A CA  1 
ATOM   287 C C   . ASP A 1 67  ? -3.229  -4.011  -9.996  1.00 15.68 ? 47  ASP A C   1 
ATOM   288 O O   . ASP A 1 67  ? -4.259  -3.452  -10.358 1.00 14.63 ? 47  ASP A O   1 
ATOM   289 C CB  . ASP A 1 67  ? -1.051  -3.389  -11.068 1.00 17.09 ? 47  ASP A CB  1 
ATOM   290 C CG  . ASP A 1 67  ? 0.037   -2.329  -11.182 1.00 22.05 ? 47  ASP A CG  1 
ATOM   291 O OD1 . ASP A 1 67  ? 0.080   -1.341  -10.386 1.00 24.76 ? 47  ASP A OD1 1 
ATOM   292 O OD2 . ASP A 1 67  ? 0.872   -2.502  -12.085 1.00 26.59 ? 47  ASP A OD2 1 
ATOM   293 N N   . ALA A 1 68  ? -3.170  -5.323  -9.722  1.00 14.90 ? 48  ALA A N   1 
ATOM   294 C CA  . ALA A 1 68  ? -4.361  -6.198  -9.795  1.00 14.81 ? 48  ALA A CA  1 
ATOM   295 C C   . ALA A 1 68  ? -5.354  -5.824  -8.712  1.00 14.99 ? 48  ALA A C   1 
ATOM   296 O O   . ALA A 1 68  ? -6.549  -5.757  -8.964  1.00 15.81 ? 48  ALA A O   1 
ATOM   297 C CB  . ALA A 1 68  ? -3.963  -7.650  -9.644  1.00 15.32 ? 48  ALA A CB  1 
ATOM   298 N N   . LEU A 1 69  ? -4.866  -5.579  -7.494  1.00 15.21 ? 49  LEU A N   1 
ATOM   299 C CA  . LEU A 1 69  ? -5.711  -5.092  -6.370  1.00 15.09 ? 49  LEU A CA  1 
ATOM   300 C C   . LEU A 1 69  ? -6.411  -3.790  -6.712  1.00 15.93 ? 49  LEU A C   1 
ATOM   301 O O   . LEU A 1 69  ? -7.582  -3.599  -6.403  1.00 16.28 ? 49  LEU A O   1 
ATOM   302 C CB  . LEU A 1 69  ? -4.882  -4.941  -5.093  1.00 14.40 ? 49  LEU A CB  1 
ATOM   303 C CG  . LEU A 1 69  ? -4.418  -6.285  -4.498  1.00 13.61 ? 49  LEU A CG  1 
ATOM   304 C CD1 . LEU A 1 69  ? -3.462  -6.100  -3.328  1.00 15.25 ? 49  LEU A CD1 1 
ATOM   305 C CD2 . LEU A 1 69  ? -5.594  -7.125  -4.059  1.00 13.21 ? 49  LEU A CD2 1 
ATOM   306 N N   . THR A 1 70  ? -5.699  -2.904  -7.371  1.00 16.51 ? 50  THR A N   1 
ATOM   307 C CA  . THR A 1 70  ? -6.254  -1.622  -7.798  1.00 18.35 ? 50  THR A CA  1 
ATOM   308 C C   . THR A 1 70  ? -7.325  -1.856  -8.876  1.00 20.17 ? 50  THR A C   1 
ATOM   309 O O   . THR A 1 70  ? -8.403  -1.271  -8.814  1.00 21.59 ? 50  THR A O   1 
ATOM   310 C CB  . THR A 1 70  ? -5.131  -0.643  -8.294  1.00 17.32 ? 50  THR A CB  1 
ATOM   311 O OG1 . THR A 1 70  ? -4.358  -0.195  -7.178  1.00 18.24 ? 50  THR A OG1 1 
ATOM   312 C CG2 . THR A 1 70  ? -5.711  0.586   -8.969  1.00 18.70 ? 50  THR A CG2 1 
ATOM   313 N N   . GLU A 1 71  ? -7.041  -2.702  -9.863  1.00 21.46 ? 51  GLU A N   1 
ATOM   314 C CA  . GLU A 1 71  ? -8.029  -2.993  -10.897 1.00 22.92 ? 51  GLU A CA  1 
ATOM   315 C C   . GLU A 1 71  ? -9.272  -3.563  -10.242 1.00 23.26 ? 51  GLU A C   1 
ATOM   316 O O   . GLU A 1 71  ? -10.379 -3.172  -10.581 1.00 23.76 ? 51  GLU A O   1 
ATOM   317 C CB  . GLU A 1 71  ? -7.453  -3.976  -11.903 1.00 24.04 ? 51  GLU A CB  1 
ATOM   318 C CG  . GLU A 1 71  ? -8.382  -4.404  -12.989 1.00 30.06 ? 51  GLU A CG  1 
ATOM   319 C CD  . GLU A 1 71  ? -8.525  -3.354  -14.073 1.00 39.61 ? 51  GLU A CD  1 
ATOM   320 O OE1 . GLU A 1 71  ? -9.212  -3.652  -15.085 1.00 45.23 ? 51  GLU A OE1 1 
ATOM   321 O OE2 . GLU A 1 71  ? -7.959  -2.226  -13.939 1.00 44.18 ? 51  GLU A OE2 1 
ATOM   322 N N   . GLY A 1 72  ? -9.097  -4.479  -9.299  1.00 22.35 ? 52  GLY A N   1 
ATOM   323 C CA  . GLY A 1 72  ? -10.233 -5.115  -8.592  1.00 22.98 ? 52  GLY A CA  1 
ATOM   324 C C   . GLY A 1 72  ? -11.282 -5.782  -9.493  1.00 23.45 ? 52  GLY A C   1 
ATOM   325 O O   . GLY A 1 72  ? -12.474 -5.671  -9.244  1.00 24.07 ? 52  GLY A O   1 
ATOM   326 N N   . SER A 1 73  ? -10.849 -6.465  -10.543 1.00 23.25 ? 53  SER A N   1 
ATOM   327 C CA  . SER A 1 73  ? -11.785 -7.180  -11.428 1.00 23.41 ? 53  SER A CA  1 
ATOM   328 C C   . SER A 1 73  ? -12.161 -8.570  -10.911 1.00 22.81 ? 53  SER A C   1 
ATOM   329 O O   . SER A 1 73  ? -11.309 -9.415  -10.671 1.00 22.11 ? 53  SER A O   1 
ATOM   330 C CB  . SER A 1 73  ? -11.218 -7.283  -12.839 1.00 23.76 ? 53  SER A CB  1 
ATOM   331 O OG  . SER A 1 73  ? -12.075 -8.069  -13.650 1.00 25.68 ? 53  SER A OG  1 
ATOM   332 N N   . ASP A 1 74  ? -13.448 -8.791  -10.735 1.00 22.55 ? 54  ASP A N   1 
ATOM   333 C CA  . ASP A 1 74  ? -13.977 -10.075 -10.305 1.00 23.90 ? 54  ASP A CA  1 
ATOM   334 C C   . ASP A 1 74  ? -13.752 -11.234 -11.323 1.00 23.01 ? 54  ASP A C   1 
ATOM   335 O O   . ASP A 1 74  ? -13.892 -12.403 -10.986 1.00 22.68 ? 54  ASP A O   1 
ATOM   336 C CB  . ASP A 1 74  ? -15.490 -9.952  -10.019 1.00 24.79 ? 54  ASP A CB  1 
ATOM   337 C CG  . ASP A 1 74  ? -15.815 -9.065  -8.828  1.00 28.18 ? 54  ASP A CG  1 
ATOM   338 O OD1 . ASP A 1 74  ? -14.946 -8.841  -7.945  1.00 30.71 ? 54  ASP A OD1 1 
ATOM   339 O OD2 . ASP A 1 74  ? -16.979 -8.603  -8.783  1.00 30.81 ? 54  ASP A OD2 1 
ATOM   340 N N   . ASP A 1 75  ? -13.400 -10.904 -12.550 1.00 22.42 ? 55  ASP A N   1 
ATOM   341 C CA  . ASP A 1 75  ? -12.949 -11.920 -13.503 1.00 22.56 ? 55  ASP A CA  1 
ATOM   342 C C   . ASP A 1 75  ? -11.525 -12.383 -13.220 1.00 22.50 ? 55  ASP A C   1 
ATOM   343 O O   . ASP A 1 75  ? -11.131 -13.467 -13.642 1.00 22.38 ? 55  ASP A O   1 
ATOM   344 C CB  . ASP A 1 75  ? -12.999 -11.366 -14.916 1.00 23.06 ? 55  ASP A CB  1 
ATOM   345 C CG  . ASP A 1 75  ? -14.419 -11.070 -15.385 1.00 24.27 ? 55  ASP A CG  1 
ATOM   346 O OD1 . ASP A 1 75  ? -15.345 -11.858 -15.112 1.00 28.18 ? 55  ASP A OD1 1 
ATOM   347 O OD2 . ASP A 1 75  ? -14.606 -10.044 -16.042 1.00 29.10 ? 55  ASP A OD2 1 
ATOM   348 N N   . PHE A 1 76  ? -10.729 -11.565 -12.520 1.00 22.01 ? 56  PHE A N   1 
ATOM   349 C CA  . PHE A 1 76  ? -9.318  -11.956 -12.279 1.00 22.46 ? 56  PHE A CA  1 
ATOM   350 C C   . PHE A 1 76  ? -8.958  -12.153 -10.819 1.00 22.33 ? 56  PHE A C   1 
ATOM   351 O O   . PHE A 1 76  ? -8.022  -12.868 -10.524 1.00 21.70 ? 56  PHE A O   1 
ATOM   352 C CB  . PHE A 1 76  ? -8.382  -10.930 -12.888 1.00 22.90 ? 56  PHE A CB  1 
ATOM   353 C CG  . PHE A 1 76  ? -8.405  -10.944 -14.369 1.00 23.64 ? 56  PHE A CG  1 
ATOM   354 C CD1 . PHE A 1 76  ? -7.436  -11.656 -15.072 1.00 24.05 ? 56  PHE A CD1 1 
ATOM   355 C CD2 . PHE A 1 76  ? -9.419  -10.305 -15.062 1.00 23.25 ? 56  PHE A CD2 1 
ATOM   356 C CE1 . PHE A 1 76  ? -7.457  -11.708 -16.444 1.00 25.53 ? 56  PHE A CE1 1 
ATOM   357 C CE2 . PHE A 1 76  ? -9.460  -10.350 -16.440 1.00 25.33 ? 56  PHE A CE2 1 
ATOM   358 C CZ  . PHE A 1 76  ? -8.475  -11.062 -17.144 1.00 24.22 ? 56  PHE A CZ  1 
ATOM   359 N N   . LEU A 1 77  ? -9.710  -11.532 -9.917  1.00 22.79 ? 57  LEU A N   1 
ATOM   360 C CA  . LEU A 1 77  ? -9.304  -11.427 -8.519  1.00 24.03 ? 57  LEU A CA  1 
ATOM   361 C C   . LEU A 1 77  ? -10.413 -11.811 -7.572  1.00 23.69 ? 57  LEU A C   1 
ATOM   362 O O   . LEU A 1 77  ? -11.551 -11.402 -7.757  1.00 24.51 ? 57  LEU A O   1 
ATOM   363 C CB  . LEU A 1 77  ? -8.879  -9.984  -8.216  1.00 24.15 ? 57  LEU A CB  1 
ATOM   364 C CG  . LEU A 1 77  ? -8.667  -9.530  -6.749  1.00 25.75 ? 57  LEU A CG  1 
ATOM   365 C CD1 . LEU A 1 77  ? -7.254  -9.885  -6.333  1.00 27.05 ? 57  LEU A CD1 1 
ATOM   366 C CD2 . LEU A 1 77  ? -8.858  -8.037  -6.599  1.00 24.91 ? 57  LEU A CD2 1 
ATOM   367 N N   . GLU A 1 78  ? -10.071 -12.603 -6.566  1.00 22.95 ? 58  GLU A N   1 
ATOM   368 C CA  . GLU A 1 78  ? -10.981 -12.891 -5.480  1.00 23.67 ? 58  GLU A CA  1 
ATOM   369 C C   . GLU A 1 78  ? -10.324 -12.546 -4.136  1.00 22.55 ? 58  GLU A C   1 
ATOM   370 O O   . GLU A 1 78  ? -9.350  -13.181 -3.754  1.00 21.69 ? 58  GLU A O   1 
ATOM   371 C CB  . GLU A 1 78  ? -11.368 -14.374 -5.449  1.00 23.37 ? 58  GLU A CB  1 
ATOM   372 C CG  . GLU A 1 78  ? -12.438 -14.631 -4.381  1.00 25.97 ? 58  GLU A CG  1 
ATOM   373 C CD  . GLU A 1 78  ? -12.922 -16.076 -4.307  1.00 26.06 ? 58  GLU A CD  1 
ATOM   374 O OE1 . GLU A 1 78  ? -12.328 -16.958 -4.957  1.00 29.03 ? 58  GLU A OE1 1 
ATOM   375 O OE2 . GLU A 1 78  ? -13.884 -16.311 -3.543  1.00 31.96 ? 58  GLU A OE2 1 
ATOM   376 N N   . THR A 1 79  ? -10.866 -11.570 -3.409  1.00 22.18 ? 59  THR A N   1 
ATOM   377 C CA  . THR A 1 79  ? -10.293 -11.253 -2.095  1.00 22.45 ? 59  THR A CA  1 
ATOM   378 C C   . THR A 1 79  ? -10.807 -12.182 -1.025  1.00 22.31 ? 59  THR A C   1 
ATOM   379 O O   . THR A 1 79  ? -12.000 -12.272 -0.824  1.00 23.35 ? 59  THR A O   1 
ATOM   380 C CB  . THR A 1 79  ? -10.555 -9.824  -1.712  1.00 22.89 ? 59  THR A CB  1 
ATOM   381 O OG1 . THR A 1 79  ? -9.882  -9.001  -2.667  1.00 23.82 ? 59  THR A OG1 1 
ATOM   382 C CG2 . THR A 1 79  ? -10.010 -9.551  -0.308  1.00 22.66 ? 59  THR A CG2 1 
ATOM   383 N N   . LEU A 1 80  ? -9.910  -12.882 -0.350  1.00 21.35 ? 60  LEU A N   1 
ATOM   384 C CA  . LEU A 1 80  ? -10.322 -13.899 0.601   1.00 22.17 ? 60  LEU A CA  1 
ATOM   385 C C   . LEU A 1 80  ? -10.382 -13.336 2.018   1.00 22.57 ? 60  LEU A C   1 
ATOM   386 O O   . LEU A 1 80  ? -11.325 -13.607 2.746   1.00 23.13 ? 60  LEU A O   1 
ATOM   387 C CB  . LEU A 1 80  ? -9.388  -15.125 0.536   1.00 22.16 ? 60  LEU A CB  1 
ATOM   388 C CG  . LEU A 1 80  ? -9.319  -15.831 -0.834  1.00 20.96 ? 60  LEU A CG  1 
ATOM   389 C CD1 . LEU A 1 80  ? -8.230  -16.845 -0.878  1.00 21.41 ? 60  LEU A CD1 1 
ATOM   390 C CD2 . LEU A 1 80  ? -10.626 -16.461 -1.186  1.00 22.85 ? 60  LEU A CD2 1 
ATOM   391 N N   . GLN A 1 81  ? -9.360  -12.584 2.409   1.00 22.23 ? 61  GLN A N   1 
ATOM   392 C CA  . GLN A 1 81  ? -9.304  -11.965 3.722   1.00 26.13 ? 61  GLN A CA  1 
ATOM   393 C C   . GLN A 1 81  ? -8.686  -10.585 3.523   1.00 21.30 ? 61  GLN A C   1 
ATOM   394 O O   . GLN A 1 81  ? -7.750  -10.448 2.742   1.00 19.66 ? 61  GLN A O   1 
ATOM   395 C CB  . GLN A 1 81  ? -8.434  -12.776 4.711   1.00 24.04 ? 61  GLN A CB  1 
ATOM   396 C CG  . GLN A 1 81  ? -9.100  -13.995 5.416   1.00 31.91 ? 61  GLN A CG  1 
ATOM   397 C CD  . GLN A 1 81  ? -8.124  -14.783 6.338   1.00 26.28 ? 61  GLN A CD  1 
ATOM   398 O OE1 . GLN A 1 81  ? -6.898  -14.509 6.383   1.00 41.03 ? 61  GLN A OE1 1 
ATOM   399 N NE2 . GLN A 1 81  ? -8.669  -15.772 7.076   1.00 40.68 ? 61  GLN A NE2 1 
ATOM   400 N N   . ALA A 1 82  ? -9.214  -9.585  4.232   1.00 20.10 ? 62  ALA A N   1 
ATOM   401 C CA  . ALA A 1 82  ? -8.724  -8.197  4.158   1.00 18.42 ? 62  ALA A CA  1 
ATOM   402 C C   . ALA A 1 82  ? -8.758  -7.544  5.519   1.00 18.13 ? 62  ALA A C   1 
ATOM   403 O O   . ALA A 1 82  ? -9.790  -7.563  6.189   1.00 17.45 ? 62  ALA A O   1 
ATOM   404 C CB  . ALA A 1 82  ? -9.550  -7.406  3.228   1.00 18.47 ? 62  ALA A CB  1 
ATOM   405 N N   . SER A 1 83  ? -7.642  -6.955  5.929   1.00 16.36 ? 63  SER A N   1 
ATOM   406 C CA  . SER A 1 83  ? -7.622  -6.177  7.147   1.00 15.64 ? 63  SER A CA  1 
ATOM   407 C C   . SER A 1 83  ? -6.845  -4.923  6.798   1.00 15.53 ? 63  SER A C   1 
ATOM   408 O O   . SER A 1 83  ? -5.712  -5.024  6.332   1.00 14.54 ? 63  SER A O   1 
ATOM   409 C CB  . SER A 1 83  ? -6.942  -6.946  8.267   1.00 16.10 ? 63  SER A CB  1 
ATOM   410 O OG  . SER A 1 83  ? -6.694  -6.066  9.347   1.00 19.22 ? 63  SER A OG  1 
ATOM   411 N N   . VAL A 1 84  ? -7.488  -3.764  6.955   1.00 14.26 ? 64  VAL A N   1 
ATOM   412 C CA  . VAL A 1 84  ? -6.895  -2.472  6.611   1.00 15.22 ? 64  VAL A CA  1 
ATOM   413 C C   . VAL A 1 84  ? -7.005  -1.527  7.802   1.00 15.35 ? 64  VAL A C   1 
ATOM   414 O O   . VAL A 1 84  ? -8.119  -1.236  8.268   1.00 15.45 ? 64  VAL A O   1 
ATOM   415 C CB  . VAL A 1 84  ? -7.595  -1.861  5.374   1.00 14.63 ? 64  VAL A CB  1 
ATOM   416 C CG1 . VAL A 1 84  ? -6.988  -0.518  5.008   1.00 13.94 ? 64  VAL A CG1 1 
ATOM   417 C CG2 . VAL A 1 84  ? -7.504  -2.852  4.198   1.00 14.34 ? 64  VAL A CG2 1 
ATOM   418 N N   . LYS A 1 85  ? -5.861  -1.114  8.345   1.00 15.72 ? 65  LYS A N   1 
ATOM   419 C CA  . LYS A 1 85  ? -5.830  -0.231  9.516   1.00 16.36 ? 65  LYS A CA  1 
ATOM   420 C C   . LYS A 1 85  ? -5.020  1.012   9.187   1.00 16.78 ? 65  LYS A C   1 
ATOM   421 O O   . LYS A 1 85  ? -4.013  0.904   8.497   1.00 16.32 ? 65  LYS A O   1 
ATOM   422 C CB  . LYS A 1 85  ? -5.206  -0.962  10.690  1.00 18.73 ? 65  LYS A CB  1 
ATOM   423 C CG  . LYS A 1 85  ? -6.066  -2.172  11.118  1.00 19.49 ? 65  LYS A CG  1 
ATOM   424 C CD  . LYS A 1 85  ? -5.339  -3.086  12.106  1.00 25.78 ? 65  LYS A CD  1 
ATOM   425 C CE  . LYS A 1 85  ? -6.148  -4.349  12.462  1.00 21.24 ? 65  LYS A CE  1 
ATOM   426 N NZ  . LYS A 1 85  ? -5.549  -4.980  13.697  1.00 34.75 ? 65  LYS A NZ  1 
ATOM   427 N N   . ALA A 1 86  ? -5.479  2.186   9.634   1.00 16.52 ? 66  ALA A N   1 
ATOM   428 C CA  . ALA A 1 86  ? -4.744  3.439   9.483   1.00 17.41 ? 66  ALA A CA  1 
ATOM   429 C C   . ALA A 1 86  ? -5.031  4.337   10.703  1.00 18.74 ? 66  ALA A C   1 
ATOM   430 O O   . ALA A 1 86  ? -6.163  4.764   10.924  1.00 18.19 ? 66  ALA A O   1 
ATOM   431 C CB  . ALA A 1 86  ? -5.103  4.133   8.171   1.00 16.76 ? 66  ALA A CB  1 
ATOM   432 N N   . GLN A 1 87  ? -4.005  4.595   11.509  1.00 20.19 ? 67  GLN A N   1 
ATOM   433 C CA  . GLN A 1 87  ? -4.170  5.371   12.742  1.00 21.90 ? 67  GLN A CA  1 
ATOM   434 C C   . GLN A 1 87  ? -3.188  6.525   12.762  1.00 21.55 ? 67  GLN A C   1 
ATOM   435 O O   . GLN A 1 87  ? -1.997  6.348   12.507  1.00 20.76 ? 67  GLN A O   1 
ATOM   436 C CB  . GLN A 1 87  ? -3.939  4.446   13.943  1.00 23.18 ? 67  GLN A CB  1 
ATOM   437 C CG  . GLN A 1 87  ? -3.800  5.137   15.309  1.00 28.39 ? 67  GLN A CG  1 
ATOM   438 C CD  . GLN A 1 87  ? -4.991  4.951   16.209  1.00 32.21 ? 67  GLN A CD  1 
ATOM   439 O OE1 . GLN A 1 87  ? -5.769  4.005   16.025  1.00 38.73 ? 67  GLN A OE1 1 
ATOM   440 N NE2 . GLN A 1 87  ? -5.135  5.826   17.230  1.00 35.81 ? 67  GLN A NE2 1 
ATOM   441 N N   . GLU A 1 88  ? -3.688  7.722   13.031  1.00 22.81 ? 68  GLU A N   1 
ATOM   442 C CA  . GLU A 1 88  ? -2.818  8.881   13.127  1.00 24.81 ? 68  GLU A CA  1 
ATOM   443 C C   . GLU A 1 88  ? -1.915  8.738   14.348  1.00 25.27 ? 68  GLU A C   1 
ATOM   444 O O   . GLU A 1 88  ? -2.351  8.272   15.400  1.00 26.08 ? 68  GLU A O   1 
ATOM   445 C CB  . GLU A 1 88  ? -3.599  10.186  13.202  1.00 25.23 ? 68  GLU A CB  1 
ATOM   446 C CG  . GLU A 1 88  ? -2.765  11.375  12.781  1.00 26.26 ? 68  GLU A CG  1 
ATOM   447 C CD  . GLU A 1 88  ? -3.438  12.717  13.061  1.00 26.82 ? 68  GLU A CD  1 
ATOM   448 O OE1 . GLU A 1 88  ? -4.630  12.749  13.444  1.00 27.16 ? 68  GLU A OE1 1 
ATOM   449 O OE2 . GLU A 1 88  ? -2.763  13.732  12.880  1.00 25.73 ? 68  GLU A OE2 1 
ATOM   450 N N   . VAL A 1 89  ? -0.642  9.070   14.151  1.00 25.84 ? 69  VAL A N   1 
ATOM   451 C CA  . VAL A 1 89  ? 0.369   9.005   15.194  1.00 26.12 ? 69  VAL A CA  1 
ATOM   452 C C   . VAL A 1 89  ? 1.102   10.342  15.218  1.00 27.82 ? 69  VAL A C   1 
ATOM   453 O O   . VAL A 1 89  ? 0.977   11.178  14.286  1.00 26.94 ? 69  VAL A O   1 
ATOM   454 C CB  . VAL A 1 89  ? 1.384   7.818   15.040  1.00 25.59 ? 69  VAL A CB  1 
ATOM   455 C CG1 . VAL A 1 89  ? 0.673   6.426   15.139  1.00 23.93 ? 69  VAL A CG1 1 
ATOM   456 C CG2 . VAL A 1 89  ? 2.253   7.950   13.759  1.00 23.57 ? 69  VAL A CG2 1 
ATOM   457 N N   . SER A 1 90  ? 1.847   10.542  16.301  1.00 28.95 ? 70  SER A N   1 
ATOM   458 C CA  . SER A 1 90  ? 2.607   11.749  16.444  1.00 31.53 ? 70  SER A CA  1 
ATOM   459 C C   . SER A 1 90  ? 3.711   11.756  15.399  1.00 32.12 ? 70  SER A C   1 
ATOM   460 O O   . SER A 1 90  ? 4.261   10.726  15.053  1.00 32.33 ? 70  SER A O   1 
ATOM   461 C CB  . SER A 1 90  ? 3.145   11.841  17.869  1.00 31.80 ? 70  SER A CB  1 
ATOM   462 O OG  . SER A 1 90  ? 4.553   11.949  17.872  1.00 35.10 ? 70  SER A OG  1 
ATOM   463 N N   . GLU A 1 91  ? 4.019   12.925  14.875  1.00 33.53 ? 71  GLU A N   1 
ATOM   464 C CA  . GLU A 1 91  ? 4.993   13.043  13.815  1.00 35.32 ? 71  GLU A CA  1 
ATOM   465 C C   . GLU A 1 91  ? 6.427   12.703  14.192  1.00 35.94 ? 71  GLU A C   1 
ATOM   466 O O   . GLU A 1 91  ? 7.256   12.504  13.319  1.00 34.98 ? 71  GLU A O   1 
ATOM   467 C CB  . GLU A 1 91  ? 4.947   14.449  13.303  1.00 36.77 ? 71  GLU A CB  1 
ATOM   468 C CG  . GLU A 1 91  ? 5.411   15.445  14.305  1.00 41.34 ? 71  GLU A CG  1 
ATOM   469 C CD  . GLU A 1 91  ? 5.942   16.628  13.611  1.00 42.85 ? 71  GLU A CD  1 
ATOM   470 O OE1 . GLU A 1 91  ? 5.157   17.617  13.528  1.00 51.67 ? 71  GLU A OE1 1 
ATOM   471 O OE2 . GLU A 1 91  ? 7.104   16.529  13.098  1.00 49.38 ? 71  GLU A OE2 1 
ATOM   472 N N   . PHE A 1 92  ? 6.707   12.647  15.497  1.00 36.99 ? 72  PHE A N   1 
ATOM   473 C CA  . PHE A 1 92  ? 8.025   12.267  16.033  1.00 38.30 ? 72  PHE A CA  1 
ATOM   474 C C   . PHE A 1 92  ? 8.395   10.862  15.617  1.00 37.95 ? 72  PHE A C   1 
ATOM   475 O O   . PHE A 1 92  ? 9.569   10.533  15.544  1.00 37.45 ? 72  PHE A O   1 
ATOM   476 C CB  . PHE A 1 92  ? 8.032   12.366  17.580  1.00 41.36 ? 72  PHE A CB  1 
ATOM   477 C CG  . PHE A 1 92  ? 7.600   13.718  18.100  1.00 42.06 ? 72  PHE A CG  1 
ATOM   478 C CD1 . PHE A 1 92  ? 6.253   13.980  18.387  1.00 43.73 ? 72  PHE A CD1 1 
ATOM   479 C CD2 . PHE A 1 92  ? 8.537   14.747  18.281  1.00 46.63 ? 72  PHE A CD2 1 
ATOM   480 C CE1 . PHE A 1 92  ? 5.829   15.244  18.860  1.00 51.71 ? 72  PHE A CE1 1 
ATOM   481 C CE2 . PHE A 1 92  ? 8.134   16.022  18.764  1.00 48.64 ? 72  PHE A CE2 1 
ATOM   482 C CZ  . PHE A 1 92  ? 6.769   16.266  19.049  1.00 42.38 ? 72  PHE A CZ  1 
ATOM   483 N N   . LYS A 1 93  ? 7.369   10.041  15.348  1.00 38.22 ? 73  LYS A N   1 
ATOM   484 C CA  . LYS A 1 93  ? 7.542   8.668   14.841  1.00 38.26 ? 73  LYS A CA  1 
ATOM   485 C C   . LYS A 1 93  ? 7.988   8.593   13.363  1.00 36.92 ? 73  LYS A C   1 
ATOM   486 O O   . LYS A 1 93  ? 8.568   7.580   12.937  1.00 37.67 ? 73  LYS A O   1 
ATOM   487 C CB  . LYS A 1 93  ? 6.270   7.849   15.062  1.00 37.60 ? 73  LYS A CB  1 
ATOM   488 C CG  . LYS A 1 93  ? 5.938   7.583   16.536  1.00 39.57 ? 73  LYS A CG  1 
ATOM   489 C CD  . LYS A 1 93  ? 4.657   6.767   16.652  1.00 39.56 ? 73  LYS A CD  1 
ATOM   490 C CE  . LYS A 1 93  ? 4.648   5.864   17.884  1.00 45.21 ? 73  LYS A CE  1 
ATOM   491 N NZ  . LYS A 1 93  ? 4.258   4.477   17.496  1.00 43.77 ? 73  LYS A NZ  1 
ATOM   492 N N   . ALA A 1 94  ? 7.744   9.642   12.585  1.00 35.13 ? 74  ALA A N   1 
ATOM   493 C CA  . ALA A 1 94  ? 8.203   9.681   11.186  1.00 33.48 ? 74  ALA A CA  1 
ATOM   494 C C   . ALA A 1 94  ? 9.748   9.656   10.988  1.00 32.46 ? 74  ALA A C   1 
ATOM   495 O O   . ALA A 1 94  ? 10.497  10.092  11.858  1.00 31.64 ? 74  ALA A O   1 
ATOM   496 C CB  . ALA A 1 94  ? 7.587   10.882  10.487  1.00 33.02 ? 74  ALA A CB  1 
ATOM   497 N N   . SER A 1 95  ? 10.208  9.135   9.843   1.00 31.27 ? 75  SER A N   1 
ATOM   498 C CA  . SER A 1 95  ? 11.628  9.198   9.437   1.00 30.54 ? 75  SER A CA  1 
ATOM   499 C C   . SER A 1 95  ? 12.100  10.656  9.253   1.00 30.45 ? 75  SER A C   1 
ATOM   500 O O   . SER A 1 95  ? 11.258  11.537  9.000   1.00 30.43 ? 75  SER A O   1 
ATOM   501 C CB  . SER A 1 95  ? 11.837  8.426   8.129   1.00 30.56 ? 75  SER A CB  1 
ATOM   502 O OG  . SER A 1 95  ? 11.255  9.077   7.000   1.00 28.80 ? 75  SER A OG  1 
ATOM   503 N N   . PRO A 1 96  ? 13.423  10.931  9.420   1.00 30.09 ? 76  PRO A N   1 
ATOM   504 C CA  . PRO A 1 96  ? 13.955  12.281  9.138   1.00 29.41 ? 76  PRO A CA  1 
ATOM   505 C C   . PRO A 1 96  ? 13.454  12.856  7.814   1.00 28.33 ? 76  PRO A C   1 
ATOM   506 O O   . PRO A 1 96  ? 12.980  13.992  7.782   1.00 27.97 ? 76  PRO A O   1 
ATOM   507 C CB  . PRO A 1 96  ? 15.478  12.052  9.086   1.00 29.47 ? 76  PRO A CB  1 
ATOM   508 C CG  . PRO A 1 96  ? 15.711  10.972  10.036  1.00 30.50 ? 76  PRO A CG  1 
ATOM   509 C CD  . PRO A 1 96  ? 14.495  10.037  9.910   1.00 30.05 ? 76  PRO A CD  1 
ATOM   510 N N   . GLN A 1 97  ? 13.525  12.068  6.736   1.00 27.25 ? 77  GLN A N   1 
ATOM   511 C CA  . GLN A 1 97  ? 13.064  12.510  5.421   1.00 26.54 ? 77  GLN A CA  1 
ATOM   512 C C   . GLN A 1 97  ? 11.572  12.905  5.437   1.00 25.71 ? 77  GLN A C   1 
ATOM   513 O O   . GLN A 1 97  ? 11.191  13.906  4.868   1.00 24.11 ? 77  GLN A O   1 
ATOM   514 C CB  . GLN A 1 97  ? 13.303  11.405  4.416   1.00 27.58 ? 77  GLN A CB  1 
ATOM   515 C CG  . GLN A 1 97  ? 13.383  11.866  3.032   1.00 29.28 ? 77  GLN A CG  1 
ATOM   516 C CD  . GLN A 1 97  ? 13.966  10.801  2.120   1.00 31.14 ? 77  GLN A CD  1 
ATOM   517 O OE1 . GLN A 1 97  ? 14.613  9.784   2.691   1.00 35.86 ? 77  GLN A OE1 1 
ATOM   518 N NE2 . GLN A 1 97  ? 13.822  10.897  0.908   1.00 33.43 ? 77  GLN A NE2 1 
ATOM   519 N N   . MET A 1 98  ? 10.749  12.093  6.095   1.00 24.70 ? 78  MET A N   1 
ATOM   520 C CA  . MET A 1 98  ? 9.332   12.399  6.287   1.00 23.81 ? 78  MET A CA  1 
ATOM   521 C C   . MET A 1 98  ? 9.063   13.605  7.203   1.00 23.25 ? 78  MET A C   1 
ATOM   522 O O   . MET A 1 98  ? 8.178   14.405  6.914   1.00 23.09 ? 78  MET A O   1 
ATOM   523 C CB  . MET A 1 98  ? 8.563   11.149  6.759   1.00 23.36 ? 78  MET A CB  1 
ATOM   524 C CG  . MET A 1 98  ? 8.398   10.049  5.675   1.00 23.06 ? 78  MET A CG  1 
ATOM   525 S SD  . MET A 1 98  ? 7.646   8.592   6.421   1.00 25.09 ? 78  MET A SD  1 
ATOM   526 C CE  . MET A 1 98  ? 6.005   9.137   6.889   1.00 23.68 ? 78  MET A CE  1 
ATOM   527 N N   . ARG A 1 99  ? 9.817   13.758  8.285   1.00 22.59 ? 79  ARG A N   1 
ATOM   528 C CA  . ARG A 1 99  ? 9.645   14.946  9.135   1.00 24.12 ? 79  ARG A CA  1 
ATOM   529 C C   . ARG A 1 99  ? 9.991   16.240  8.397   1.00 22.99 ? 79  ARG A C   1 
ATOM   530 O O   . ARG A 1 99  ? 9.328   17.268  8.608   1.00 23.20 ? 79  ARG A O   1 
ATOM   531 C CB  . ARG A 1 99  ? 10.455  14.851  10.425  1.00 23.34 ? 79  ARG A CB  1 
ATOM   532 C CG  . ARG A 1 99  ? 10.073  13.658  11.319  1.00 26.53 ? 79  ARG A CG  1 
ATOM   533 C CD  . ARG A 1 99  ? 10.455  13.846  12.813  1.00 27.32 ? 79  ARG A CD  1 
ATOM   534 N NE  . ARG A 1 99  ? 9.668   14.927  13.431  1.00 35.90 ? 79  ARG A NE  1 
ATOM   535 C CZ  . ARG A 1 99  ? 9.951   15.517  14.600  1.00 34.74 ? 79  ARG A CZ  1 
ATOM   536 N NH1 . ARG A 1 99  ? 11.020  15.141  15.295  1.00 39.96 ? 79  ARG A NH1 1 
ATOM   537 N NH2 . ARG A 1 99  ? 9.173   16.495  15.080  1.00 38.55 ? 79  ARG A NH2 1 
ATOM   538 N N   . ARG A 1 100 ? 11.019  16.198  7.543   1.00 22.53 ? 80  ARG A N   1 
ATOM   539 C CA  . ARG A 1 100 ? 11.363  17.339  6.657   1.00 22.62 ? 80  ARG A CA  1 
ATOM   540 C C   . ARG A 1 100 ? 10.219  17.616  5.704   1.00 22.54 ? 80  ARG A C   1 
ATOM   541 O O   . ARG A 1 100 ? 9.844   18.766  5.534   1.00 23.48 ? 80  ARG A O   1 
ATOM   542 C CB  . ARG A 1 100 ? 12.662  17.104  5.870   1.00 22.05 ? 80  ARG A CB  1 
ATOM   543 C CG  . ARG A 1 100 ? 13.938  17.067  6.768   1.00 22.82 ? 80  ARG A CG  1 
ATOM   544 C CD  . ARG A 1 100 ? 15.186  16.460  6.097   1.00 22.90 ? 80  ARG A CD  1 
ATOM   545 N NE  . ARG A 1 100 ? 15.677  17.282  4.993   1.00 25.85 ? 80  ARG A NE  1 
ATOM   546 C CZ  . ARG A 1 100 ? 16.609  18.239  5.114   1.00 26.85 ? 80  ARG A CZ  1 
ATOM   547 N NH1 . ARG A 1 100 ? 17.179  18.509  6.294   1.00 23.70 ? 80  ARG A NH1 1 
ATOM   548 N NH2 . ARG A 1 100 ? 16.987  18.937  4.052   1.00 29.45 ? 80  ARG A NH2 1 
ATOM   549 N N   . GLN A 1 101 ? 9.625   16.562  5.133   1.00 21.78 ? 81  GLN A N   1 
ATOM   550 C CA  . GLN A 1 101 ? 8.513   16.734  4.205   1.00 21.50 ? 81  GLN A CA  1 
ATOM   551 C C   . GLN A 1 101 ? 7.326   17.378  4.885   1.00 21.34 ? 81  GLN A C   1 
ATOM   552 O O   . GLN A 1 101 ? 6.668   18.237  4.311   1.00 21.78 ? 81  GLN A O   1 
ATOM   553 C CB  . GLN A 1 101 ? 8.114   15.395  3.537   1.00 21.10 ? 81  GLN A CB  1 
ATOM   554 C CG  . GLN A 1 101 ? 7.049   15.514  2.426   1.00 21.44 ? 81  GLN A CG  1 
ATOM   555 C CD  . GLN A 1 101 ? 7.418   16.462  1.308   1.00 21.82 ? 81  GLN A CD  1 
ATOM   556 O OE1 . GLN A 1 101 ? 8.642   16.435  0.890   1.00 27.85 ? 81  GLN A OE1 1 
ATOM   557 N NE2 . GLN A 1 101 ? 6.585   17.221  0.835   1.00 22.18 ? 81  GLN A NE2 1 
ATOM   558 N N   . LEU A 1 102 ? 7.071   16.980  6.127   1.00 21.99 ? 82  LEU A N   1 
ATOM   559 C CA  . LEU A 1 102 ? 6.012   17.560  6.920   1.00 22.48 ? 82  LEU A CA  1 
ATOM   560 C C   . LEU A 1 102 ? 6.186   19.069  7.141   1.00 22.72 ? 82  LEU A C   1 
ATOM   561 O O   . LEU A 1 102 ? 5.223   19.827  7.031   1.00 22.94 ? 82  LEU A O   1 
ATOM   562 C CB  . LEU A 1 102 ? 5.964   16.815  8.244   1.00 22.88 ? 82  LEU A CB  1 
ATOM   563 C CG  . LEU A 1 102 ? 4.659   16.418  8.895   1.00 25.66 ? 82  LEU A CG  1 
ATOM   564 C CD1 . LEU A 1 102 ? 3.559   15.963  7.906   1.00 23.93 ? 82  LEU A CD1 1 
ATOM   565 C CD2 . LEU A 1 102 ? 5.025   15.315  9.893   1.00 25.93 ? 82  LEU A CD2 1 
ATOM   566 N N   . MET A 1 103 ? 7.400   19.515  7.450   1.00 22.68 ? 83  MET A N   1 
ATOM   567 C CA  . MET A 1 103 ? 7.686   20.958  7.593   1.00 23.49 ? 83  MET A CA  1 
ATOM   568 C C   . MET A 1 103 ? 7.447   21.697  6.269   1.00 23.83 ? 83  MET A C   1 
ATOM   569 O O   . MET A 1 103 ? 6.874   22.776  6.232   1.00 23.86 ? 83  MET A O   1 
ATOM   570 C CB  . MET A 1 103 ? 9.124   21.175  8.073   1.00 22.57 ? 83  MET A CB  1 
ATOM   571 C CG  . MET A 1 103 ? 9.364   20.720  9.496   1.00 22.85 ? 83  MET A CG  1 
ATOM   572 S SD  . MET A 1 103 ? 10.972  21.256  10.189  1.00 26.19 ? 83  MET A SD  1 
ATOM   573 C CE  . MET A 1 103 ? 12.053  20.110  9.381   1.00 20.07 ? 83  MET A CE  1 
ATOM   574 N N   . ARG A 1 104 ? 7.875   21.074  5.181   1.00 25.50 ? 84  ARG A N   1 
ATOM   575 C CA  . ARG A 1 104 ? 7.768   21.600  3.847   1.00 26.90 ? 84  ARG A CA  1 
ATOM   576 C C   . ARG A 1 104 ? 6.285   21.810  3.527   1.00 28.13 ? 84  ARG A C   1 
ATOM   577 O O   . ARG A 1 104 ? 5.919   22.867  3.042   1.00 28.58 ? 84  ARG A O   1 
ATOM   578 C CB  . ARG A 1 104 ? 8.410   20.578  2.918   1.00 27.45 ? 84  ARG A CB  1 
ATOM   579 C CG  . ARG A 1 104 ? 8.867   21.070  1.643   1.00 28.23 ? 84  ARG A CG  1 
ATOM   580 C CD  . ARG A 1 104 ? 9.608   19.962  0.925   1.00 29.48 ? 84  ARG A CD  1 
ATOM   581 N NE  . ARG A 1 104 ? 11.035  19.958  1.211   1.00 25.51 ? 84  ARG A NE  1 
ATOM   582 C CZ  . ARG A 1 104 ? 11.715  18.916  1.679   1.00 27.69 ? 84  ARG A CZ  1 
ATOM   583 N NH1 . ARG A 1 104 ? 11.103  17.752  1.911   1.00 23.79 ? 84  ARG A NH1 1 
ATOM   584 N NH2 . ARG A 1 104 ? 13.021  19.035  1.894   1.00 23.23 ? 84  ARG A NH2 1 
ATOM   585 N N   . LEU A 1 105 ? 5.425   20.839  3.864   1.00 28.94 ? 85  LEU A N   1 
ATOM   586 C CA  . LEU A 1 105 ? 3.985   20.940  3.607   1.00 29.83 ? 85  LEU A CA  1 
ATOM   587 C C   . LEU A 1 105 ? 3.271   21.915  4.521   1.00 31.46 ? 85  LEU A C   1 
ATOM   588 O O   . LEU A 1 105 ? 2.330   22.560  4.117   1.00 31.66 ? 85  LEU A O   1 
ATOM   589 C CB  . LEU A 1 105 ? 3.308   19.557  3.734   1.00 29.97 ? 85  LEU A CB  1 
ATOM   590 C CG  . LEU A 1 105 ? 3.742   18.433  2.775   1.00 29.30 ? 85  LEU A CG  1 
ATOM   591 C CD1 . LEU A 1 105 ? 3.223   17.047  3.211   1.00 26.44 ? 85  LEU A CD1 1 
ATOM   592 C CD2 . LEU A 1 105 ? 3.347   18.750  1.327   1.00 29.64 ? 85  LEU A CD2 1 
ATOM   593 N N   . ARG A 1 106 ? 3.677   22.006  5.777   1.00 33.30 ? 86  ARG A N   1 
ATOM   594 C CA  . ARG A 1 106 ? 2.970   22.874  6.695   1.00 35.65 ? 86  ARG A CA  1 
ATOM   595 C C   . ARG A 1 106 ? 3.376   24.353  6.556   1.00 37.38 ? 86  ARG A C   1 
ATOM   596 O O   . ARG A 1 106 ? 2.687   25.254  7.044   1.00 37.66 ? 86  ARG A O   1 
ATOM   597 C CB  . ARG A 1 106 ? 3.072   22.322  8.111   1.00 35.60 ? 86  ARG A CB  1 
ATOM   598 C CG  . ARG A 1 106 ? 2.315   21.003  8.169   1.00 36.41 ? 86  ARG A CG  1 
ATOM   599 C CD  . ARG A 1 106 ? 2.506   20.319  9.462   1.00 38.46 ? 86  ARG A CD  1 
ATOM   600 N NE  . ARG A 1 106 ? 1.541   19.247  9.630   1.00 37.84 ? 86  ARG A NE  1 
ATOM   601 C CZ  . ARG A 1 106 ? 1.626   18.323  10.578  1.00 40.67 ? 86  ARG A CZ  1 
ATOM   602 N NH1 . ARG A 1 106 ? 2.655   18.354  11.435  1.00 41.25 ? 86  ARG A NH1 1 
ATOM   603 N NH2 . ARG A 1 106 ? 0.695   17.357  10.664  1.00 40.18 ? 86  ARG A NH2 1 
ATOM   604 N N   . ASN A 1 107 ? 4.443   24.599  5.809   1.00 39.29 ? 87  ASN A N   1 
ATOM   605 C CA  . ASN A 1 107 ? 4.953   25.958  5.592   1.00 40.98 ? 87  ASN A CA  1 
ATOM   606 C C   . ASN A 1 107 ? 5.025   26.325  4.113   1.00 41.88 ? 87  ASN A C   1 
ATOM   607 O O   . ASN A 1 107 ? 4.004   26.380  3.407   1.00 43.37 ? 87  ASN A O   1 
ATOM   608 C CB  . ASN A 1 107 ? 6.335   26.110  6.253   1.00 41.45 ? 87  ASN A CB  1 
ATOM   609 C CG  . ASN A 1 107 ? 6.300   25.833  7.776   1.00 42.13 ? 87  ASN A CG  1 
ATOM   610 O OD1 . ASN A 1 107 ? 5.720   26.628  8.530   1.00 45.21 ? 87  ASN A OD1 1 
ATOM   611 N ND2 . ASN A 1 107 ? 6.925   24.727  8.224   1.00 39.57 ? 87  ASN A ND2 1 
HETATM 612 O O   . HOH B 2 .   ? 8.349   -6.427  -5.171  1.00 14.49 ? 94  HOH A O   1 
HETATM 613 O O   . HOH B 2 .   ? -1.358  -7.144  -12.323 1.00 15.50 ? 95  HOH A O   1 
HETATM 614 O O   . HOH B 2 .   ? 7.351   -10.107 -10.952 1.00 19.98 ? 96  HOH A O   1 
HETATM 615 O O   . HOH B 2 .   ? -7.981  -7.304  -10.877 1.00 17.75 ? 97  HOH A O   1 
HETATM 616 O O   . HOH B 2 .   ? 7.282   -3.962  -6.620  1.00 16.52 ? 98  HOH A O   1 
HETATM 617 O O   . HOH B 2 .   ? 0.084   13.273  12.552  1.00 28.00 ? 99  HOH A O   1 
HETATM 618 O O   . HOH B 2 .   ? -6.965  17.097  4.471   1.00 23.62 ? 100 HOH A O   1 
HETATM 619 O O   . HOH B 2 .   ? -15.672 -14.401 -15.885 1.00 22.56 ? 101 HOH A O   1 
HETATM 620 O O   . HOH B 2 .   ? -4.308  -1.500  -11.908 1.00 22.23 ? 102 HOH A O   1 
HETATM 621 O O   . HOH B 2 .   ? -4.284  -4.919  9.342   1.00 25.46 ? 103 HOH A O   1 
HETATM 622 O O   . HOH B 2 .   ? 2.206   8.358   18.460  1.00 26.58 ? 104 HOH A O   1 
HETATM 623 O O   . HOH B 2 .   ? 14.810  9.419   6.344   1.00 27.72 ? 105 HOH A O   1 
HETATM 624 O O   . HOH B 2 .   ? 14.622  -7.037  -10.814 1.00 25.85 ? 106 HOH A O   1 
HETATM 625 O O   . HOH B 2 .   ? -6.419  -10.520 6.642   1.00 28.12 ? 107 HOH A O   1 
HETATM 626 O O   . HOH B 2 .   ? -13.912 -13.456 -8.485  1.00 30.16 ? 108 HOH A O   1 
HETATM 627 O O   . HOH B 2 .   ? -15.513 -6.790  -11.515 1.00 31.17 ? 109 HOH A O   1 
HETATM 628 O O   . HOH B 2 .   ? -3.649  -5.807  -13.153 1.00 23.73 ? 110 HOH A O   1 
HETATM 629 O O   . HOH B 2 .   ? -12.319 -8.895  -7.314  1.00 27.94 ? 111 HOH A O   1 
HETATM 630 O O   . HOH B 2 .   ? -4.390  -9.989  -13.489 1.00 25.80 ? 112 HOH A O   1 
HETATM 631 O O   . HOH B 2 .   ? 18.689  -7.781  -2.055  1.00 25.23 ? 113 HOH A O   1 
HETATM 632 O O   . HOH B 2 .   ? 3.298   -13.382 -20.572 1.00 30.68 ? 114 HOH A O   1 
HETATM 633 O O   . HOH B 2 .   ? 8.161   17.843  10.918  1.00 32.56 ? 115 HOH A O   1 
HETATM 634 O O   . HOH B 2 .   ? -8.509  4.680   9.354   1.00 34.35 ? 116 HOH A O   1 
HETATM 635 O O   . HOH B 2 .   ? 5.206   -0.825  -5.036  1.00 36.10 ? 117 HOH A O   1 
HETATM 636 O O   . HOH B 2 .   ? -9.005  -6.293  -1.952  1.00 30.15 ? 118 HOH A O   1 
HETATM 637 O O   . HOH B 2 .   ? -6.853  7.771   14.125  1.00 47.36 ? 119 HOH A O   1 
HETATM 638 O O   . HOH B 2 .   ? -1.092  19.595  8.372   1.00 25.90 ? 120 HOH A O   1 
HETATM 639 O O   . HOH B 2 .   ? 17.645  -9.497  -0.037  1.00 27.11 ? 121 HOH A O   1 
HETATM 640 O O   . HOH B 2 .   ? -2.376  0.634   12.193  1.00 32.92 ? 122 HOH A O   1 
HETATM 641 O O   . HOH B 2 .   ? -1.940  1.131   -7.957  0.50 35.13 ? 123 HOH A O   1 
HETATM 642 O O   . HOH B 2 .   ? 3.794   -1.935  -13.221 1.00 38.87 ? 124 HOH A O   1 
HETATM 643 O O   . HOH B 2 .   ? 14.409  16.566  2.351   1.00 35.02 ? 125 HOH A O   1 
HETATM 644 O O   . HOH B 2 .   ? -1.729  7.548   18.149  1.00 34.20 ? 126 HOH A O   1 
HETATM 645 O O   . HOH B 2 .   ? 6.020   20.116  11.020  1.00 31.94 ? 127 HOH A O   1 
HETATM 646 O O   . HOH B 2 .   ? 12.537  11.349  13.020  1.00 42.22 ? 128 HOH A O   1 
HETATM 647 O O   . HOH B 2 .   ? -4.879  8.425   16.394  1.00 38.41 ? 129 HOH A O   1 
HETATM 648 O O   . HOH B 2 .   ? -11.675 -10.768 5.724   1.00 41.86 ? 130 HOH A O   1 
HETATM 649 O O   . HOH B 2 .   ? -1.647  0.275   -10.292 1.00 36.94 ? 131 HOH A O   1 
HETATM 650 O O   . HOH B 2 .   ? 6.399   0.421   -7.606  1.00 40.52 ? 132 HOH A O   1 
HETATM 651 O O   . HOH B 2 .   ? 13.046  -5.205  -12.948 1.00 41.14 ? 133 HOH A O   1 
HETATM 652 O O   . HOH B 2 .   ? 9.313   -13.502 -8.064  1.00 31.40 ? 134 HOH A O   1 
HETATM 653 O O   . HOH B 2 .   ? -6.065  -7.836  -13.016 1.00 27.35 ? 135 HOH A O   1 
HETATM 654 O O   . HOH B 2 .   ? 14.130  13.801  12.503  1.00 36.72 ? 136 HOH A O   1 
HETATM 655 O O   . HOH B 2 .   ? 5.723   27.164  11.042  1.00 37.35 ? 137 HOH A O   1 
HETATM 656 O O   . HOH B 2 .   ? -0.239  -1.648  -14.526 1.00 41.36 ? 138 HOH A O   1 
HETATM 657 O O   . HOH B 2 .   ? -0.052  -0.350  12.968  1.00 34.09 ? 139 HOH A O   1 
HETATM 658 O O   . HOH B 2 .   ? -13.494 -10.670 -3.910  1.00 31.41 ? 140 HOH A O   1 
HETATM 659 O O   . HOH B 2 .   ? -13.618 -20.076 -4.506  1.00 39.88 ? 141 HOH A O   1 
HETATM 660 O O   . HOH B 2 .   ? 4.556   29.786  4.533   1.00 38.29 ? 142 HOH A O   1 
HETATM 661 O O   . HOH B 2 .   ? -2.030  -6.991  8.756   1.00 47.28 ? 143 HOH A O   1 
HETATM 662 O O   . HOH B 2 .   ? 2.630   -3.932  -12.877 1.00 38.42 ? 144 HOH A O   1 
HETATM 663 O O   . HOH B 2 .   ? 7.903   -2.004  -9.542  1.00 35.55 ? 145 HOH A O   1 
HETATM 664 O O   . HOH B 2 .   ? 10.349  17.758  17.756  1.00 47.67 ? 146 HOH A O   1 
HETATM 665 O O   . HOH B 2 .   ? 7.066   -2.036  -4.782  1.00 34.44 ? 147 HOH A O   1 
HETATM 666 O O   . HOH B 2 .   ? -12.226 -8.541  -4.436  1.00 41.31 ? 148 HOH A O   1 
HETATM 667 O O   . HOH B 2 .   ? 3.153   -25.068 -13.651 0.50 44.99 ? 149 HOH A O   1 
HETATM 668 O O   . HOH B 2 .   ? -10.216 -9.125  8.477   1.00 35.87 ? 150 HOH A O   1 
HETATM 669 O O   . HOH B 2 .   ? 6.687   27.480  3.392   1.00 45.64 ? 151 HOH A O   1 
HETATM 670 O O   . HOH B 2 .   ? -7.505  21.234  5.886   1.00 44.75 ? 152 HOH A O   1 
# 
loop_
_atom_site_anisotrop.id 
_atom_site_anisotrop.type_symbol 
_atom_site_anisotrop.pdbx_label_atom_id 
_atom_site_anisotrop.pdbx_label_alt_id 
_atom_site_anisotrop.pdbx_label_comp_id 
_atom_site_anisotrop.pdbx_label_asym_id 
_atom_site_anisotrop.pdbx_label_seq_id 
_atom_site_anisotrop.pdbx_PDB_ins_code 
_atom_site_anisotrop.U[1][1] 
_atom_site_anisotrop.U[2][2] 
_atom_site_anisotrop.U[3][3] 
_atom_site_anisotrop.U[1][2] 
_atom_site_anisotrop.U[1][3] 
_atom_site_anisotrop.U[2][3] 
_atom_site_anisotrop.pdbx_auth_seq_id 
_atom_site_anisotrop.pdbx_auth_comp_id 
_atom_site_anisotrop.pdbx_auth_asym_id 
_atom_site_anisotrop.pdbx_auth_atom_id 
1   N N   . LEU A 33  ? 0.5360 0.5323 0.5314 0.0080  -0.0009 0.0027  13  LEU A N   
2   C CA  . LEU A 33  ? 0.5306 0.5236 0.5249 0.0050  -0.0046 0.0044  13  LEU A CA  
3   C C   . LEU A 33  ? 0.5052 0.5029 0.5090 0.0064  -0.0027 0.0042  13  LEU A C   
4   O O   . LEU A 33  ? 0.5178 0.5094 0.5242 0.0102  -0.0111 0.0115  13  LEU A O   
5   C CB  . LEU A 33  ? 0.5377 0.5356 0.5282 0.0006  0.0013  0.0067  13  LEU A CB  
6   C CG  . LEU A 33  ? 0.5543 0.5501 0.5470 0.0081  -0.0041 -0.0008 13  LEU A CG  
7   C CD1 . LEU A 33  ? 0.5907 0.5711 0.5695 0.0080  0.0049  -0.0011 13  LEU A CD1 
8   C CD2 . LEU A 33  ? 0.5771 0.5773 0.5875 -0.0023 -0.0059 0.0031  13  LEU A CD2 
9   N N   . GLU A 34  ? 0.4776 0.4680 0.4769 0.0077  -0.0097 -0.0005 14  GLU A N   
10  C CA  . GLU A 34  ? 0.4665 0.4459 0.4799 0.0083  -0.0092 -0.0050 14  GLU A CA  
11  C C   . GLU A 34  ? 0.4088 0.4060 0.4130 0.0067  -0.0057 -0.0071 14  GLU A C   
12  O O   . GLU A 34  ? 0.3947 0.3667 0.3959 0.0157  -0.0064 -0.0126 14  GLU A O   
13  C CB  . GLU A 34  ? 0.4555 0.4527 0.4552 0.0077  0.0022  -0.0058 14  GLU A CB  
14  C CG  . GLU A 34  ? 0.5308 0.5114 0.5106 0.0017  -0.0173 -0.0062 14  GLU A CG  
15  C CD  . GLU A 34  ? 0.4730 0.5096 0.4339 -0.0046 0.0022  -0.0221 14  GLU A CD  
16  O OE1 . GLU A 34  ? 0.6042 0.6064 0.5870 -0.0029 -0.0311 -0.0105 14  GLU A OE1 
17  O OE2 . GLU A 34  ? 0.5732 0.5854 0.5845 0.0240  0.0021  -0.0001 14  GLU A OE2 
18  N N   . VAL A 35  ? 0.3824 0.3588 0.3714 0.0019  -0.0076 -0.0129 15  VAL A N   
19  C CA  . VAL A 35  ? 0.3419 0.3274 0.3277 0.0009  -0.0108 -0.0120 15  VAL A CA  
20  C C   . VAL A 35  ? 0.3389 0.3209 0.3257 0.0054  -0.0091 -0.0141 15  VAL A C   
21  O O   . VAL A 35  ? 0.3409 0.3244 0.3139 0.0084  -0.0113 -0.0196 15  VAL A O   
22  C CB  . VAL A 35  ? 0.3344 0.3099 0.3263 -0.0017 -0.0137 -0.0132 15  VAL A CB  
23  C CG1 . VAL A 35  ? 0.3016 0.2791 0.3204 -0.0053 -0.0090 -0.0099 15  VAL A CG1 
24  C CG2 . VAL A 35  ? 0.3081 0.3324 0.3231 -0.0054 -0.0106 -0.0074 15  VAL A CG2 
25  N N   . GLY A 36  ? 0.3271 0.3049 0.2943 0.0083  -0.0072 -0.0150 16  GLY A N   
26  C CA  . GLY A 36  ? 0.3107 0.2874 0.2796 0.0106  0.0020  -0.0083 16  GLY A CA  
27  C C   . GLY A 36  ? 0.2970 0.2762 0.2681 0.0096  -0.0051 -0.0065 16  GLY A C   
28  O O   . GLY A 36  ? 0.2958 0.2560 0.2654 0.0161  0.0043  0.0116  16  GLY A O   
29  N N   . VAL A 37  ? 0.2882 0.2698 0.2556 0.0040  -0.0074 -0.0105 17  VAL A N   
30  C CA  . VAL A 37  ? 0.2624 0.2655 0.2510 0.0063  -0.0090 -0.0061 17  VAL A CA  
31  C C   . VAL A 37  ? 0.2662 0.2755 0.2576 0.0085  -0.0098 -0.0102 17  VAL A C   
32  O O   . VAL A 37  ? 0.2661 0.2704 0.2502 0.0084  -0.0035 -0.0124 17  VAL A O   
33  C CB  . VAL A 37  ? 0.2736 0.2687 0.2547 0.0048  -0.0049 -0.0061 17  VAL A CB  
34  C CG1 . VAL A 37  ? 0.2811 0.2864 0.2757 0.0152  -0.0159 -0.0035 17  VAL A CG1 
35  C CG2 . VAL A 37  ? 0.2747 0.2650 0.2567 -0.0067 -0.0198 0.0051  17  VAL A CG2 
36  N N   . TYR A 38  ? 0.2468 0.2604 0.2514 0.0117  -0.0134 -0.0169 18  TYR A N   
37  C CA  . TYR A 38  ? 0.2523 0.2598 0.2499 0.0031  -0.0100 -0.0081 18  TYR A CA  
38  C C   . TYR A 38  ? 0.2460 0.2522 0.2480 -0.0001 -0.0107 -0.0106 18  TYR A C   
39  O O   . TYR A 38  ? 0.2512 0.2351 0.2503 0.0130  -0.0034 -0.0162 18  TYR A O   
40  C CB  . TYR A 38  ? 0.2579 0.2715 0.2676 -0.0026 -0.0066 -0.0086 18  TYR A CB  
41  C CG  . TYR A 38  ? 0.2776 0.2672 0.2723 0.0051  -0.0118 -0.0116 18  TYR A CG  
42  C CD1 . TYR A 38  ? 0.2591 0.2567 0.2688 0.0084  -0.0184 -0.0223 18  TYR A CD1 
43  C CD2 . TYR A 38  ? 0.2771 0.2722 0.2743 0.0113  -0.0250 -0.0116 18  TYR A CD2 
44  C CE1 . TYR A 38  ? 0.3107 0.3083 0.2987 0.0164  -0.0194 -0.0125 18  TYR A CE1 
45  C CE2 . TYR A 38  ? 0.2922 0.3021 0.3043 0.0057  -0.0249 -0.0234 18  TYR A CE2 
46  C CZ  . TYR A 38  ? 0.2911 0.2935 0.3048 0.0173  -0.0054 -0.0098 18  TYR A CZ  
47  O OH  . TYR A 38  ? 0.3324 0.3169 0.3327 0.0240  -0.0118 -0.0250 18  TYR A OH  
48  N N   . GLU A 39  ? 0.2448 0.2572 0.2403 -0.0032 -0.0112 -0.0090 19  GLU A N   
49  C CA  . GLU A 39  ? 0.2545 0.2653 0.2431 -0.0012 -0.0046 -0.0110 19  GLU A CA  
50  C C   . GLU A 39  ? 0.2391 0.2483 0.2296 -0.0030 -0.0006 -0.0079 19  GLU A C   
51  O O   . GLU A 39  ? 0.2301 0.2330 0.2114 -0.0104 -0.0002 -0.0149 19  GLU A O   
52  C CB  . GLU A 39  ? 0.2755 0.3005 0.2672 0.0077  -0.0114 -0.0019 19  GLU A CB  
53  C CG  . GLU A 39  ? 0.3581 0.3938 0.3828 0.0214  0.0099  -0.0038 19  GLU A CG  
54  C CD  . GLU A 39  ? 0.4241 0.3771 0.3805 -0.0489 -0.0335 0.0313  19  GLU A CD  
55  O OE1 . GLU A 39  ? 0.5165 0.5033 0.4790 0.0588  0.0034  0.0062  19  GLU A OE1 
56  O OE2 . GLU A 39  ? 0.5255 0.5815 0.5488 0.0110  -0.0237 -0.0206 19  GLU A OE2 
57  N N   . CYS A 40  ? 0.2210 0.2361 0.2169 -0.0089 0.0015  -0.0149 20  CYS A N   
58  C CA  . CYS A 40  ? 0.2138 0.2305 0.2094 -0.0083 -0.0040 -0.0154 20  CYS A CA  
59  C C   . CYS A 40  ? 0.2135 0.2388 0.2153 -0.0058 -0.0056 -0.0202 20  CYS A C   
60  O O   . CYS A 40  ? 0.1996 0.2247 0.2015 -0.0194 0.0038  -0.0334 20  CYS A O   
61  C CB  . CYS A 40  ? 0.2142 0.2364 0.1971 -0.0038 0.0003  -0.0256 20  CYS A CB  
62  S SG  . CYS A 40  ? 0.2481 0.2615 0.2037 -0.0058 -0.0234 -0.0473 20  CYS A SG  
63  N N   . GLU A 41  ? 0.2062 0.2352 0.2256 -0.0077 -0.0040 -0.0065 21  GLU A N   
64  C CA  . GLU A 41  ? 0.2334 0.2472 0.2465 -0.0010 0.0001  -0.0147 21  GLU A CA  
65  C C   . GLU A 41  ? 0.2221 0.2369 0.2467 0.0007  0.0021  -0.0145 21  GLU A C   
66  O O   . GLU A 41  ? 0.2246 0.2360 0.2527 -0.0048 0.0086  -0.0370 21  GLU A O   
67  C CB  . GLU A 41  ? 0.2434 0.2506 0.2533 -0.0048 0.0108  -0.0028 21  GLU A CB  
68  C CG  . GLU A 41  ? 0.3367 0.3311 0.3479 0.0030  0.0106  -0.0053 21  GLU A CG  
69  C CD  . GLU A 41  ? 0.4632 0.4143 0.3987 -0.0121 -0.0130 0.0103  21  GLU A CD  
70  O OE1 . GLU A 41  ? 0.4962 0.4880 0.4691 0.0102  0.0095  -0.0054 21  GLU A OE1 
71  O OE2 . GLU A 41  ? 0.5084 0.4596 0.4877 -0.0189 -0.0275 0.0043  21  GLU A OE2 
72  N N   . ILE A 42  ? 0.2179 0.2235 0.2306 0.0037  0.0043  -0.0046 22  ILE A N   
73  C CA  . ILE A 42  ? 0.2186 0.2197 0.2364 0.0033  0.0047  -0.0033 22  ILE A CA  
74  C C   . ILE A 42  ? 0.2183 0.2281 0.2450 0.0056  0.0028  -0.0024 22  ILE A C   
75  O O   . ILE A 42  ? 0.2054 0.2186 0.2566 0.0093  0.0057  -0.0074 22  ILE A O   
76  C CB  . ILE A 42  ? 0.2297 0.2144 0.2378 0.0052  -0.0066 -0.0058 22  ILE A CB  
77  C CG1 . ILE A 42  ? 0.2337 0.2238 0.2409 0.0049  0.0099  0.0103  22  ILE A CG1 
78  C CG2 . ILE A 42  ? 0.2220 0.2274 0.2281 0.0032  -0.0075 -0.0006 22  ILE A CG2 
79  C CD1 . ILE A 42  ? 0.2439 0.2302 0.2311 0.0017  0.0011  0.0079  22  ILE A CD1 
80  N N   . HIS A 43  ? 0.2230 0.2285 0.2461 0.0065  0.0056  0.0027  23  HIS A N   
81  C CA  . HIS A 43  ? 0.2337 0.2328 0.2555 0.0060  0.0031  -0.0019 23  HIS A CA  
82  C C   . HIS A 43  ? 0.2157 0.2135 0.2360 0.0035  0.0035  0.0036  23  HIS A C   
83  O O   . HIS A 43  ? 0.2076 0.2042 0.2254 0.0066  0.0035  0.0066  23  HIS A O   
84  C CB  . HIS A 43  ? 0.2556 0.2410 0.2722 0.0076  0.0173  0.0005  23  HIS A CB  
85  C CG  . HIS A 43  ? 0.3913 0.3653 0.4059 0.0178  0.0029  0.0051  23  HIS A CG  
86  N ND1 . HIS A 43  ? 0.4795 0.4379 0.4228 -0.0004 0.0172  -0.0044 23  HIS A ND1 
87  C CD2 . HIS A 43  ? 0.4849 0.4195 0.4414 0.0152  -0.0002 0.0148  23  HIS A CD2 
88  C CE1 . HIS A 43  ? 0.5043 0.4289 0.4495 0.0163  0.0067  -0.0015 23  HIS A CE1 
89  N NE2 . HIS A 43  ? 0.5331 0.4808 0.5085 0.0111  -0.0045 0.0012  23  HIS A NE2 
90  N N   . LEU A 44  ? 0.1873 0.1947 0.2096 0.0057  0.0013  0.0017  24  LEU A N   
91  C CA  . LEU A 44  ? 0.1928 0.2054 0.2158 0.0054  0.0023  -0.0020 24  LEU A CA  
92  C C   . LEU A 44  ? 0.2006 0.2095 0.2242 0.0004  -0.0002 -0.0014 24  LEU A C   
93  O O   . LEU A 44  ? 0.1887 0.2025 0.2401 0.0081  0.0054  -0.0033 24  LEU A O   
94  C CB  . LEU A 44  ? 0.1854 0.2025 0.2103 0.0098  -0.0145 -0.0048 24  LEU A CB  
95  C CG  . LEU A 44  ? 0.2259 0.2395 0.2337 0.0097  -0.0092 -0.0024 24  LEU A CG  
96  C CD1 . LEU A 44  ? 0.2270 0.2667 0.2274 -0.0001 0.0047  0.0011  24  LEU A CD1 
97  C CD2 . LEU A 44  ? 0.2313 0.2466 0.2514 0.0119  0.0179  0.0088  24  LEU A CD2 
98  N N   . LYS A 45  ? 0.1985 0.2129 0.2219 -0.0050 0.0007  0.0094  25  LYS A N   
99  C CA  . LYS A 45  ? 0.2169 0.2233 0.2354 -0.0036 0.0018  0.0075  25  LYS A CA  
100 C C   . LYS A 45  ? 0.2129 0.2122 0.2266 -0.0092 0.0078  0.0062  25  LYS A C   
101 O O   . LYS A 45  ? 0.1950 0.2073 0.2152 -0.0198 0.0145  0.0035  25  LYS A O   
102 C CB  . LYS A 45  ? 0.2375 0.2417 0.2351 -0.0049 0.0016  0.0144  25  LYS A CB  
103 C CG  . LYS A 45  ? 0.2973 0.3027 0.3071 -0.0009 -0.0162 0.0046  25  LYS A CG  
104 C CD  . LYS A 45  ? 0.3942 0.3725 0.3575 -0.0064 -0.0210 0.0452  25  LYS A CD  
105 C CE  . LYS A 45  ? 0.4691 0.3939 0.4469 -0.0157 -0.0110 0.0409  25  LYS A CE  
106 N NZ  . LYS A 45  ? 0.5071 0.4876 0.4900 -0.0211 -0.0145 0.0357  25  LYS A NZ  
107 N N   . PHE A 46  ? 0.2073 0.2150 0.2367 -0.0103 0.0104  -0.0011 26  PHE A N   
108 C CA  . PHE A 46  ? 0.2200 0.2116 0.2413 -0.0069 0.0048  0.0023  26  PHE A CA  
109 C C   . PHE A 46  ? 0.2215 0.2048 0.2453 -0.0082 0.0075  -0.0030 26  PHE A C   
110 O O   . PHE A 46  ? 0.2271 0.1850 0.2573 -0.0133 0.0122  -0.0001 26  PHE A O   
111 C CB  . PHE A 46  ? 0.2126 0.2187 0.2377 -0.0092 0.0058  -0.0079 26  PHE A CB  
112 C CG  . PHE A 46  ? 0.2276 0.2226 0.2397 -0.0092 0.0050  -0.0029 26  PHE A CG  
113 C CD1 . PHE A 46  ? 0.2204 0.2277 0.2490 0.0032  0.0029  -0.0046 26  PHE A CD1 
114 C CD2 . PHE A 46  ? 0.2058 0.2110 0.2249 0.0025  -0.0101 -0.0066 26  PHE A CD2 
115 C CE1 . PHE A 46  ? 0.2117 0.1789 0.2287 -0.0061 0.0181  0.0150  26  PHE A CE1 
116 C CE2 . PHE A 46  ? 0.2029 0.1892 0.2242 0.0028  0.0015  -0.0030 26  PHE A CE2 
117 C CZ  . PHE A 46  ? 0.2083 0.1665 0.2116 -0.0051 0.0100  -0.0101 26  PHE A CZ  
118 N N   . ARG A 47  ? 0.2299 0.2079 0.2513 -0.0089 0.0034  -0.0025 27  ARG A N   
119 C CA  . ARG A 47  ? 0.2589 0.2586 0.2735 -0.0095 -0.0023 -0.0093 27  ARG A CA  
120 C C   . ARG A 47  ? 0.2336 0.2157 0.2476 -0.0194 -0.0056 -0.0042 27  ARG A C   
121 O O   . ARG A 47  ? 0.2240 0.2194 0.2408 -0.0186 -0.0083 -0.0203 27  ARG A O   
122 C CB  . ARG A 47  ? 0.2423 0.2164 0.2549 -0.0168 0.0004  0.0067  27  ARG A CB  
123 C CG  . ARG A 47  ? 0.2866 0.2997 0.3188 -0.0040 0.0021  0.0048  27  ARG A CG  
124 C CD  . ARG A 47  ? 0.2987 0.2512 0.2749 -0.0310 0.0005  -0.0034 27  ARG A CD  
125 N NE  . ARG A 47  ? 0.4287 0.3631 0.4510 -0.0232 -0.0353 -0.0342 27  ARG A NE  
126 C CZ  . ARG A 47  ? 0.3575 0.3437 0.3168 -0.0056 0.0222  0.0134  27  ARG A CZ  
127 N NH1 . ARG A 47  ? 0.4122 0.3710 0.4374 -0.0237 -0.0021 -0.0591 27  ARG A NH1 
128 N NH2 . ARG A 47  ? 0.4516 0.4099 0.4680 -0.0057 -0.0024 -0.0290 27  ARG A NH2 
129 N N   . LEU A 48  ? 0.2423 0.2201 0.2525 -0.0178 -0.0097 -0.0106 28  LEU A N   
130 C CA  . LEU A 48  ? 0.2450 0.2401 0.2522 -0.0109 -0.0060 -0.0090 28  LEU A CA  
131 C C   . LEU A 48  ? 0.2391 0.2177 0.2461 -0.0137 -0.0096 -0.0132 28  LEU A C   
132 O O   . LEU A 48  ? 0.2287 0.1977 0.2313 -0.0100 -0.0152 -0.0139 28  LEU A O   
133 C CB  . LEU A 48  ? 0.2516 0.2219 0.2705 -0.0085 -0.0071 -0.0141 28  LEU A CB  
134 C CG  . LEU A 48  ? 0.2904 0.2996 0.2984 -0.0167 0.0000  0.0107  28  LEU A CG  
135 C CD1 . LEU A 48  ? 0.2452 0.2833 0.2644 -0.0093 0.0125  -0.0028 28  LEU A CD1 
136 C CD2 . LEU A 48  ? 0.2903 0.2931 0.2773 -0.0162 -0.0123 -0.0131 28  LEU A CD2 
137 N N   . ILE A 49  ? 0.2302 0.2109 0.2306 -0.0163 -0.0155 -0.0093 29  ILE A N   
138 C CA  . ILE A 49  ? 0.2248 0.2289 0.2306 -0.0090 -0.0048 -0.0065 29  ILE A CA  
139 C C   . ILE A 49  ? 0.2275 0.2286 0.2400 -0.0084 -0.0048 -0.0100 29  ILE A C   
140 O O   . ILE A 49  ? 0.2129 0.2204 0.2347 -0.0087 -0.0054 0.0006  29  ILE A O   
141 C CB  . ILE A 49  ? 0.2360 0.2363 0.2308 -0.0165 -0.0031 -0.0079 29  ILE A CB  
142 C CG1 . ILE A 49  ? 0.2090 0.2474 0.2354 -0.0152 -0.0108 -0.0086 29  ILE A CG1 
143 C CG2 . ILE A 49  ? 0.2348 0.2436 0.2065 -0.0221 -0.0108 -0.0164 29  ILE A CG2 
144 C CD1 . ILE A 49  ? 0.2200 0.2323 0.2213 -0.0003 -0.0153 -0.0134 29  ILE A CD1 
145 N N   . GLU A 50  ? 0.2348 0.2354 0.2323 -0.0103 -0.0037 -0.0133 30  GLU A N   
146 C CA  . GLU A 50  ? 0.2421 0.2462 0.2415 -0.0081 0.0005  -0.0190 30  GLU A CA  
147 C C   . GLU A 50  ? 0.2558 0.2464 0.2430 -0.0066 0.0014  -0.0137 30  GLU A C   
148 O O   . GLU A 50  ? 0.2586 0.2248 0.2265 -0.0205 -0.0003 -0.0221 30  GLU A O   
149 C CB  . GLU A 50  ? 0.2509 0.2638 0.2517 -0.0043 -0.0050 -0.0180 30  GLU A CB  
150 C CG  . GLU A 50  ? 0.2526 0.2555 0.2582 -0.0164 -0.0052 -0.0148 30  GLU A CG  
151 C CD  . GLU A 50  ? 0.2994 0.3073 0.3350 -0.0219 0.0042  -0.0047 30  GLU A CD  
152 O OE1 . GLU A 50  ? 0.3288 0.3525 0.3316 -0.0059 0.0130  -0.0327 30  GLU A OE1 
153 O OE2 . GLU A 50  ? 0.3112 0.3123 0.3330 -0.0168 0.0048  -0.0114 30  GLU A OE2 
154 N N   . GLU A 51  ? 0.2534 0.2351 0.2447 -0.0084 0.0058  -0.0090 31  GLU A N   
155 C CA  . GLU A 51  ? 0.2580 0.2494 0.2536 -0.0106 0.0035  -0.0065 31  GLU A CA  
156 C C   . GLU A 51  ? 0.2523 0.2427 0.2601 -0.0040 0.0046  -0.0051 31  GLU A C   
157 O O   . GLU A 51  ? 0.2348 0.2193 0.2396 -0.0067 0.0048  -0.0160 31  GLU A O   
158 C CB  . GLU A 51  ? 0.2582 0.2529 0.2702 -0.0107 -0.0009 -0.0046 31  GLU A CB  
159 C CG  . GLU A 51  ? 0.3086 0.3107 0.2872 0.0005  -0.0067 0.0005  31  GLU A CG  
160 C CD  . GLU A 51  ? 0.3140 0.3035 0.3168 -0.0066 0.0181  0.0087  31  GLU A CD  
161 O OE1 . GLU A 51  ? 0.3483 0.3348 0.3298 -0.0161 0.0088  0.0084  31  GLU A OE1 
162 O OE2 . GLU A 51  ? 0.3834 0.3913 0.3624 -0.0066 0.0057  0.0041  31  GLU A OE2 
163 N N   . LYS A 52  ? 0.2528 0.2368 0.2690 -0.0114 0.0037  -0.0059 32  LYS A N   
164 C CA  . LYS A 52  ? 0.2807 0.2536 0.2851 0.0018  0.0107  0.0029  32  LYS A CA  
165 C C   . LYS A 52  ? 0.2743 0.2448 0.2830 0.0032  0.0053  -0.0018 32  LYS A C   
166 O O   . LYS A 52  ? 0.2863 0.2491 0.2883 0.0123  0.0056  0.0074  32  LYS A O   
167 C CB  . LYS A 52  ? 0.2919 0.2458 0.2881 0.0044  0.0078  0.0006  32  LYS A CB  
168 C CG  . LYS A 52  ? 0.3045 0.2947 0.3236 -0.0014 0.0192  -0.0087 32  LYS A CG  
169 C CD  . LYS A 52  ? 0.3781 0.3358 0.3906 -0.0015 0.0197  0.0155  32  LYS A CD  
170 C CE  . LYS A 52  ? 0.4515 0.4152 0.4710 -0.0039 0.0200  0.0037  32  LYS A CE  
171 N NZ  . LYS A 52  ? 0.5231 0.4468 0.5196 0.0064  0.0147  0.0165  32  LYS A NZ  
172 N N   . SER A 53  ? 0.2689 0.2494 0.2835 0.0048  0.0139  0.0012  33  SER A N   
173 C CA  . SER A 53  ? 0.2632 0.2541 0.2845 0.0000  0.0091  -0.0003 33  SER A CA  
174 C C   . SER A 53  ? 0.2580 0.2537 0.2844 -0.0030 0.0064  0.0045  33  SER A C   
175 O O   . SER A 53  ? 0.2597 0.2453 0.3095 -0.0091 0.0254  -0.0046 33  SER A O   
176 C CB  . SER A 53  ? 0.2626 0.2614 0.2814 -0.0021 0.0087  0.0127  33  SER A CB  
177 O OG  . SER A 53  ? 0.3075 0.3018 0.3329 -0.0009 -0.0007 -0.0012 33  SER A OG  
178 N N   . LEU A 54  ? 0.2350 0.2303 0.2564 -0.0053 0.0061  0.0063  34  LEU A N   
179 C CA  . LEU A 54  ? 0.2364 0.2249 0.2479 0.0025  0.0008  0.0161  34  LEU A CA  
180 C C   . LEU A 54  ? 0.2385 0.2208 0.2523 0.0004  0.0037  0.0078  34  LEU A C   
181 O O   . LEU A 54  ? 0.2436 0.1893 0.2594 0.0001  0.0089  0.0183  34  LEU A O   
182 C CB  . LEU A 54  ? 0.2271 0.2219 0.2509 -0.0035 -0.0010 0.0111  34  LEU A CB  
183 C CG  . LEU A 54  ? 0.2556 0.2622 0.2731 0.0059  -0.0003 0.0137  34  LEU A CG  
184 C CD1 . LEU A 54  ? 0.2370 0.2814 0.2438 0.0280  -0.0034 -0.0009 34  LEU A CD1 
185 C CD2 . LEU A 54  ? 0.2233 0.2364 0.2305 -0.0003 -0.0069 0.0202  34  LEU A CD2 
186 N N   . LEU A 55  ? 0.2305 0.2119 0.2498 0.0057  0.0052  0.0135  35  LEU A N   
187 C CA  . LEU A 55  ? 0.2285 0.2292 0.2405 0.0058  -0.0003 0.0056  35  LEU A CA  
188 C C   . LEU A 55  ? 0.2373 0.2485 0.2426 -0.0007 -0.0089 0.0095  35  LEU A C   
189 O O   . LEU A 55  ? 0.2455 0.2451 0.2412 0.0028  -0.0029 0.0225  35  LEU A O   
190 C CB  . LEU A 55  ? 0.2277 0.2351 0.2323 -0.0010 0.0039  0.0079  35  LEU A CB  
191 C CG  . LEU A 55  ? 0.2364 0.2382 0.2705 -0.0049 0.0038  -0.0011 35  LEU A CG  
192 C CD1 . LEU A 55  ? 0.2488 0.2633 0.3203 -0.0079 0.0107  0.0189  35  LEU A CD1 
193 C CD2 . LEU A 55  ? 0.2201 0.2758 0.2412 0.0022  0.0083  -0.0108 35  LEU A CD2 
194 N N   . SER A 56  ? 0.2301 0.2378 0.2282 -0.0016 -0.0131 0.0045  36  SER A N   
195 C CA  . SER A 56  ? 0.2506 0.2508 0.2575 0.0018  -0.0065 -0.0013 36  SER A CA  
196 C C   . SER A 56  ? 0.2373 0.2457 0.2554 0.0030  -0.0097 -0.0016 36  SER A C   
197 O O   . SER A 56  ? 0.2432 0.2567 0.2669 -0.0026 -0.0105 -0.0106 36  SER A O   
198 C CB  . SER A 56  ? 0.2580 0.2728 0.2593 0.0076  -0.0056 -0.0006 36  SER A CB  
199 O OG  . SER A 56  ? 0.3109 0.3060 0.2852 -0.0095 -0.0193 0.0001  36  SER A OG  
200 N N   . ASP A 57  ? 0.2306 0.2336 0.2531 -0.0034 -0.0064 -0.0055 37  ASP A N   
201 C CA  . ASP A 57  ? 0.2332 0.2249 0.2436 -0.0005 -0.0054 -0.0005 37  ASP A CA  
202 C C   . ASP A 57  ? 0.2074 0.2032 0.2183 0.0027  -0.0024 -0.0023 37  ASP A C   
203 O O   . ASP A 57  ? 0.2175 0.2043 0.2174 -0.0030 -0.0037 -0.0100 37  ASP A O   
204 C CB  . ASP A 57  ? 0.2407 0.2270 0.2500 -0.0020 -0.0055 -0.0007 37  ASP A CB  
205 C CG  . ASP A 57  ? 0.2650 0.2465 0.2631 -0.0126 0.0018  0.0088  37  ASP A CG  
206 O OD1 . ASP A 57  ? 0.2937 0.2533 0.3337 -0.0225 -0.0190 0.0118  37  ASP A OD1 
207 O OD2 . ASP A 57  ? 0.3091 0.3041 0.3196 -0.0437 0.0248  -0.0004 37  ASP A OD2 
208 N N   . ARG A 58  ? 0.1989 0.1883 0.2029 0.0012  0.0027  -0.0103 38  ARG A N   
209 C CA  . ARG A 58  ? 0.1900 0.1919 0.1929 0.0000  -0.0017 -0.0054 38  ARG A CA  
210 C C   . ARG A 58  ? 0.1864 0.1785 0.1868 0.0021  -0.0071 -0.0024 38  ARG A C   
211 O O   . ARG A 58  ? 0.1889 0.1574 0.1911 -0.0163 -0.0096 0.0007  38  ARG A O   
212 C CB  . ARG A 58  ? 0.1967 0.1969 0.1938 0.0134  0.0017  -0.0095 38  ARG A CB  
213 C CG  . ARG A 58  ? 0.1585 0.1937 0.1832 0.0047  0.0007  0.0025  38  ARG A CG  
214 C CD  . ARG A 58  ? 0.2056 0.1962 0.1923 0.0031  0.0027  -0.0069 38  ARG A CD  
215 N NE  . ARG A 58  ? 0.1387 0.2261 0.1797 -0.0198 -0.0086 -0.0121 38  ARG A NE  
216 C CZ  . ARG A 58  ? 0.2633 0.2950 0.2489 0.0156  0.0196  -0.0111 38  ARG A CZ  
217 N NH1 . ARG A 58  ? 0.2020 0.1757 0.2043 0.0293  -0.0012 0.0404  38  ARG A NH1 
218 N NH2 . ARG A 58  ? 0.2128 0.1705 0.2060 -0.0623 0.0025  0.0232  38  ARG A NH2 
219 N N   . GLU A 59  ? 0.1829 0.1828 0.2025 -0.0017 -0.0058 -0.0090 39  GLU A N   
220 C CA  . GLU A 59  ? 0.1927 0.1933 0.2166 -0.0020 -0.0029 -0.0049 39  GLU A CA  
221 C C   . GLU A 59  ? 0.1934 0.1937 0.2145 -0.0010 0.0035  -0.0105 39  GLU A C   
222 O O   . GLU A 59  ? 0.2154 0.2024 0.2372 -0.0022 -0.0048 -0.0220 39  GLU A O   
223 C CB  . GLU A 59  ? 0.1955 0.1900 0.2104 -0.0045 -0.0039 -0.0064 39  GLU A CB  
224 C CG  . GLU A 59  ? 0.2214 0.2387 0.2534 -0.0086 -0.0066 0.0051  39  GLU A CG  
225 C CD  . GLU A 59  ? 0.2548 0.2439 0.2755 -0.0142 -0.0012 0.0000  39  GLU A CD  
226 O OE1 . GLU A 59  ? 0.2491 0.2324 0.2990 -0.0282 0.0236  0.0144  39  GLU A OE1 
227 O OE2 . GLU A 59  ? 0.3296 0.2984 0.3058 -0.0203 0.0114  0.0212  39  GLU A OE2 
228 N N   . GLN A 60  ? 0.1914 0.1991 0.1959 0.0005  0.0066  -0.0102 40  GLN A N   
229 C CA  . GLN A 60  ? 0.1933 0.1894 0.1899 0.0028  0.0012  0.0039  40  GLN A CA  
230 C C   . GLN A 60  ? 0.1824 0.1888 0.1840 0.0054  0.0008  -0.0027 40  GLN A C   
231 O O   . GLN A 60  ? 0.1853 0.1817 0.1654 0.0050  -0.0069 -0.0084 40  GLN A O   
232 C CB  . GLN A 60  ? 0.1914 0.1950 0.1958 -0.0062 -0.0091 0.0007  40  GLN A CB  
233 C CG  . GLN A 60  ? 0.2489 0.2554 0.2595 -0.0012 0.0065  0.0160  40  GLN A CG  
234 C CD  . GLN A 60  ? 0.2588 0.2794 0.2596 0.0071  0.0095  0.0077  40  GLN A CD  
235 O OE1 . GLN A 60  ? 0.3583 0.3447 0.3670 -0.0174 0.0014  0.0220  40  GLN A OE1 
236 N NE2 . GLN A 60  ? 0.2914 0.2820 0.3157 -0.0317 0.0020  -0.0013 40  GLN A NE2 
237 N N   . LEU A 61  ? 0.1842 0.1768 0.1871 0.0028  0.0094  -0.0038 41  LEU A N   
238 C CA  . LEU A 61  ? 0.1927 0.1763 0.1924 0.0008  0.0098  0.0003  41  LEU A CA  
239 C C   . LEU A 61  ? 0.1913 0.1726 0.1902 -0.0034 0.0039  -0.0021 41  LEU A C   
240 O O   . LEU A 61  ? 0.2001 0.1747 0.1933 0.0023  -0.0013 -0.0048 41  LEU A O   
241 C CB  . LEU A 61  ? 0.1858 0.1829 0.1998 0.0099  0.0072  0.0043  41  LEU A CB  
242 C CG  . LEU A 61  ? 0.2063 0.1823 0.2028 -0.0012 -0.0007 0.0093  41  LEU A CG  
243 C CD1 . LEU A 61  ? 0.2193 0.2033 0.1906 -0.0138 0.0048  0.0078  41  LEU A CD1 
244 C CD2 . LEU A 61  ? 0.2234 0.2026 0.1998 -0.0032 0.0154  0.0148  41  LEU A CD2 
245 N N   . LEU A 62  ? 0.1886 0.1513 0.1731 -0.0138 0.0018  -0.0013 42  LEU A N   
246 C CA  . LEU A 62  ? 0.1869 0.1486 0.1677 -0.0206 0.0010  -0.0072 42  LEU A CA  
247 C C   . LEU A 62  ? 0.1844 0.1642 0.1788 -0.0157 -0.0021 -0.0238 42  LEU A C   
248 O O   . LEU A 62  ? 0.2187 0.1765 0.2115 -0.0193 0.0045  -0.0372 42  LEU A O   
249 C CB  . LEU A 62  ? 0.1788 0.1507 0.1672 -0.0247 0.0005  -0.0090 42  LEU A CB  
250 C CG  . LEU A 62  ? 0.1739 0.1533 0.1653 -0.0252 0.0075  -0.0043 42  LEU A CG  
251 C CD1 . LEU A 62  ? 0.1400 0.1739 0.1285 -0.0175 -0.0009 -0.0101 42  LEU A CD1 
252 C CD2 . LEU A 62  ? 0.1894 0.1530 0.1475 -0.0257 -0.0159 -0.0049 42  LEU A CD2 
253 N N   . GLN A 63  ? 0.1923 0.1625 0.1534 -0.0051 -0.0013 -0.0155 43  GLN A N   
254 C CA  . GLN A 63  ? 0.1970 0.1702 0.1783 -0.0008 0.0038  -0.0114 43  GLN A CA  
255 C C   . GLN A 63  ? 0.1961 0.1774 0.1819 0.0038  0.0036  -0.0013 43  GLN A C   
256 O O   . GLN A 63  ? 0.1970 0.1725 0.1802 0.0130  0.0192  0.0144  43  GLN A O   
257 C CB  . GLN A 63  ? 0.1992 0.1770 0.1843 -0.0035 0.0064  -0.0005 43  GLN A CB  
258 C CG  . GLN A 63  ? 0.2311 0.1994 0.2244 -0.0078 -0.0051 -0.0052 43  GLN A CG  
259 C CD  . GLN A 63  ? 0.2491 0.2288 0.2633 0.0069  0.0110  -0.0034 43  GLN A CD  
260 O OE1 . GLN A 63  ? 0.2671 0.2538 0.2622 0.0220  0.0000  0.0049  43  GLN A OE1 
261 N NE2 . GLN A 63  ? 0.2552 0.1643 0.2678 0.0016  -0.0180 0.0558  43  GLN A NE2 
262 N N   . VAL A 64  ? 0.1983 0.1736 0.1770 0.0049  0.0003  -0.0092 44  VAL A N   
263 C CA  . VAL A 64  ? 0.1882 0.1738 0.1819 -0.0036 -0.0013 -0.0076 44  VAL A CA  
264 C C   . VAL A 64  ? 0.1728 0.1653 0.1728 0.0045  0.0017  -0.0165 44  VAL A C   
265 O O   . VAL A 64  ? 0.1534 0.1698 0.1819 -0.0081 0.0151  -0.0258 44  VAL A O   
266 C CB  . VAL A 64  ? 0.1811 0.1681 0.1739 0.0003  0.0032  -0.0129 44  VAL A CB  
267 C CG1 . VAL A 64  ? 0.1943 0.1781 0.1762 0.0062  -0.0184 -0.0132 44  VAL A CG1 
268 C CG2 . VAL A 64  ? 0.1780 0.1694 0.1736 0.0012  -0.0021 -0.0047 44  VAL A CG2 
269 N N   . LEU A 65  ? 0.1780 0.1453 0.1703 -0.0002 0.0041  -0.0128 45  LEU A N   
270 C CA  . LEU A 65  ? 0.1758 0.1542 0.1670 -0.0019 -0.0066 -0.0113 45  LEU A CA  
271 C C   . LEU A 65  ? 0.1758 0.1630 0.1664 0.0000  -0.0074 -0.0001 45  LEU A C   
272 O O   . LEU A 65  ? 0.1702 0.1535 0.1494 -0.0061 0.0065  0.0034  45  LEU A O   
273 C CB  . LEU A 65  ? 0.1718 0.1562 0.1578 0.0019  -0.0066 -0.0070 45  LEU A CB  
274 C CG  . LEU A 65  ? 0.1783 0.1782 0.1885 0.0008  -0.0111 -0.0025 45  LEU A CG  
275 C CD1 . LEU A 65  ? 0.2018 0.1549 0.2077 0.0048  -0.0102 0.0379  45  LEU A CD1 
276 C CD2 . LEU A 65  ? 0.1485 0.1205 0.2118 0.0253  0.0084  -0.0148 45  LEU A CD2 
277 N N   . LEU A 66  ? 0.1912 0.1671 0.1666 -0.0004 -0.0166 0.0045  46  LEU A N   
278 C CA  . LEU A 66  ? 0.1919 0.1827 0.1896 0.0046  -0.0133 0.0013  46  LEU A CA  
279 C C   . LEU A 66  ? 0.1954 0.1826 0.2063 0.0082  -0.0054 0.0038  46  LEU A C   
280 O O   . LEU A 66  ? 0.2077 0.2017 0.2309 0.0047  -0.0055 0.0022  46  LEU A O   
281 C CB  . LEU A 66  ? 0.1999 0.1877 0.1932 0.0123  -0.0134 0.0031  46  LEU A CB  
282 C CG  . LEU A 66  ? 0.1985 0.2151 0.2020 -0.0014 -0.0179 0.0028  46  LEU A CG  
283 C CD1 . LEU A 66  ? 0.2252 0.2171 0.2397 0.0240  -0.0355 -0.0103 46  LEU A CD1 
284 C CD2 . LEU A 66  ? 0.2133 0.2576 0.2044 0.0235  -0.0120 -0.0122 46  LEU A CD2 
285 N N   . ASP A 67  ? 0.1982 0.1815 0.2073 0.0065  -0.0028 0.0073  47  ASP A N   
286 C CA  . ASP A 67  ? 0.2143 0.1877 0.2130 0.0028  -0.0026 0.0059  47  ASP A CA  
287 C C   . ASP A 67  ? 0.2077 0.1788 0.2091 0.0039  -0.0021 0.0084  47  ASP A C   
288 O O   . ASP A 67  ? 0.2092 0.1463 0.2004 0.0111  -0.0088 0.0184  47  ASP A O   
289 C CB  . ASP A 67  ? 0.2293 0.1951 0.2246 -0.0001 -0.0006 0.0150  47  ASP A CB  
290 C CG  . ASP A 67  ? 0.2784 0.2771 0.2821 -0.0059 -0.0009 0.0125  47  ASP A CG  
291 O OD1 . ASP A 67  ? 0.3420 0.2615 0.3372 -0.0253 0.0113  0.0187  47  ASP A OD1 
292 O OD2 . ASP A 67  ? 0.3241 0.3668 0.3191 -0.0016 0.0191  0.0107  47  ASP A OD2 
293 N N   . ALA A 68  ? 0.2072 0.1635 0.1954 0.0078  0.0005  0.0117  48  ALA A N   
294 C CA  . ALA A 68  ? 0.2007 0.1649 0.1969 0.0045  -0.0014 0.0161  48  ALA A CA  
295 C C   . ALA A 68  ? 0.1996 0.1659 0.2038 0.0015  -0.0029 0.0146  48  ALA A C   
296 O O   . ALA A 68  ? 0.2051 0.1833 0.2122 -0.0021 -0.0044 0.0297  48  ALA A O   
297 C CB  . ALA A 68  ? 0.2114 0.1566 0.2141 -0.0052 0.0120  0.0042  48  ALA A CB  
298 N N   . LEU A 69  ? 0.2019 0.1786 0.1973 0.0043  -0.0068 0.0103  49  LEU A N   
299 C CA  . LEU A 69  ? 0.1892 0.1893 0.1948 0.0059  -0.0015 0.0031  49  LEU A CA  
300 C C   . LEU A 69  ? 0.2018 0.1964 0.2068 0.0042  0.0036  -0.0068 49  LEU A C   
301 O O   . LEU A 69  ? 0.2010 0.2002 0.2173 0.0152  0.0113  -0.0082 49  LEU A O   
302 C CB  . LEU A 69  ? 0.1907 0.1772 0.1790 -0.0027 0.0046  -0.0006 49  LEU A CB  
303 C CG  . LEU A 69  ? 0.1698 0.1661 0.1810 -0.0024 -0.0175 0.0082  49  LEU A CG  
304 C CD1 . LEU A 69  ? 0.2173 0.1868 0.1753 0.0031  -0.0093 0.0227  49  LEU A CD1 
305 C CD2 . LEU A 69  ? 0.1625 0.1560 0.1834 0.0177  -0.0082 0.0377  49  LEU A CD2 
306 N N   . THR A 70  ? 0.2098 0.2109 0.2065 0.0016  0.0037  -0.0105 50  THR A N   
307 C CA  . THR A 70  ? 0.2357 0.2331 0.2282 0.0088  -0.0029 -0.0001 50  THR A CA  
308 C C   . THR A 70  ? 0.2506 0.2559 0.2598 0.0059  -0.0019 -0.0066 50  THR A C   
309 O O   . THR A 70  ? 0.2690 0.2778 0.2735 0.0106  0.0030  -0.0102 50  THR A O   
310 C CB  . THR A 70  ? 0.2220 0.2142 0.2220 0.0098  -0.0113 -0.0009 50  THR A CB  
311 O OG1 . THR A 70  ? 0.2617 0.2095 0.2216 0.0103  0.0076  0.0200  50  THR A OG1 
312 C CG2 . THR A 70  ? 0.2485 0.2333 0.2285 -0.0119 -0.0044 0.0136  50  THR A CG2 
313 N N   . GLU A 71  ? 0.2748 0.2649 0.2756 0.0050  -0.0009 -0.0065 51  GLU A N   
314 C CA  . GLU A 71  ? 0.2876 0.2829 0.3001 -0.0012 -0.0066 -0.0069 51  GLU A CA  
315 C C   . GLU A 71  ? 0.2966 0.2815 0.3055 0.0011  -0.0106 -0.0136 51  GLU A C   
316 O O   . GLU A 71  ? 0.2900 0.2902 0.3225 0.0044  -0.0183 -0.0141 51  GLU A O   
317 C CB  . GLU A 71  ? 0.3090 0.2914 0.3128 -0.0028 -0.0057 -0.0012 51  GLU A CB  
318 C CG  . GLU A 71  ? 0.3787 0.3799 0.3833 -0.0091 -0.0192 -0.0075 51  GLU A CG  
319 C CD  . GLU A 71  ? 0.5331 0.4887 0.4830 -0.0158 -0.0256 0.0173  51  GLU A CD  
320 O OE1 . GLU A 71  ? 0.5927 0.5559 0.5697 -0.0199 -0.0330 -0.0124 51  GLU A OE1 
321 O OE2 . GLU A 71  ? 0.5825 0.5444 0.5518 -0.0265 -0.0310 -0.0110 51  GLU A OE2 
322 N N   . GLY A 72  ? 0.2886 0.2767 0.2839 0.0023  -0.0202 -0.0150 52  GLY A N   
323 C CA  . GLY A 72  ? 0.2839 0.2901 0.2987 -0.0025 -0.0139 -0.0143 52  GLY A CA  
324 C C   . GLY A 72  ? 0.2890 0.2957 0.3059 -0.0038 -0.0093 -0.0125 52  GLY A C   
325 O O   . GLY A 72  ? 0.2890 0.3053 0.3199 -0.0102 -0.0136 -0.0123 52  GLY A O   
326 N N   . SER A 73  ? 0.2907 0.2917 0.3009 -0.0068 -0.0120 -0.0146 53  SER A N   
327 C CA  . SER A 73  ? 0.2893 0.3016 0.2983 -0.0026 -0.0153 -0.0136 53  SER A CA  
328 C C   . SER A 73  ? 0.2844 0.2909 0.2911 -0.0038 -0.0177 -0.0212 53  SER A C   
329 O O   . SER A 73  ? 0.2791 0.2790 0.2818 -0.0099 -0.0225 -0.0355 53  SER A O   
330 C CB  . SER A 73  ? 0.2904 0.3067 0.3056 0.0017  -0.0148 -0.0181 53  SER A CB  
331 O OG  . SER A 73  ? 0.3123 0.3304 0.3329 -0.0041 -0.0171 -0.0226 53  SER A OG  
332 N N   . ASP A 74  ? 0.2739 0.2914 0.2914 -0.0013 -0.0161 -0.0158 54  ASP A N   
333 C CA  . ASP A 74  ? 0.2908 0.3076 0.3094 0.0023  -0.0125 -0.0128 54  ASP A CA  
334 C C   . ASP A 74  ? 0.2759 0.2977 0.3004 -0.0004 -0.0104 -0.0123 54  ASP A C   
335 O O   . ASP A 74  ? 0.2735 0.2823 0.3057 -0.0154 -0.0145 -0.0247 54  ASP A O   
336 C CB  . ASP A 74  ? 0.3001 0.3205 0.3211 0.0033  -0.0056 -0.0104 54  ASP A CB  
337 C CG  . ASP A 74  ? 0.3435 0.3641 0.3628 0.0169  -0.0069 -0.0276 54  ASP A CG  
338 O OD1 . ASP A 74  ? 0.3778 0.3914 0.3973 0.0266  -0.0294 -0.0173 54  ASP A OD1 
339 O OD2 . ASP A 74  ? 0.3506 0.4097 0.4103 0.0270  0.0013  -0.0238 54  ASP A OD2 
340 N N   . ASP A 75  ? 0.2662 0.2961 0.2893 -0.0037 -0.0226 -0.0110 55  ASP A N   
341 C CA  . ASP A 75  ? 0.2755 0.2879 0.2936 -0.0056 -0.0206 -0.0101 55  ASP A CA  
342 C C   . ASP A 75  ? 0.2838 0.2838 0.2871 -0.0056 -0.0196 -0.0068 55  ASP A C   
343 O O   . ASP A 75  ? 0.2889 0.2811 0.2800 -0.0192 -0.0320 -0.0199 55  ASP A O   
344 C CB  . ASP A 75  ? 0.2888 0.2892 0.2980 -0.0066 -0.0145 -0.0110 55  ASP A CB  
345 C CG  . ASP A 75  ? 0.3000 0.2977 0.3243 -0.0046 -0.0167 0.0099  55  ASP A CG  
346 O OD1 . ASP A 75  ? 0.3354 0.3424 0.3928 0.0139  -0.0039 0.0066  55  ASP A OD1 
347 O OD2 . ASP A 75  ? 0.3772 0.3517 0.3765 0.0105  -0.0374 0.0182  55  ASP A OD2 
348 N N   . PHE A 76  ? 0.2752 0.2791 0.2817 -0.0092 -0.0213 -0.0005 56  PHE A N   
349 C CA  . PHE A 76  ? 0.2782 0.2895 0.2855 -0.0096 -0.0127 -0.0007 56  PHE A CA  
350 C C   . PHE A 76  ? 0.2751 0.2874 0.2855 -0.0098 -0.0162 -0.0029 56  PHE A C   
351 O O   . PHE A 76  ? 0.2690 0.2827 0.2725 -0.0123 -0.0166 -0.0030 56  PHE A O   
352 C CB  . PHE A 76  ? 0.2780 0.2944 0.2977 -0.0018 -0.0074 0.0018  56  PHE A CB  
353 C CG  . PHE A 76  ? 0.3024 0.3018 0.2940 0.0003  -0.0090 -0.0110 56  PHE A CG  
354 C CD1 . PHE A 76  ? 0.3103 0.2992 0.3041 -0.0103 -0.0052 -0.0004 56  PHE A CD1 
355 C CD2 . PHE A 76  ? 0.3063 0.2932 0.2838 -0.0086 -0.0038 -0.0077 56  PHE A CD2 
356 C CE1 . PHE A 76  ? 0.3472 0.3001 0.3225 -0.0108 -0.0070 -0.0015 56  PHE A CE1 
357 C CE2 . PHE A 76  ? 0.3200 0.3254 0.3166 -0.0212 -0.0018 0.0062  56  PHE A CE2 
358 C CZ  . PHE A 76  ? 0.3158 0.2958 0.3085 0.0036  -0.0143 -0.0052 56  PHE A CZ  
359 N N   . LEU A 77  ? 0.2758 0.3025 0.2875 -0.0067 -0.0129 -0.0057 57  LEU A N   
360 C CA  . LEU A 77  ? 0.3020 0.3133 0.2976 -0.0040 -0.0055 -0.0089 57  LEU A CA  
361 C C   . LEU A 77  ? 0.2956 0.3046 0.2999 -0.0075 -0.0084 -0.0089 57  LEU A C   
362 O O   . LEU A 77  ? 0.3085 0.3143 0.3085 0.0051  -0.0002 -0.0155 57  LEU A O   
363 C CB  . LEU A 77  ? 0.3076 0.3082 0.3015 -0.0048 -0.0047 -0.0047 57  LEU A CB  
364 C CG  . LEU A 77  ? 0.3289 0.3317 0.3176 0.0073  -0.0171 -0.0126 57  LEU A CG  
365 C CD1 . LEU A 77  ? 0.3339 0.3609 0.3326 0.0216  -0.0122 -0.0060 57  LEU A CD1 
366 C CD2 . LEU A 77  ? 0.3103 0.3245 0.3114 0.0035  -0.0055 -0.0130 57  LEU A CD2 
367 N N   . GLU A 78  ? 0.2925 0.2946 0.2847 -0.0136 -0.0135 -0.0132 58  GLU A N   
368 C CA  . GLU A 78  ? 0.3038 0.3012 0.2943 -0.0101 -0.0098 -0.0129 58  GLU A CA  
369 C C   . GLU A 78  ? 0.2867 0.2885 0.2816 -0.0086 -0.0094 -0.0136 58  GLU A C   
370 O O   . GLU A 78  ? 0.2795 0.2786 0.2657 0.0006  -0.0160 -0.0229 58  GLU A O   
371 C CB  . GLU A 78  ? 0.2940 0.3042 0.2897 -0.0169 -0.0101 -0.0106 58  GLU A CB  
372 C CG  . GLU A 78  ? 0.3398 0.3301 0.3166 -0.0221 -0.0062 -0.0078 58  GLU A CG  
373 C CD  . GLU A 78  ? 0.3359 0.3214 0.3327 -0.0183 0.0006  -0.0040 58  GLU A CD  
374 O OE1 . GLU A 78  ? 0.4189 0.3262 0.3578 -0.0385 -0.0190 -0.0260 58  GLU A OE1 
375 O OE2 . GLU A 78  ? 0.3948 0.3950 0.4245 -0.0374 0.0057  0.0034  58  GLU A OE2 
376 N N   . THR A 79  ? 0.2801 0.2850 0.2777 -0.0058 -0.0083 -0.0134 59  THR A N   
377 C CA  . THR A 79  ? 0.2865 0.2842 0.2821 -0.0036 -0.0087 -0.0141 59  THR A CA  
378 C C   . THR A 79  ? 0.2777 0.2903 0.2795 -0.0043 -0.0003 -0.0166 59  THR A C   
379 O O   . THR A 79  ? 0.2782 0.3137 0.2952 -0.0028 0.0045  -0.0122 59  THR A O   
380 C CB  . THR A 79  ? 0.2916 0.2933 0.2848 -0.0022 -0.0091 -0.0131 59  THR A CB  
381 O OG1 . THR A 79  ? 0.3185 0.2823 0.3042 -0.0081 -0.0323 -0.0041 59  THR A OG1 
382 C CG2 . THR A 79  ? 0.3018 0.2714 0.2878 0.0065  -0.0179 -0.0173 59  THR A CG2 
383 N N   . LEU A 80  ? 0.2651 0.2793 0.2668 -0.0061 -0.0027 -0.0171 60  LEU A N   
384 C CA  . LEU A 80  ? 0.2761 0.2887 0.2774 -0.0078 0.0031  -0.0161 60  LEU A CA  
385 C C   . LEU A 80  ? 0.2809 0.2920 0.2847 -0.0086 0.0116  -0.0166 60  LEU A C   
386 O O   . LEU A 80  ? 0.2818 0.2978 0.2992 -0.0215 0.0099  -0.0271 60  LEU A O   
387 C CB  . LEU A 80  ? 0.2834 0.2808 0.2776 -0.0075 0.0054  -0.0138 60  LEU A CB  
388 C CG  . LEU A 80  ? 0.2710 0.2781 0.2473 -0.0130 0.0061  -0.0046 60  LEU A CG  
389 C CD1 . LEU A 80  ? 0.2949 0.2545 0.2639 -0.0102 0.0079  0.0043  60  LEU A CD1 
390 C CD2 . LEU A 80  ? 0.3056 0.2906 0.2720 -0.0266 0.0033  -0.0154 60  LEU A CD2 
391 N N   . GLN A 81  ? 0.2743 0.2865 0.2837 -0.0109 0.0115  -0.0155 61  GLN A N   
392 C CA  . GLN A 81  ? 0.3208 0.3400 0.3318 -0.0162 0.0073  -0.0234 61  GLN A CA  
393 C C   . GLN A 81  ? 0.2669 0.2707 0.2715 -0.0149 0.0064  -0.0069 61  GLN A C   
394 O O   . GLN A 81  ? 0.2457 0.2631 0.2380 -0.0300 0.0017  -0.0204 61  GLN A O   
395 C CB  . GLN A 81  ? 0.3022 0.2990 0.3120 -0.0033 -0.0029 0.0154  61  GLN A CB  
396 C CG  . GLN A 81  ? 0.4030 0.3978 0.4115 -0.0315 0.0138  -0.0076 61  GLN A CG  
397 C CD  . GLN A 81  ? 0.3148 0.3261 0.3575 -0.0152 -0.0157 0.0737  61  GLN A CD  
398 O OE1 . GLN A 81  ? 0.5318 0.5173 0.5097 -0.0032 -0.0089 0.0168  61  GLN A OE1 
399 N NE2 . GLN A 81  ? 0.5074 0.5165 0.5215 -0.0051 -0.0076 -0.0101 61  GLN A NE2 
400 N N   . ALA A 82  ? 0.2431 0.2630 0.2576 -0.0136 0.0074  -0.0065 62  ALA A N   
401 C CA  . ALA A 82  ? 0.2236 0.2387 0.2373 -0.0054 0.0034  -0.0108 62  ALA A CA  
402 C C   . ALA A 82  ? 0.2153 0.2354 0.2381 -0.0058 0.0077  -0.0135 62  ALA A C   
403 O O   . ALA A 82  ? 0.2068 0.2283 0.2277 -0.0218 0.0123  -0.0237 62  ALA A O   
404 C CB  . ALA A 82  ? 0.2244 0.2360 0.2412 0.0055  0.0069  -0.0064 62  ALA A CB  
405 N N   . SER A 83  ? 0.1907 0.2157 0.2148 -0.0038 -0.0028 -0.0138 63  SER A N   
406 C CA  . SER A 83  ? 0.1816 0.2078 0.2050 0.0005  -0.0002 -0.0037 63  SER A CA  
407 C C   . SER A 83  ? 0.1797 0.2108 0.1993 -0.0022 -0.0029 -0.0083 63  SER A C   
408 O O   . SER A 83  ? 0.1571 0.2118 0.1834 -0.0046 -0.0013 0.0000  63  SER A O   
409 C CB  . SER A 83  ? 0.1900 0.2174 0.2043 0.0074  -0.0034 -0.0122 63  SER A CB  
410 O OG  . SER A 83  ? 0.2219 0.2486 0.2596 0.0249  -0.0325 0.0003  63  SER A OG  
411 N N   . VAL A 84  ? 0.1713 0.1823 0.1882 -0.0018 -0.0019 -0.0043 64  VAL A N   
412 C CA  . VAL A 84  ? 0.1794 0.2051 0.1935 -0.0019 0.0052  0.0021  64  VAL A CA  
413 C C   . VAL A 84  ? 0.1796 0.1973 0.2060 0.0019  0.0061  -0.0092 64  VAL A C   
414 O O   . VAL A 84  ? 0.1798 0.1997 0.2074 0.0041  0.0054  -0.0045 64  VAL A O   
415 C CB  . VAL A 84  ? 0.1683 0.1928 0.1944 -0.0044 -0.0002 0.0045  64  VAL A CB  
416 C CG1 . VAL A 84  ? 0.1648 0.1780 0.1866 0.0104  0.0135  0.0108  64  VAL A CG1 
417 C CG2 . VAL A 84  ? 0.1885 0.1942 0.1621 -0.0021 0.0139  0.0020  64  VAL A CG2 
418 N N   . LYS A 85  ? 0.1793 0.2010 0.2168 -0.0029 0.0166  -0.0055 65  LYS A N   
419 C CA  . LYS A 85  ? 0.1928 0.2134 0.2153 -0.0026 0.0131  -0.0064 65  LYS A CA  
420 C C   . LYS A 85  ? 0.1962 0.2209 0.2203 0.0011  0.0075  -0.0116 65  LYS A C   
421 O O   . LYS A 85  ? 0.1872 0.2100 0.2226 -0.0064 0.0127  -0.0163 65  LYS A O   
422 C CB  . LYS A 85  ? 0.2155 0.2500 0.2459 0.0114  0.0176  -0.0215 65  LYS A CB  
423 C CG  . LYS A 85  ? 0.2430 0.2436 0.2535 -0.0023 0.0093  0.0164  65  LYS A CG  
424 C CD  . LYS A 85  ? 0.2981 0.3370 0.3444 0.0206  0.0214  -0.0070 65  LYS A CD  
425 C CE  . LYS A 85  ? 0.2901 0.2667 0.2501 -0.0063 -0.0194 0.0607  65  LYS A CE  
426 N NZ  . LYS A 85  ? 0.4389 0.4188 0.4623 -0.0138 0.0183  -0.0049 65  LYS A NZ  
427 N N   . ALA A 86  ? 0.1960 0.2235 0.2081 -0.0001 0.0040  -0.0203 66  ALA A N   
428 C CA  . ALA A 86  ? 0.2092 0.2330 0.2195 0.0083  0.0052  -0.0160 66  ALA A CA  
429 C C   . ALA A 86  ? 0.2323 0.2484 0.2313 0.0010  -0.0021 -0.0181 66  ALA A C   
430 O O   . ALA A 86  ? 0.2309 0.2351 0.2249 0.0046  -0.0011 -0.0287 66  ALA A O   
431 C CB  . ALA A 86  ? 0.1916 0.2293 0.2158 0.0043  0.0038  -0.0202 66  ALA A CB  
432 N N   . GLN A 87  ? 0.2573 0.2680 0.2416 -0.0024 -0.0009 -0.0068 67  GLN A N   
433 C CA  . GLN A 87  ? 0.2857 0.2885 0.2579 -0.0033 -0.0056 -0.0075 67  GLN A CA  
434 C C   . GLN A 87  ? 0.2866 0.2833 0.2488 0.0000  -0.0081 -0.0001 67  GLN A C   
435 O O   . GLN A 87  ? 0.2856 0.2671 0.2358 -0.0008 -0.0138 -0.0030 67  GLN A O   
436 C CB  . GLN A 87  ? 0.2977 0.3041 0.2788 -0.0138 -0.0010 -0.0036 67  GLN A CB  
437 C CG  . GLN A 87  ? 0.3814 0.3636 0.3334 -0.0161 -0.0093 -0.0204 67  GLN A CG  
438 C CD  . GLN A 87  ? 0.4073 0.4173 0.3991 -0.0320 0.0158  -0.0336 67  GLN A CD  
439 O OE1 . GLN A 87  ? 0.5108 0.4859 0.4746 -0.0087 0.0183  -0.0262 67  GLN A OE1 
440 N NE2 . GLN A 87  ? 0.4397 0.4519 0.4688 -0.0222 -0.0031 -0.0075 67  GLN A NE2 
441 N N   . GLU A 88  ? 0.3003 0.3069 0.2595 0.0001  -0.0035 -0.0080 68  GLU A N   
442 C CA  . GLU A 88  ? 0.3181 0.3230 0.3012 0.0004  0.0006  -0.0046 68  GLU A CA  
443 C C   . GLU A 88  ? 0.3285 0.3294 0.3019 -0.0013 -0.0030 -0.0053 68  GLU A C   
444 O O   . GLU A 88  ? 0.3458 0.3463 0.2986 0.0009  -0.0011 -0.0132 68  GLU A O   
445 C CB  . GLU A 88  ? 0.3213 0.3196 0.3174 0.0013  -0.0001 -0.0021 68  GLU A CB  
446 C CG  . GLU A 88  ? 0.3346 0.3329 0.3301 0.0012  0.0089  -0.0047 68  GLU A CG  
447 C CD  . GLU A 88  ? 0.3558 0.3305 0.3328 -0.0010 -0.0033 -0.0127 68  GLU A CD  
448 O OE1 . GLU A 88  ? 0.3751 0.3405 0.3162 0.0258  -0.0126 -0.0344 68  GLU A OE1 
449 O OE2 . GLU A 88  ? 0.3717 0.2997 0.3060 -0.0041 0.0047  -0.0252 68  GLU A OE2 
450 N N   . VAL A 89  ? 0.3403 0.3286 0.3129 -0.0037 -0.0094 -0.0068 69  VAL A N   
451 C CA  . VAL A 89  ? 0.3452 0.3325 0.3148 -0.0087 -0.0090 -0.0093 69  VAL A CA  
452 C C   . VAL A 89  ? 0.3621 0.3515 0.3432 -0.0076 -0.0066 -0.0089 69  VAL A C   
453 O O   . VAL A 89  ? 0.3603 0.3356 0.3278 -0.0125 -0.0086 -0.0084 69  VAL A O   
454 C CB  . VAL A 89  ? 0.3358 0.3299 0.3065 -0.0083 -0.0115 -0.0064 69  VAL A CB  
455 C CG1 . VAL A 89  ? 0.3308 0.3115 0.2669 -0.0120 -0.0057 -0.0051 69  VAL A CG1 
456 C CG2 . VAL A 89  ? 0.3103 0.2942 0.2908 -0.0197 -0.0117 0.0023  69  VAL A CG2 
457 N N   . SER A 90  ? 0.3759 0.3692 0.3549 -0.0052 -0.0141 -0.0130 70  SER A N   
458 C CA  . SER A 90  ? 0.4013 0.4075 0.3890 -0.0119 -0.0204 -0.0101 70  SER A CA  
459 C C   . SER A 90  ? 0.4154 0.4138 0.3911 -0.0076 -0.0238 -0.0130 70  SER A C   
460 O O   . SER A 90  ? 0.4198 0.4124 0.3961 -0.0083 -0.0401 -0.0096 70  SER A O   
461 C CB  . SER A 90  ? 0.4088 0.4105 0.3888 -0.0119 -0.0152 -0.0062 70  SER A CB  
462 O OG  . SER A 90  ? 0.4231 0.4835 0.4267 -0.0086 -0.0166 -0.0114 70  SER A OG  
463 N N   . GLU A 91  ? 0.4340 0.4271 0.4129 -0.0112 -0.0245 -0.0145 71  GLU A N   
464 C CA  . GLU A 91  ? 0.4608 0.4486 0.4322 -0.0114 -0.0163 -0.0121 71  GLU A CA  
465 C C   . GLU A 91  ? 0.4644 0.4535 0.4475 -0.0124 -0.0110 -0.0115 71  GLU A C   
466 O O   . GLU A 91  ? 0.4548 0.4432 0.4309 -0.0215 -0.0119 -0.0162 71  GLU A O   
467 C CB  . GLU A 91  ? 0.4832 0.4657 0.4481 -0.0127 -0.0137 -0.0101 71  GLU A CB  
468 C CG  . GLU A 91  ? 0.5393 0.5221 0.5093 -0.0096 -0.0183 -0.0162 71  GLU A CG  
469 C CD  . GLU A 91  ? 0.5072 0.5224 0.5984 0.0291  0.0346  0.0151  71  GLU A CD  
470 O OE1 . GLU A 91  ? 0.6705 0.6538 0.6390 -0.0255 -0.0095 -0.0131 71  GLU A OE1 
471 O OE2 . GLU A 91  ? 0.6532 0.5903 0.6325 -0.0044 -0.0423 -0.0029 71  GLU A OE2 
472 N N   . PHE A 92  ? 0.4800 0.4664 0.4590 -0.0098 -0.0113 -0.0134 72  PHE A N   
473 C CA  . PHE A 92  ? 0.4902 0.4844 0.4804 -0.0078 -0.0094 -0.0114 72  PHE A CA  
474 C C   . PHE A 92  ? 0.4829 0.4850 0.4739 -0.0077 -0.0072 -0.0099 72  PHE A C   
475 O O   . PHE A 92  ? 0.4720 0.4869 0.4640 -0.0129 -0.0153 -0.0094 72  PHE A O   
476 C CB  . PHE A 92  ? 0.5168 0.5464 0.5081 -0.0178 -0.0133 0.0018  72  PHE A CB  
477 C CG  . PHE A 92  ? 0.5351 0.5232 0.5398 -0.0022 -0.0015 -0.0219 72  PHE A CG  
478 C CD1 . PHE A 92  ? 0.5704 0.5052 0.5860 0.0035  0.0039  -0.0291 72  PHE A CD1 
479 C CD2 . PHE A 92  ? 0.5797 0.5838 0.6079 -0.0012 0.0083  -0.0055 72  PHE A CD2 
480 C CE1 . PHE A 92  ? 0.6349 0.6899 0.6397 0.0143  -0.0026 0.0082  72  PHE A CE1 
481 C CE2 . PHE A 92  ? 0.6351 0.5857 0.6271 -0.0026 0.0031  -0.0051 72  PHE A CE2 
482 C CZ  . PHE A 92  ? 0.5032 0.5032 0.6037 -0.0004 0.0213  -0.0344 72  PHE A CZ  
483 N N   . LYS A 93  ? 0.4888 0.4839 0.4794 -0.0085 -0.0056 -0.0054 73  LYS A N   
484 C CA  . LYS A 93  ? 0.4876 0.4820 0.4840 -0.0068 -0.0071 -0.0076 73  LYS A CA  
485 C C   . LYS A 93  ? 0.4701 0.4619 0.4704 -0.0098 -0.0099 -0.0071 73  LYS A C   
486 O O   . LYS A 93  ? 0.4749 0.4735 0.4826 -0.0134 -0.0117 -0.0138 73  LYS A O   
487 C CB  . LYS A 93  ? 0.4831 0.4694 0.4761 -0.0113 -0.0045 -0.0057 73  LYS A CB  
488 C CG  . LYS A 93  ? 0.5122 0.4912 0.5000 -0.0086 -0.0075 0.0061  73  LYS A CG  
489 C CD  . LYS A 93  ? 0.5037 0.5039 0.4954 -0.0195 -0.0027 0.0109  73  LYS A CD  
490 C CE  . LYS A 93  ? 0.5667 0.5826 0.5684 -0.0081 -0.0075 0.0200  73  LYS A CE  
491 N NZ  . LYS A 93  ? 0.5949 0.5184 0.5497 -0.0182 -0.0141 0.0052  73  LYS A NZ  
492 N N   . ALA A 94  ? 0.4490 0.4383 0.4471 -0.0107 -0.0092 -0.0070 74  ALA A N   
493 C CA  . ALA A 94  ? 0.4242 0.4175 0.4301 -0.0118 -0.0081 -0.0014 74  ALA A CA  
494 C C   . ALA A 94  ? 0.4169 0.3977 0.4185 -0.0054 -0.0087 0.0022  74  ALA A C   
495 O O   . ALA A 94  ? 0.4082 0.3851 0.4086 -0.0070 -0.0158 0.0003  74  ALA A O   
496 C CB  . ALA A 94  ? 0.4137 0.4155 0.4253 -0.0100 -0.0060 -0.0046 74  ALA A CB  
497 N N   . SER A 95  ? 0.3998 0.3816 0.4065 -0.0100 -0.0067 0.0083  75  SER A N   
498 C CA  . SER A 95  ? 0.3872 0.3659 0.4072 -0.0086 -0.0067 0.0064  75  SER A CA  
499 C C   . SER A 95  ? 0.3771 0.3703 0.4094 -0.0122 -0.0062 0.0080  75  SER A C   
500 O O   . SER A 95  ? 0.3764 0.3637 0.4158 -0.0242 -0.0075 0.0057  75  SER A O   
501 C CB  . SER A 95  ? 0.3897 0.3694 0.4016 -0.0081 -0.0076 0.0086  75  SER A CB  
502 O OG  . SER A 95  ? 0.3759 0.3297 0.3884 -0.0210 -0.0095 0.0107  75  SER A OG  
503 N N   . PRO A 96  ? 0.3692 0.3654 0.4087 -0.0108 -0.0015 0.0067  76  PRO A N   
504 C CA  . PRO A 96  ? 0.3572 0.3618 0.3983 -0.0117 -0.0018 -0.0004 76  PRO A CA  
505 C C   . PRO A 96  ? 0.3399 0.3531 0.3834 -0.0124 -0.0018 -0.0032 76  PRO A C   
506 O O   . PRO A 96  ? 0.3368 0.3450 0.3809 -0.0187 -0.0050 -0.0154 76  PRO A O   
507 C CB  . PRO A 96  ? 0.3597 0.3543 0.4058 -0.0170 -0.0031 0.0003  76  PRO A CB  
508 C CG  . PRO A 96  ? 0.3742 0.3783 0.4062 -0.0118 -0.0103 0.0042  76  PRO A CG  
509 C CD  . PRO A 96  ? 0.3658 0.3691 0.4065 -0.0115 -0.0044 0.0058  76  PRO A CD  
510 N N   . GLN A 97  ? 0.3213 0.3417 0.3722 -0.0083 -0.0036 -0.0030 77  GLN A N   
511 C CA  . GLN A 97  ? 0.3144 0.3333 0.3603 -0.0119 -0.0016 -0.0063 77  GLN A CA  
512 C C   . GLN A 97  ? 0.3079 0.3228 0.3460 -0.0134 -0.0106 0.0007  77  GLN A C   
513 O O   . GLN A 97  ? 0.2774 0.2918 0.3468 -0.0172 -0.0175 -0.0052 77  GLN A O   
514 C CB  . GLN A 97  ? 0.3321 0.3499 0.3658 -0.0148 0.0025  -0.0035 77  GLN A CB  
515 C CG  . GLN A 97  ? 0.3531 0.3829 0.3764 -0.0169 -0.0105 0.0028  77  GLN A CG  
516 C CD  . GLN A 97  ? 0.3892 0.4002 0.3939 -0.0027 -0.0062 -0.0070 77  GLN A CD  
517 O OE1 . GLN A 97  ? 0.4396 0.4727 0.4502 -0.0190 0.0213  -0.0254 77  GLN A OE1 
518 N NE2 . GLN A 97  ? 0.3903 0.4246 0.4551 -0.0125 -0.0123 -0.0242 77  GLN A NE2 
519 N N   . MET A 98  ? 0.2928 0.3157 0.3297 -0.0103 -0.0091 -0.0020 78  MET A N   
520 C CA  . MET A 98  ? 0.2908 0.2944 0.3195 -0.0118 -0.0099 -0.0035 78  MET A CA  
521 C C   . MET A 98  ? 0.2864 0.2873 0.3096 -0.0156 -0.0067 0.0006  78  MET A C   
522 O O   . MET A 98  ? 0.2769 0.2944 0.3058 -0.0242 -0.0167 -0.0076 78  MET A O   
523 C CB  . MET A 98  ? 0.2874 0.2908 0.3093 -0.0034 -0.0107 -0.0013 78  MET A CB  
524 C CG  . MET A 98  ? 0.2853 0.2750 0.3157 -0.0125 -0.0127 -0.0015 78  MET A CG  
525 S SD  . MET A 98  ? 0.3082 0.2764 0.3684 -0.0056 -0.0029 -0.0134 78  MET A SD  
526 C CE  . MET A 98  ? 0.2839 0.2705 0.3451 -0.0009 -0.0020 -0.0022 78  MET A CE  
527 N N   . ARG A 99  ? 0.2828 0.2850 0.2905 -0.0161 -0.0071 -0.0009 79  ARG A N   
528 C CA  . ARG A 99  ? 0.3062 0.3047 0.3053 -0.0142 -0.0088 -0.0015 79  ARG A CA  
529 C C   . ARG A 99  ? 0.2914 0.2946 0.2875 -0.0133 -0.0147 -0.0074 79  ARG A C   
530 O O   . ARG A 99  ? 0.3061 0.2933 0.2820 -0.0238 -0.0140 -0.0232 79  ARG A O   
531 C CB  . ARG A 99  ? 0.2997 0.2951 0.2917 -0.0132 -0.0085 0.0012  79  ARG A CB  
532 C CG  . ARG A 99  ? 0.3455 0.3208 0.3416 -0.0209 -0.0036 -0.0076 79  ARG A CG  
533 C CD  . ARG A 99  ? 0.3578 0.3523 0.3278 -0.0064 -0.0097 -0.0001 79  ARG A CD  
534 N NE  . ARG A 99  ? 0.4511 0.4497 0.4630 0.0076  0.0124  -0.0004 79  ARG A NE  
535 C CZ  . ARG A 99  ? 0.4371 0.4462 0.4364 0.0174  -0.0097 -0.0221 79  ARG A CZ  
536 N NH1 . ARG A 99  ? 0.5152 0.4984 0.5046 -0.0147 -0.0067 0.0217  79  ARG A NH1 
537 N NH2 . ARG A 99  ? 0.4945 0.4922 0.4778 -0.0166 -0.0073 0.0071  79  ARG A NH2 
538 N N   . ARG A 100 ? 0.2926 0.2839 0.2793 -0.0170 -0.0110 -0.0130 80  ARG A N   
539 C CA  . ARG A 100 ? 0.2906 0.2783 0.2904 -0.0161 -0.0109 -0.0045 80  ARG A CA  
540 C C   . ARG A 100 ? 0.2971 0.2745 0.2848 -0.0152 -0.0104 -0.0020 80  ARG A C   
541 O O   . ARG A 100 ? 0.3000 0.2913 0.3006 -0.0215 -0.0136 -0.0058 80  ARG A O   
542 C CB  . ARG A 100 ? 0.2931 0.2651 0.2795 -0.0152 -0.0035 -0.0054 80  ARG A CB  
543 C CG  . ARG A 100 ? 0.2975 0.2703 0.2992 -0.0192 -0.0059 -0.0085 80  ARG A CG  
544 C CD  . ARG A 100 ? 0.2928 0.2755 0.3018 -0.0190 -0.0050 -0.0042 80  ARG A CD  
545 N NE  . ARG A 100 ? 0.3266 0.3119 0.3434 -0.0005 -0.0039 0.0002  80  ARG A NE  
546 C CZ  . ARG A 100 ? 0.3272 0.3400 0.3526 0.0144  -0.0017 -0.0003 80  ARG A CZ  
547 N NH1 . ARG A 100 ? 0.3033 0.2875 0.3097 0.0092  0.0025  0.0034  80  ARG A NH1 
548 N NH2 . ARG A 100 ? 0.3660 0.3988 0.3540 0.0105  -0.0037 0.0141  80  ARG A NH2 
549 N N   . GLN A 101 ? 0.2844 0.2720 0.2712 -0.0210 -0.0090 -0.0051 81  GLN A N   
550 C CA  . GLN A 101 ? 0.2810 0.2616 0.2743 -0.0215 -0.0102 -0.0045 81  GLN A CA  
551 C C   . GLN A 101 ? 0.2781 0.2589 0.2738 -0.0248 -0.0149 -0.0083 81  GLN A C   
552 O O   . GLN A 101 ? 0.2808 0.2681 0.2786 -0.0272 -0.0198 -0.0132 81  GLN A O   
553 C CB  . GLN A 101 ? 0.2757 0.2527 0.2730 -0.0241 -0.0097 -0.0046 81  GLN A CB  
554 C CG  . GLN A 101 ? 0.2891 0.2429 0.2826 -0.0208 -0.0118 -0.0087 81  GLN A CG  
555 C CD  . GLN A 101 ? 0.2799 0.2684 0.2805 0.0004  -0.0071 -0.0058 81  GLN A CD  
556 O OE1 . GLN A 101 ? 0.3710 0.3453 0.3419 -0.0116 -0.0160 -0.0093 81  GLN A OE1 
557 N NE2 . GLN A 101 ? 0.2948 0.2638 0.2840 0.0067  0.0007  -0.0107 81  GLN A NE2 
558 N N   . LEU A 102 ? 0.2764 0.2725 0.2864 -0.0272 -0.0163 -0.0150 82  LEU A N   
559 C CA  . LEU A 102 ? 0.2747 0.2865 0.2928 -0.0195 -0.0118 -0.0064 82  LEU A CA  
560 C C   . LEU A 102 ? 0.2773 0.2887 0.2972 -0.0135 -0.0077 -0.0021 82  LEU A C   
561 O O   . LEU A 102 ? 0.2772 0.2828 0.3115 -0.0229 -0.0116 -0.0043 82  LEU A O   
562 C CB  . LEU A 102 ? 0.2763 0.2967 0.2962 -0.0199 -0.0145 -0.0010 82  LEU A CB  
563 C CG  . LEU A 102 ? 0.3174 0.3343 0.3233 -0.0128 -0.0077 0.0044  82  LEU A CG  
564 C CD1 . LEU A 102 ? 0.3028 0.3049 0.3012 -0.0210 -0.0130 -0.0185 82  LEU A CD1 
565 C CD2 . LEU A 102 ? 0.3367 0.3017 0.3469 -0.0148 -0.0061 0.0201  82  LEU A CD2 
566 N N   . MET A 103 ? 0.2730 0.2932 0.2952 -0.0132 -0.0067 -0.0036 83  MET A N   
567 C CA  . MET A 103 ? 0.2869 0.2968 0.3087 -0.0106 -0.0066 -0.0022 83  MET A CA  
568 C C   . MET A 103 ? 0.2910 0.2996 0.3146 -0.0091 0.0025  -0.0020 83  MET A C   
569 O O   . MET A 103 ? 0.2934 0.3052 0.3079 -0.0185 0.0024  0.0022  83  MET A O   
570 C CB  . MET A 103 ? 0.2771 0.2813 0.2991 -0.0120 -0.0014 -0.0026 83  MET A CB  
571 C CG  . MET A 103 ? 0.2751 0.2936 0.2994 -0.0081 -0.0106 -0.0048 83  MET A CG  
572 S SD  . MET A 103 ? 0.3104 0.3343 0.3503 -0.0295 -0.0249 -0.0018 83  MET A SD  
573 C CE  . MET A 103 ? 0.2564 0.2454 0.2605 -0.0412 -0.0218 -0.0058 83  MET A CE  
574 N N   . ARG A 104 ? 0.3170 0.3220 0.3296 -0.0107 -0.0050 -0.0040 84  ARG A N   
575 C CA  . ARG A 104 ? 0.3473 0.3322 0.3426 -0.0059 -0.0020 -0.0016 84  ARG A CA  
576 C C   . ARG A 104 ? 0.3680 0.3475 0.3530 -0.0044 -0.0041 0.0001  84  ARG A C   
577 O O   . ARG A 104 ? 0.3836 0.3438 0.3585 -0.0010 -0.0047 0.0067  84  ARG A O   
578 C CB  . ARG A 104 ? 0.3526 0.3427 0.3477 -0.0095 -0.0021 -0.0005 84  ARG A CB  
579 C CG  . ARG A 104 ? 0.3663 0.3490 0.3572 -0.0121 0.0070  -0.0058 84  ARG A CG  
580 C CD  . ARG A 104 ? 0.3780 0.3618 0.3803 -0.0101 0.0056  -0.0023 84  ARG A CD  
581 N NE  . ARG A 104 ? 0.3362 0.3152 0.3177 0.0016  -0.0258 0.0021  84  ARG A NE  
582 C CZ  . ARG A 104 ? 0.3709 0.3625 0.3188 -0.0102 0.0047  -0.0201 84  ARG A CZ  
583 N NH1 . ARG A 104 ? 0.3163 0.3199 0.2675 -0.0343 0.0146  -0.0094 84  ARG A NH1 
584 N NH2 . ARG A 104 ? 0.2912 0.3156 0.2758 -0.0271 -0.0130 -0.0075 84  ARG A NH2 
585 N N   . LEU A 105 ? 0.3770 0.3606 0.3618 -0.0090 -0.0034 -0.0055 85  LEU A N   
586 C CA  . LEU A 105 ? 0.3796 0.3759 0.3778 -0.0058 -0.0056 0.0002  85  LEU A CA  
587 C C   . LEU A 105 ? 0.3960 0.3945 0.4048 -0.0051 -0.0066 0.0059  85  LEU A C   
588 O O   . LEU A 105 ? 0.4006 0.4006 0.4014 -0.0102 -0.0137 0.0106  85  LEU A O   
589 C CB  . LEU A 105 ? 0.3737 0.3820 0.3829 -0.0038 -0.0067 -0.0038 85  LEU A CB  
590 C CG  . LEU A 105 ? 0.3664 0.3689 0.3776 -0.0086 -0.0048 -0.0030 85  LEU A CG  
591 C CD1 . LEU A 105 ? 0.3329 0.3318 0.3396 -0.0080 -0.0014 -0.0001 85  LEU A CD1 
592 C CD2 . LEU A 105 ? 0.3683 0.3760 0.3816 -0.0092 -0.0047 0.0073  85  LEU A CD2 
593 N N   . ARG A 106 ? 0.4161 0.4208 0.4281 -0.0027 -0.0076 -0.0014 86  ARG A N   
594 C CA  . ARG A 106 ? 0.4447 0.4508 0.4591 0.0017  0.0012  -0.0024 86  ARG A CA  
595 C C   . ARG A 106 ? 0.4677 0.4701 0.4824 -0.0039 0.0023  -0.0053 86  ARG A C   
596 O O   . ARG A 106 ? 0.4649 0.4724 0.4933 -0.0079 0.0020  -0.0040 86  ARG A O   
597 C CB  . ARG A 106 ? 0.4421 0.4504 0.4600 0.0055  0.0074  -0.0004 86  ARG A CB  
598 C CG  . ARG A 106 ? 0.4576 0.4599 0.4659 0.0019  0.0057  -0.0015 86  ARG A CG  
599 C CD  . ARG A 106 ? 0.4821 0.4916 0.4876 0.0114  -0.0015 -0.0088 86  ARG A CD  
600 N NE  . ARG A 106 ? 0.4821 0.4769 0.4785 -0.0029 -0.0044 -0.0124 86  ARG A NE  
601 C CZ  . ARG A 106 ? 0.5174 0.5259 0.5019 0.0127  0.0089  -0.0181 86  ARG A CZ  
602 N NH1 . ARG A 106 ? 0.5123 0.5446 0.5104 0.0142  -0.0011 -0.0292 86  ARG A NH1 
603 N NH2 . ARG A 106 ? 0.5001 0.5379 0.4886 0.0048  0.0049  -0.0299 86  ARG A NH2 
604 N N   . ASN A 107 ? 0.4872 0.4993 0.5062 -0.0020 0.0065  -0.0068 87  ASN A N   
605 C CA  . ASN A 107 ? 0.5170 0.5172 0.5228 0.0006  -0.0008 -0.0033 87  ASN A CA  
606 C C   . ASN A 107 ? 0.5273 0.5299 0.5339 -0.0001 -0.0007 0.0009  87  ASN A C   
607 O O   . ASN A 107 ? 0.5361 0.5497 0.5619 0.0006  -0.0039 0.0064  87  ASN A O   
608 C CB  . ASN A 107 ? 0.5229 0.5243 0.5276 0.0020  -0.0014 -0.0082 87  ASN A CB  
609 C CG  . ASN A 107 ? 0.5387 0.5410 0.5209 0.0058  -0.0021 -0.0071 87  ASN A CG  
610 O OD1 . ASN A 107 ? 0.5683 0.6056 0.5438 0.0048  -0.0031 -0.0160 87  ASN A OD1 
611 N ND2 . ASN A 107 ? 0.5172 0.5035 0.4828 0.0033  -0.0036 -0.0217 87  ASN A ND2 
612 O O   . HOH B .   ? 0.1787 0.1402 0.2314 0.0077  -0.0045 -0.0060 94  HOH A O   
613 O O   . HOH B .   ? 0.1855 0.1860 0.2175 -0.0473 0.0097  0.0060  95  HOH A O   
614 O O   . HOH B .   ? 0.2308 0.2482 0.2800 0.0151  -0.0140 -0.0634 96  HOH A O   
615 O O   . HOH B .   ? 0.2210 0.2006 0.2527 0.0393  -0.0220 0.0002  97  HOH A O   
616 O O   . HOH B .   ? 0.2183 0.2144 0.1948 -0.0165 0.0371  -0.0140 98  HOH A O   
617 O O   . HOH B .   ? 0.4083 0.3349 0.3204 0.0071  -0.0196 -0.0126 99  HOH A O   
618 O O   . HOH B .   ? 0.3268 0.2401 0.3305 0.0328  -0.0096 -0.0363 100 HOH A O   
619 O O   . HOH B .   ? 0.2576 0.3368 0.2626 -0.0432 -0.0450 -0.0357 101 HOH A O   
620 O O   . HOH B .   ? 0.2676 0.3065 0.2706 0.0070  0.0361  0.0275  102 HOH A O   
621 O O   . HOH B .   ? 0.3173 0.3260 0.3238 -0.0494 0.0143  0.0131  103 HOH A O   
622 O O   . HOH B .   ? 0.3923 0.3660 0.2516 -0.0594 -0.0442 -0.0267 104 HOH A O   
623 O O   . HOH B .   ? 0.3305 0.3323 0.3903 0.0020  0.0207  0.0024  105 HOH A O   
624 O O   . HOH B .   ? 0.3140 0.3641 0.3039 0.0077  -0.0233 -0.0142 106 HOH A O   
625 O O   . HOH B .   ? 0.3065 0.3335 0.4284 -0.0189 -0.0012 0.0177  107 HOH A O   
626 O O   . HOH B .   ? 0.3352 0.4276 0.3830 0.0293  -0.0156 0.0108  108 HOH A O   
627 O O   . HOH B .   ? 0.3437 0.3758 0.4647 0.0146  -0.0277 0.0067  109 HOH A O   
628 O O   . HOH B .   ? 0.3718 0.2426 0.2871 -0.0161 0.0055  -0.0232 110 HOH A O   
629 O O   . HOH B .   ? 0.3862 0.3868 0.2885 0.0277  -0.0137 0.0040  111 HOH A O   
630 O O   . HOH B .   ? 0.3012 0.2868 0.3921 0.0072  0.0017  -0.0305 112 HOH A O   
631 O O   . HOH B .   ? 0.3128 0.3405 0.3053 -0.0244 -0.0249 -0.0253 113 HOH A O   
632 O O   . HOH B .   ? 0.4187 0.3567 0.3901 -0.0427 0.0170  0.0183  114 HOH A O   
633 O O   . HOH B .   ? 0.4181 0.4365 0.3825 -0.0302 0.0015  0.0153  115 HOH A O   
634 O O   . HOH B .   ? 0.4486 0.4338 0.4226 0.0061  -0.0139 -0.0107 116 HOH A O   
635 O O   . HOH B .   ? 0.4467 0.4787 0.4463 0.0243  -0.0279 -0.0257 117 HOH A O   
636 O O   . HOH B .   ? 0.3605 0.3679 0.4170 0.0075  0.0295  0.0067  118 HOH A O   
637 O O   . HOH B .   ? 0.6477 0.5980 0.5538 0.0367  -0.0155 -0.0135 119 HOH A O   
638 O O   . HOH B .   ? 0.3575 0.2995 0.3270 -0.0042 -0.0234 -0.0548 120 HOH A O   
639 O O   . HOH B .   ? 0.3329 0.3413 0.3558 0.0311  -0.0057 -0.0682 121 HOH A O   
640 O O   . HOH B .   ? 0.4343 0.4227 0.3936 0.0003  -0.0101 -0.0121 122 HOH A O   
641 O O   . HOH B .   ? 0.4160 0.4612 0.4575 0.0050  0.0042  0.0061  123 HOH A O   
642 O O   . HOH B .   ? 0.5078 0.4753 0.4935 -0.0342 -0.0316 0.0134  124 HOH A O   
643 O O   . HOH B .   ? 0.4502 0.4928 0.3875 -0.0138 -0.0006 -0.0391 125 HOH A O   
644 O O   . HOH B .   ? 0.4327 0.4074 0.4593 0.0224  0.0105  0.0077  126 HOH A O   
645 O O   . HOH B .   ? 0.4364 0.4419 0.3352 -0.0128 0.0047  -0.0117 127 HOH A O   
646 O O   . HOH B .   ? 0.5389 0.5800 0.4851 -0.0027 -0.0158 0.0145  128 HOH A O   
647 O O   . HOH B .   ? 0.5097 0.5100 0.4396 -0.0109 -0.0248 -0.0217 129 HOH A O   
648 O O   . HOH B .   ? 0.5135 0.5512 0.5256 0.0134  0.0567  -0.0325 130 HOH A O   
649 O O   . HOH B .   ? 0.4933 0.4009 0.5093 -0.0243 0.0208  0.0004  131 HOH A O   
650 O O   . HOH B .   ? 0.5297 0.4856 0.5240 -0.0430 0.0059  0.0088  132 HOH A O   
651 O O   . HOH B .   ? 0.5110 0.5392 0.5125 0.0090  -0.0513 0.0008  133 HOH A O   
652 O O   . HOH B .   ? 0.4004 0.4411 0.3514 -0.0011 0.0084  -0.0084 134 HOH A O   
653 O O   . HOH B .   ? 0.3339 0.3737 0.3312 0.0106  -0.0770 -0.0314 135 HOH A O   
654 O O   . HOH B .   ? 0.4782 0.4543 0.4624 -0.0062 -0.0188 -0.0324 136 HOH A O   
655 O O   . HOH B .   ? 0.4878 0.4821 0.4492 0.0178  -0.0136 0.0108  137 HOH A O   
656 O O   . HOH B .   ? 0.5333 0.5292 0.5088 0.0284  -0.0325 0.0129  138 HOH A O   
657 O O   . HOH B .   ? 0.4409 0.4322 0.4219 -0.0139 -0.0183 0.0035  139 HOH A O   
658 O O   . HOH B .   ? 0.3802 0.4259 0.3873 0.0151  0.0005  -0.0052 140 HOH A O   
659 O O   . HOH B .   ? 0.5095 0.5122 0.4934 -0.0347 -0.0158 -0.0126 141 HOH A O   
660 O O   . HOH B .   ? 0.4857 0.4717 0.4974 0.0116  -0.0115 0.0028  142 HOH A O   
661 O O   . HOH B .   ? 0.6064 0.6044 0.5854 -0.0245 0.0230  0.0347  143 HOH A O   
662 O O   . HOH B .   ? 0.5543 0.4614 0.4438 -0.0030 -0.0246 -0.0003 144 HOH A O   
663 O O   . HOH B .   ? 0.4298 0.4549 0.4661 -0.0116 0.0060  0.0069  145 HOH A O   
664 O O   . HOH B .   ? 0.6216 0.5806 0.6089 -0.0236 0.0016  -0.0031 146 HOH A O   
665 O O   . HOH B .   ? 0.4378 0.4174 0.4531 -0.0065 0.0246  0.0123  147 HOH A O   
666 O O   . HOH B .   ? 0.5335 0.5260 0.5099 0.0213  -0.0307 0.0137  148 HOH A O   
667 O O   . HOH B .   ? 0.5545 0.5758 0.5788 0.0077  0.0069  -0.0041 149 HOH A O   
668 O O   . HOH B .   ? 0.4769 0.4225 0.4632 -0.0129 0.0101  0.0331  150 HOH A O   
669 O O   . HOH B .   ? 0.5949 0.5396 0.5993 -0.0224 -0.0033 0.0228  151 HOH A O   
670 O O   . HOH B .   ? 0.5294 0.5844 0.5862 0.0072  0.0146  -0.0215 152 HOH A O   
# 
